data_8QTF
#
_entry.id   8QTF
#
_cell.length_a   71.641
_cell.length_b   71.917
_cell.length_c   151.662
_cell.angle_alpha   100.250
_cell.angle_beta   94.840
_cell.angle_gamma   89.230
#
_symmetry.space_group_name_H-M   'P 1'
#
loop_
_entity.id
_entity.type
_entity.pdbx_description
1 polymer '14-3-3-like protein GF14 omega'
2 polymer 'Protein BRASSINAZOLE-RESISTANT 1'
3 non-polymer 'FORMIC ACID'
4 non-polymer 1,2-ETHANEDIOL
5 non-polymer 'SODIUM ION'
6 non-polymer (4S)-2-METHYL-2,4-PENTANEDIOL
7 non-polymer 'CHLORIDE ION'
8 non-polymer 'ACETATE ION'
9 water water
#
loop_
_entity_poly.entity_id
_entity_poly.type
_entity_poly.pdbx_seq_one_letter_code
_entity_poly.pdbx_strand_id
1 'polypeptide(L)'
;GAMASGREEFVYMAKLAEQAERYEEMVEFMEKVSAAVDGDELTVEERNLLSVAYKNVIGARRASWRIISSIEQKEESRGN
DDHVTAIREYRSKIETELSGICDGILKLLDSRLIPAAASGDSKVFYLKMKGDYHRYLAEFKTGQERKDAAEHTLAAYKSA
QDIANAELAPTHPIRLGLALNFSVFYYEILNSPDRACNLAKQAFDEAIAELDTLGEESYKDSTLIMQLLRDNLTLWTSDM
QD
;
A,B,C,D,E,F,G,H,I,J
2 'polypeptide(L)' RISN(SEP)AP K,L,M,N,O,P,Q,R,S,T
#
# COMPACT_ATOMS: atom_id res chain seq x y z
N GLY A 6 -28.68 -45.84 -24.93
CA GLY A 6 -29.14 -45.25 -23.69
C GLY A 6 -28.66 -43.82 -23.54
N ARG A 7 -27.34 -43.66 -23.40
CA ARG A 7 -26.77 -42.33 -23.25
C ARG A 7 -27.29 -41.39 -24.33
N GLU A 8 -27.15 -41.77 -25.60
CA GLU A 8 -27.49 -40.86 -26.69
C GLU A 8 -28.99 -40.66 -26.81
N GLU A 9 -29.78 -41.71 -26.55
CA GLU A 9 -31.23 -41.58 -26.56
C GLU A 9 -31.68 -40.51 -25.58
N PHE A 10 -31.18 -40.56 -24.35
CA PHE A 10 -31.66 -39.63 -23.33
C PHE A 10 -31.08 -38.24 -23.51
N VAL A 11 -29.88 -38.12 -24.07
CA VAL A 11 -29.39 -36.80 -24.48
C VAL A 11 -30.38 -36.17 -25.47
N TYR A 12 -30.81 -36.94 -26.45
CA TYR A 12 -31.75 -36.40 -27.44
C TYR A 12 -33.08 -36.03 -26.80
N MET A 13 -33.62 -36.92 -25.97
CA MET A 13 -34.83 -36.58 -25.23
C MET A 13 -34.65 -35.29 -24.42
N ALA A 14 -33.46 -35.11 -23.83
CA ALA A 14 -33.23 -33.89 -23.05
C ALA A 14 -33.28 -32.65 -23.94
N LYS A 15 -32.74 -32.76 -25.14
CA LYS A 15 -32.78 -31.63 -26.06
C LYS A 15 -34.21 -31.33 -26.47
N LEU A 16 -35.04 -32.35 -26.65
CA LEU A 16 -36.44 -32.12 -26.98
C LEU A 16 -37.16 -31.42 -25.82
N ALA A 17 -36.87 -31.84 -24.60
CA ALA A 17 -37.54 -31.22 -23.45
C ALA A 17 -37.15 -29.76 -23.32
N GLU A 18 -35.91 -29.43 -23.64
CA GLU A 18 -35.47 -28.04 -23.61
C GLU A 18 -36.25 -27.21 -24.63
N GLN A 19 -36.30 -27.67 -25.88
CA GLN A 19 -37.11 -27.00 -26.89
C GLN A 19 -38.53 -26.78 -26.40
N ALA A 20 -39.12 -27.82 -25.80
CA ALA A 20 -40.48 -27.76 -25.29
C ALA A 20 -40.61 -26.97 -24.00
N GLU A 21 -39.49 -26.55 -23.42
CA GLU A 21 -39.50 -25.85 -22.13
C GLU A 21 -40.21 -26.65 -21.06
N ARG A 22 -40.01 -27.96 -21.08
CA ARG A 22 -40.48 -28.87 -20.03
C ARG A 22 -39.27 -29.31 -19.20
N TYR A 23 -38.82 -28.41 -18.33
CA TYR A 23 -37.50 -28.56 -17.72
C TYR A 23 -37.44 -29.61 -16.63
N GLU A 24 -38.56 -29.88 -15.95
CA GLU A 24 -38.57 -31.00 -15.01
C GLU A 24 -38.28 -32.31 -15.74
N GLU A 25 -38.82 -32.47 -16.95
CA GLU A 25 -38.54 -33.67 -17.74
C GLU A 25 -37.11 -33.64 -18.25
N MET A 26 -36.60 -32.45 -18.55
CA MET A 26 -35.21 -32.34 -18.98
C MET A 26 -34.23 -32.80 -17.89
N VAL A 27 -34.54 -32.51 -16.62
CA VAL A 27 -33.71 -32.98 -15.50
C VAL A 27 -33.73 -34.50 -15.41
N GLU A 28 -34.93 -35.09 -15.50
CA GLU A 28 -35.05 -36.54 -15.47
C GLU A 28 -34.22 -37.18 -16.58
N PHE A 29 -34.33 -36.65 -17.79
CA PHE A 29 -33.57 -37.24 -18.90
C PHE A 29 -32.07 -37.14 -18.64
N MET A 30 -31.60 -35.99 -18.14
CA MET A 30 -30.17 -35.82 -17.91
C MET A 30 -29.68 -36.59 -16.69
N GLU A 31 -30.53 -36.78 -15.69
CA GLU A 31 -30.19 -37.70 -14.60
C GLU A 31 -29.98 -39.11 -15.13
N LYS A 32 -30.77 -39.51 -16.15
CA LYS A 32 -30.57 -40.82 -16.75
C LYS A 32 -29.31 -40.87 -17.59
N VAL A 33 -28.95 -39.76 -18.25
CA VAL A 33 -27.70 -39.72 -18.97
C VAL A 33 -26.53 -39.94 -17.99
N SER A 34 -26.54 -39.19 -16.88
CA SER A 34 -25.42 -39.28 -15.93
C SER A 34 -25.29 -40.67 -15.34
N ALA A 35 -26.41 -41.34 -15.06
CA ALA A 35 -26.37 -42.71 -14.56
C ALA A 35 -25.82 -43.67 -15.61
N ALA A 36 -26.08 -43.40 -16.88
CA ALA A 36 -25.56 -44.25 -17.94
C ALA A 36 -24.05 -44.08 -18.16
N VAL A 37 -23.45 -43.06 -17.58
CA VAL A 37 -22.03 -42.75 -17.76
C VAL A 37 -21.37 -43.07 -16.43
N ASP A 38 -20.81 -44.28 -16.31
CA ASP A 38 -20.21 -44.74 -15.06
C ASP A 38 -18.71 -44.53 -15.12
N GLY A 39 -18.22 -43.59 -14.31
CA GLY A 39 -16.81 -43.27 -14.22
C GLY A 39 -16.37 -42.22 -15.21
N ASP A 40 -16.84 -42.31 -16.44
CA ASP A 40 -16.46 -41.36 -17.48
C ASP A 40 -17.06 -39.99 -17.14
N GLU A 41 -16.44 -38.96 -17.70
CA GLU A 41 -16.99 -37.63 -17.56
C GLU A 41 -18.11 -37.42 -18.56
N LEU A 42 -19.11 -36.64 -18.14
CA LEU A 42 -20.05 -36.10 -19.11
C LEU A 42 -19.27 -35.27 -20.13
N THR A 43 -19.73 -35.31 -21.38
CA THR A 43 -19.19 -34.40 -22.37
C THR A 43 -19.59 -32.96 -22.01
N VAL A 44 -18.92 -32.00 -22.64
CA VAL A 44 -19.30 -30.60 -22.45
C VAL A 44 -20.77 -30.39 -22.82
N GLU A 45 -21.19 -30.95 -23.95
CA GLU A 45 -22.59 -30.81 -24.34
C GLU A 45 -23.51 -31.36 -23.25
N GLU A 46 -23.22 -32.56 -22.75
CA GLU A 46 -24.06 -33.16 -21.73
C GLU A 46 -23.98 -32.37 -20.43
N ARG A 47 -22.80 -31.87 -20.11
CA ARG A 47 -22.64 -31.08 -18.90
CA ARG A 47 -22.62 -31.06 -18.91
C ARG A 47 -23.50 -29.83 -18.95
N ASN A 48 -23.54 -29.14 -20.09
CA ASN A 48 -24.31 -27.91 -20.19
C ASN A 48 -25.81 -28.18 -20.20
N LEU A 49 -26.25 -29.26 -20.86
CA LEU A 49 -27.65 -29.63 -20.76
C LEU A 49 -28.06 -29.91 -19.33
N LEU A 50 -27.21 -30.61 -18.56
CA LEU A 50 -27.50 -30.86 -17.16
C LEU A 50 -27.69 -29.55 -16.42
N SER A 51 -26.78 -28.58 -16.63
CA SER A 51 -26.85 -27.32 -15.88
C SER A 51 -28.06 -26.49 -16.26
N VAL A 52 -28.36 -26.39 -17.55
CA VAL A 52 -29.55 -25.65 -17.99
C VAL A 52 -30.80 -26.25 -17.37
N ALA A 53 -30.89 -27.58 -17.36
CA ALA A 53 -32.06 -28.24 -16.82
C ALA A 53 -32.30 -27.84 -15.37
N TYR A 54 -31.31 -28.06 -14.51
CA TYR A 54 -31.47 -27.72 -13.10
C TYR A 54 -31.59 -26.22 -12.90
N LYS A 55 -30.84 -25.43 -13.67
CA LYS A 55 -30.93 -23.98 -13.55
C LYS A 55 -32.36 -23.49 -13.78
N ASN A 56 -33.04 -24.04 -14.78
CA ASN A 56 -34.38 -23.58 -15.09
C ASN A 56 -35.37 -24.12 -14.07
N VAL A 57 -35.19 -25.36 -13.62
CA VAL A 57 -36.10 -25.93 -12.63
C VAL A 57 -36.00 -25.19 -11.30
N ILE A 58 -34.77 -24.93 -10.84
CA ILE A 58 -34.63 -24.19 -9.58
C ILE A 58 -34.97 -22.72 -9.80
N GLY A 59 -34.61 -22.17 -10.96
CA GLY A 59 -34.88 -20.77 -11.22
C GLY A 59 -36.35 -20.39 -11.07
N ALA A 60 -37.24 -21.29 -11.46
CA ALA A 60 -38.66 -20.96 -11.41
C ALA A 60 -39.20 -20.98 -9.98
N ARG A 61 -38.71 -21.92 -9.16
CA ARG A 61 -39.10 -21.92 -7.76
C ARG A 61 -38.48 -20.76 -7.00
N ARG A 62 -37.25 -20.37 -7.37
CA ARG A 62 -36.66 -19.19 -6.76
C ARG A 62 -37.52 -17.97 -7.02
N ALA A 63 -37.93 -17.78 -8.27
CA ALA A 63 -38.84 -16.69 -8.61
C ALA A 63 -40.13 -16.77 -7.80
N SER A 64 -40.74 -17.96 -7.75
CA SER A 64 -41.99 -18.07 -7.02
C SER A 64 -41.80 -17.76 -5.55
N TRP A 65 -40.68 -18.21 -4.99
CA TRP A 65 -40.42 -18.01 -3.57
C TRP A 65 -40.30 -16.54 -3.24
N ARG A 66 -39.58 -15.79 -4.07
CA ARG A 66 -39.40 -14.36 -3.81
C ARG A 66 -40.73 -13.62 -3.85
N ILE A 67 -41.58 -13.94 -4.84
CA ILE A 67 -42.87 -13.28 -4.95
C ILE A 67 -43.73 -13.60 -3.73
N ILE A 68 -43.82 -14.89 -3.38
CA ILE A 68 -44.65 -15.32 -2.26
C ILE A 68 -44.14 -14.72 -0.95
N SER A 69 -42.81 -14.59 -0.80
CA SER A 69 -42.28 -13.99 0.41
C SER A 69 -42.66 -12.52 0.53
N SER A 70 -42.60 -11.77 -0.57
CA SER A 70 -43.07 -10.39 -0.55
C SER A 70 -44.54 -10.31 -0.17
N ILE A 71 -45.35 -11.20 -0.74
CA ILE A 71 -46.77 -11.19 -0.40
C ILE A 71 -46.95 -11.49 1.08
N GLU A 72 -46.17 -12.44 1.62
CA GLU A 72 -46.33 -12.80 3.02
C GLU A 72 -46.12 -11.58 3.92
N GLN A 73 -45.10 -10.78 3.62
CA GLN A 73 -44.80 -9.61 4.45
C GLN A 73 -45.92 -8.58 4.37
N LYS A 74 -46.48 -8.38 3.17
CA LYS A 74 -47.53 -7.38 3.00
C LYS A 74 -48.77 -7.77 3.80
N GLU A 75 -49.23 -9.03 3.67
CA GLU A 75 -50.42 -9.44 4.38
C GLU A 75 -50.21 -9.39 5.89
N GLU A 76 -48.95 -9.55 6.33
CA GLU A 76 -48.65 -9.37 7.74
C GLU A 76 -48.78 -7.90 8.15
N SER A 77 -48.31 -6.99 7.29
CA SER A 77 -48.45 -5.56 7.57
C SER A 77 -49.91 -5.14 7.64
N ARG A 78 -50.82 -5.94 7.07
CA ARG A 78 -52.24 -5.65 7.06
C ARG A 78 -53.01 -6.34 8.17
N GLY A 79 -52.34 -7.11 9.02
CA GLY A 79 -53.01 -7.85 10.07
C GLY A 79 -53.89 -9.00 9.59
N ASN A 80 -53.72 -9.43 8.34
CA ASN A 80 -54.48 -10.54 7.80
C ASN A 80 -53.78 -11.85 8.17
N ASP A 81 -53.89 -12.20 9.46
CA ASP A 81 -53.20 -13.39 9.95
C ASP A 81 -53.71 -14.65 9.26
N ASP A 82 -54.99 -14.71 8.92
CA ASP A 82 -55.50 -15.85 8.16
C ASP A 82 -54.77 -15.98 6.82
N HIS A 83 -54.62 -14.87 6.10
CA HIS A 83 -53.88 -14.90 4.85
C HIS A 83 -52.43 -15.29 5.09
N VAL A 84 -51.81 -14.75 6.14
CA VAL A 84 -50.41 -15.05 6.44
C VAL A 84 -50.22 -16.54 6.64
N THR A 85 -51.11 -17.17 7.41
CA THR A 85 -51.02 -18.61 7.62
C THR A 85 -51.08 -19.34 6.29
N ALA A 86 -52.09 -19.01 5.47
CA ALA A 86 -52.20 -19.65 4.17
C ALA A 86 -50.93 -19.45 3.34
N ILE A 87 -50.39 -18.23 3.34
CA ILE A 87 -49.19 -17.97 2.55
C ILE A 87 -48.01 -18.78 3.07
N ARG A 88 -47.85 -18.85 4.40
CA ARG A 88 -46.75 -19.62 4.97
C ARG A 88 -46.83 -21.09 4.58
N GLU A 89 -48.03 -21.67 4.61
CA GLU A 89 -48.18 -23.04 4.14
C GLU A 89 -47.76 -23.15 2.68
N TYR A 90 -48.09 -22.15 1.87
CA TYR A 90 -47.72 -22.20 0.46
C TYR A 90 -46.23 -22.01 0.27
N ARG A 91 -45.65 -21.02 0.94
CA ARG A 91 -44.20 -20.84 0.86
C ARG A 91 -43.46 -22.09 1.35
N SER A 92 -44.01 -22.76 2.36
CA SER A 92 -43.39 -24.01 2.82
C SER A 92 -43.39 -25.05 1.73
N LYS A 93 -44.46 -25.13 0.94
CA LYS A 93 -44.50 -26.12 -0.14
C LYS A 93 -43.42 -25.84 -1.17
N ILE A 94 -43.22 -24.56 -1.49
CA ILE A 94 -42.20 -24.19 -2.46
C ILE A 94 -40.81 -24.51 -1.92
N GLU A 95 -40.57 -24.24 -0.64
CA GLU A 95 -39.27 -24.54 -0.03
C GLU A 95 -38.98 -26.03 -0.06
N THR A 96 -40.01 -26.86 0.12
CA THR A 96 -39.83 -28.30 -0.01
C THR A 96 -39.34 -28.68 -1.41
N GLU A 97 -39.96 -28.10 -2.44
CA GLU A 97 -39.51 -28.35 -3.80
C GLU A 97 -38.10 -27.80 -4.01
N LEU A 98 -37.85 -26.57 -3.55
CA LEU A 98 -36.50 -26.02 -3.59
C LEU A 98 -35.51 -26.99 -2.95
N SER A 99 -35.84 -27.49 -1.76
CA SER A 99 -34.93 -28.38 -1.05
C SER A 99 -34.70 -29.67 -1.83
N GLY A 100 -35.76 -30.20 -2.43
CA GLY A 100 -35.63 -31.47 -3.15
C GLY A 100 -34.88 -31.34 -4.46
N ILE A 101 -34.96 -30.17 -5.10
CA ILE A 101 -34.24 -29.97 -6.35
C ILE A 101 -32.75 -29.84 -6.07
N CYS A 102 -32.40 -29.03 -5.09
CA CYS A 102 -31.01 -28.91 -4.67
C CYS A 102 -30.43 -30.25 -4.25
N ASP A 103 -31.20 -31.06 -3.53
CA ASP A 103 -30.72 -32.37 -3.08
C ASP A 103 -30.39 -33.26 -4.27
N GLY A 104 -31.17 -33.18 -5.35
CA GLY A 104 -30.93 -34.07 -6.47
C GLY A 104 -29.60 -33.79 -7.16
N ILE A 105 -29.33 -32.51 -7.46
CA ILE A 105 -28.08 -32.18 -8.14
C ILE A 105 -26.89 -32.29 -7.20
N LEU A 106 -27.07 -32.01 -5.91
CA LEU A 106 -25.95 -32.12 -4.97
C LEU A 106 -25.55 -33.58 -4.75
N LYS A 107 -26.52 -34.49 -4.64
CA LYS A 107 -26.17 -35.90 -4.58
C LYS A 107 -25.43 -36.35 -5.83
N LEU A 108 -25.94 -35.95 -7.00
CA LEU A 108 -25.29 -36.33 -8.25
C LEU A 108 -23.88 -35.78 -8.33
N LEU A 109 -23.68 -34.55 -7.86
CA LEU A 109 -22.35 -33.95 -7.88
C LEU A 109 -21.40 -34.68 -6.94
N ASP A 110 -21.88 -35.04 -5.76
CA ASP A 110 -21.02 -35.65 -4.76
C ASP A 110 -20.68 -37.09 -5.07
N SER A 111 -21.62 -37.84 -5.66
CA SER A 111 -21.39 -39.26 -5.86
C SER A 111 -20.83 -39.59 -7.24
N ARG A 112 -21.05 -38.76 -8.25
CA ARG A 112 -20.63 -39.10 -9.60
C ARG A 112 -19.77 -38.03 -10.29
N LEU A 113 -20.28 -36.80 -10.38
CA LEU A 113 -19.64 -35.81 -11.25
C LEU A 113 -18.32 -35.31 -10.67
N ILE A 114 -18.31 -34.89 -9.42
CA ILE A 114 -17.05 -34.42 -8.80
C ILE A 114 -16.02 -35.53 -8.78
N PRO A 115 -16.30 -36.75 -8.30
CA PRO A 115 -15.28 -37.81 -8.33
C PRO A 115 -14.77 -38.09 -9.74
N ALA A 116 -15.64 -38.00 -10.75
CA ALA A 116 -15.26 -38.39 -12.10
C ALA A 116 -14.48 -37.29 -12.82
N ALA A 117 -14.62 -36.04 -12.39
CA ALA A 117 -13.91 -34.94 -13.05
C ALA A 117 -12.41 -35.24 -13.11
N ALA A 118 -11.85 -35.13 -14.31
CA ALA A 118 -10.47 -35.51 -14.56
C ALA A 118 -9.59 -34.36 -14.98
N SER A 119 -10.13 -33.15 -15.13
CA SER A 119 -9.35 -32.00 -15.54
C SER A 119 -9.81 -30.79 -14.73
N GLY A 120 -8.93 -29.78 -14.68
CA GLY A 120 -9.27 -28.58 -13.93
C GLY A 120 -10.53 -27.94 -14.47
N ASP A 121 -10.72 -27.98 -15.78
CA ASP A 121 -11.94 -27.48 -16.42
C ASP A 121 -13.18 -27.97 -15.72
N SER A 122 -13.37 -29.30 -15.69
CA SER A 122 -14.57 -29.87 -15.11
C SER A 122 -14.55 -29.88 -13.59
N LYS A 123 -13.37 -29.88 -12.97
CA LYS A 123 -13.31 -29.79 -11.52
C LYS A 123 -13.90 -28.47 -11.03
N VAL A 124 -13.47 -27.37 -11.65
CA VAL A 124 -14.00 -26.06 -11.25
C VAL A 124 -15.49 -25.99 -11.55
N PHE A 125 -15.91 -26.57 -12.67
CA PHE A 125 -17.30 -26.48 -13.08
C PHE A 125 -18.22 -27.13 -12.06
N TYR A 126 -17.91 -28.35 -11.64
CA TYR A 126 -18.79 -29.09 -10.73
C TYR A 126 -18.68 -28.58 -9.30
N LEU A 127 -17.48 -28.16 -8.89
CA LEU A 127 -17.35 -27.55 -7.56
C LEU A 127 -18.12 -26.22 -7.51
N LYS A 128 -17.95 -25.39 -8.53
CA LYS A 128 -18.76 -24.18 -8.62
C LYS A 128 -20.25 -24.54 -8.52
N MET A 129 -20.67 -25.57 -9.25
CA MET A 129 -22.08 -25.93 -9.25
C MET A 129 -22.52 -26.42 -7.87
N LYS A 130 -21.67 -27.19 -7.19
CA LYS A 130 -21.97 -27.57 -5.81
C LYS A 130 -22.21 -26.33 -4.96
N GLY A 131 -21.31 -25.36 -5.05
CA GLY A 131 -21.51 -24.13 -4.28
C GLY A 131 -22.78 -23.40 -4.66
N ASP A 132 -23.07 -23.34 -5.95
CA ASP A 132 -24.30 -22.69 -6.41
C ASP A 132 -25.53 -23.23 -5.70
N TYR A 133 -25.67 -24.56 -5.65
CA TYR A 133 -26.91 -25.13 -5.14
C TYR A 133 -26.96 -25.12 -3.62
N HIS A 134 -25.82 -25.20 -2.94
CA HIS A 134 -25.84 -24.88 -1.52
C HIS A 134 -26.23 -23.42 -1.31
N ARG A 135 -25.77 -22.53 -2.21
CA ARG A 135 -26.13 -21.13 -2.08
C ARG A 135 -27.62 -20.90 -2.25
N TYR A 136 -28.25 -21.62 -3.21
CA TYR A 136 -29.70 -21.52 -3.35
C TYR A 136 -30.41 -22.03 -2.11
N LEU A 137 -29.81 -23.00 -1.39
CA LEU A 137 -30.35 -23.39 -0.09
C LEU A 137 -30.26 -22.23 0.89
N ALA A 138 -29.12 -21.54 0.91
CA ALA A 138 -28.91 -20.46 1.87
C ALA A 138 -29.81 -19.27 1.61
N GLU A 139 -30.36 -19.14 0.39
CA GLU A 139 -31.27 -18.04 0.10
C GLU A 139 -32.55 -18.12 0.93
N PHE A 140 -33.04 -19.34 1.21
CA PHE A 140 -34.27 -19.46 1.97
C PHE A 140 -34.18 -20.23 3.29
N LYS A 141 -33.17 -21.08 3.47
CA LYS A 141 -33.08 -21.82 4.73
C LYS A 141 -32.86 -20.86 5.90
N THR A 142 -33.16 -21.35 7.10
CA THR A 142 -32.93 -20.59 8.32
C THR A 142 -32.13 -21.46 9.30
N GLY A 143 -31.78 -20.86 10.45
CA GLY A 143 -31.13 -21.59 11.51
C GLY A 143 -29.96 -22.42 11.03
N GLN A 144 -29.84 -23.63 11.58
CA GLN A 144 -28.67 -24.46 11.32
C GLN A 144 -28.60 -24.88 9.86
N GLU A 145 -29.75 -25.14 9.22
CA GLU A 145 -29.72 -25.50 7.80
C GLU A 145 -29.10 -24.38 6.96
N ARG A 146 -29.41 -23.12 7.28
CA ARG A 146 -28.79 -22.03 6.55
C ARG A 146 -27.29 -21.96 6.84
N LYS A 147 -26.90 -22.06 8.11
CA LYS A 147 -25.49 -22.07 8.47
C LYS A 147 -24.75 -23.19 7.74
N ASP A 148 -25.32 -24.39 7.72
CA ASP A 148 -24.71 -25.49 7.01
C ASP A 148 -24.57 -25.15 5.53
N ALA A 149 -25.60 -24.56 4.92
CA ALA A 149 -25.52 -24.26 3.49
C ALA A 149 -24.38 -23.28 3.21
N ALA A 150 -24.32 -22.19 3.99
CA ALA A 150 -23.30 -21.19 3.76
C ALA A 150 -21.90 -21.78 3.94
N GLU A 151 -21.72 -22.67 4.94
CA GLU A 151 -20.42 -23.30 5.17
C GLU A 151 -20.01 -24.19 4.00
N HIS A 152 -20.96 -24.91 3.42
CA HIS A 152 -20.64 -25.75 2.28
C HIS A 152 -20.40 -24.94 1.01
N THR A 153 -21.12 -23.82 0.86
CA THR A 153 -20.89 -22.97 -0.31
C THR A 153 -19.48 -22.39 -0.28
N LEU A 154 -19.09 -21.78 0.84
CA LEU A 154 -17.75 -21.21 0.94
C LEU A 154 -16.68 -22.26 0.66
N ALA A 155 -16.87 -23.48 1.17
CA ALA A 155 -15.85 -24.52 0.99
C ALA A 155 -15.81 -25.00 -0.46
N ALA A 156 -16.98 -25.17 -1.09
CA ALA A 156 -17.00 -25.53 -2.50
C ALA A 156 -16.34 -24.46 -3.35
N TYR A 157 -16.76 -23.20 -3.17
CA TYR A 157 -16.22 -22.11 -3.99
C TYR A 157 -14.72 -21.92 -3.76
N LYS A 158 -14.27 -22.04 -2.50
CA LYS A 158 -12.85 -21.89 -2.23
C LYS A 158 -12.05 -22.96 -2.97
N SER A 159 -12.47 -24.22 -2.84
CA SER A 159 -11.76 -25.29 -3.54
C SER A 159 -11.75 -25.02 -5.03
N ALA A 160 -12.91 -24.63 -5.58
CA ALA A 160 -12.98 -24.30 -7.01
C ALA A 160 -12.00 -23.19 -7.35
N GLN A 161 -12.00 -22.12 -6.57
CA GLN A 161 -11.12 -21.00 -6.87
C GLN A 161 -9.65 -21.39 -6.86
N ASP A 162 -9.25 -22.27 -5.93
CA ASP A 162 -7.86 -22.69 -5.87
C ASP A 162 -7.45 -23.41 -7.15
N ILE A 163 -8.24 -24.39 -7.57
CA ILE A 163 -7.95 -25.08 -8.82
C ILE A 163 -7.99 -24.12 -10.00
N ALA A 164 -8.94 -23.17 -9.97
CA ALA A 164 -9.13 -22.28 -11.12
C ALA A 164 -7.98 -21.30 -11.27
N ASN A 165 -7.52 -20.71 -10.17
CA ASN A 165 -6.38 -19.80 -10.24
C ASN A 165 -5.14 -20.48 -10.79
N ALA A 166 -5.02 -21.78 -10.55
CA ALA A 166 -3.79 -22.49 -10.87
C ALA A 166 -3.80 -23.13 -12.25
N GLU A 167 -4.99 -23.33 -12.85
CA GLU A 167 -5.05 -24.14 -14.05
C GLU A 167 -6.00 -23.64 -15.13
N LEU A 168 -6.64 -22.48 -14.95
CA LEU A 168 -7.55 -21.92 -15.93
C LEU A 168 -7.18 -20.47 -16.22
N ALA A 169 -7.16 -20.11 -17.49
CA ALA A 169 -6.86 -18.73 -17.87
C ALA A 169 -7.80 -17.78 -17.14
N PRO A 170 -7.33 -16.58 -16.79
CA PRO A 170 -8.23 -15.61 -16.14
C PRO A 170 -9.46 -15.29 -16.94
N THR A 171 -9.43 -15.49 -18.26
CA THR A 171 -10.56 -15.19 -19.12
C THR A 171 -11.48 -16.39 -19.33
N HIS A 172 -11.18 -17.53 -18.71
CA HIS A 172 -12.00 -18.73 -18.91
C HIS A 172 -13.39 -18.51 -18.35
N PRO A 173 -14.45 -18.66 -19.15
CA PRO A 173 -15.80 -18.36 -18.63
C PRO A 173 -16.17 -19.14 -17.38
N ILE A 174 -15.57 -20.31 -17.15
CA ILE A 174 -15.86 -21.05 -15.93
C ILE A 174 -15.21 -20.37 -14.73
N ARG A 175 -13.95 -19.94 -14.89
CA ARG A 175 -13.29 -19.21 -13.81
C ARG A 175 -13.96 -17.87 -13.58
N LEU A 176 -14.36 -17.19 -14.66
CA LEU A 176 -15.08 -15.93 -14.50
C LEU A 176 -16.44 -16.15 -13.85
N GLY A 177 -17.17 -17.18 -14.28
CA GLY A 177 -18.45 -17.48 -13.66
C GLY A 177 -18.31 -17.77 -12.18
N LEU A 178 -17.26 -18.51 -11.81
CA LEU A 178 -17.01 -18.79 -10.40
C LEU A 178 -16.80 -17.51 -9.62
N ALA A 179 -15.92 -16.63 -10.13
CA ALA A 179 -15.73 -15.33 -9.48
C ALA A 179 -17.06 -14.59 -9.36
N LEU A 180 -17.84 -14.57 -10.44
CA LEU A 180 -19.12 -13.88 -10.39
C LEU A 180 -19.99 -14.44 -9.27
N ASN A 181 -20.15 -15.77 -9.24
CA ASN A 181 -21.06 -16.37 -8.26
C ASN A 181 -20.48 -16.30 -6.85
N PHE A 182 -19.15 -16.41 -6.72
CA PHE A 182 -18.50 -16.24 -5.42
C PHE A 182 -18.76 -14.84 -4.88
N SER A 183 -18.62 -13.82 -5.74
CA SER A 183 -18.87 -12.45 -5.32
C SER A 183 -20.32 -12.26 -4.88
N VAL A 184 -21.27 -12.79 -5.66
CA VAL A 184 -22.68 -12.71 -5.29
C VAL A 184 -22.92 -13.37 -3.93
N PHE A 185 -22.27 -14.52 -3.70
CA PHE A 185 -22.37 -15.19 -2.40
C PHE A 185 -22.01 -14.24 -1.25
N TYR A 186 -20.87 -13.57 -1.35
CA TYR A 186 -20.48 -12.61 -0.33
C TYR A 186 -21.52 -11.48 -0.18
N TYR A 187 -21.95 -10.90 -1.30
CA TYR A 187 -22.88 -9.78 -1.21
C TYR A 187 -24.22 -10.21 -0.61
N GLU A 188 -24.77 -11.32 -1.08
CA GLU A 188 -26.15 -11.63 -0.73
C GLU A 188 -26.26 -12.54 0.48
N ILE A 189 -25.39 -13.54 0.59
CA ILE A 189 -25.52 -14.53 1.65
C ILE A 189 -24.72 -14.16 2.89
N LEU A 190 -23.49 -13.68 2.74
CA LEU A 190 -22.64 -13.41 3.89
C LEU A 190 -22.65 -11.94 4.28
N ASN A 191 -23.31 -11.08 3.49
CA ASN A 191 -23.42 -9.66 3.82
C ASN A 191 -22.05 -9.04 4.01
N SER A 192 -21.14 -9.36 3.09
CA SER A 192 -19.78 -8.83 3.07
C SER A 192 -19.61 -8.07 1.77
N PRO A 193 -20.13 -6.84 1.67
CA PRO A 193 -20.06 -6.12 0.39
C PRO A 193 -18.65 -5.72 -0.01
N ASP A 194 -17.80 -5.33 0.95
CA ASP A 194 -16.43 -4.99 0.60
C ASP A 194 -15.74 -6.18 -0.06
N ARG A 195 -15.90 -7.37 0.53
CA ARG A 195 -15.23 -8.55 -0.02
CA ARG A 195 -15.24 -8.56 0.00
C ARG A 195 -15.87 -8.98 -1.34
N ALA A 196 -17.18 -8.83 -1.47
CA ALA A 196 -17.83 -9.08 -2.74
C ALA A 196 -17.23 -8.19 -3.83
N CYS A 197 -17.13 -6.90 -3.55
CA CYS A 197 -16.59 -5.97 -4.54
C CYS A 197 -15.13 -6.29 -4.84
N ASN A 198 -14.33 -6.53 -3.79
CA ASN A 198 -12.92 -6.81 -4.00
C ASN A 198 -12.73 -8.05 -4.87
N LEU A 199 -13.51 -9.10 -4.60
CA LEU A 199 -13.37 -10.33 -5.37
C LEU A 199 -13.75 -10.11 -6.82
N ALA A 200 -14.89 -9.46 -7.05
CA ALA A 200 -15.35 -9.22 -8.42
C ALA A 200 -14.35 -8.35 -9.17
N LYS A 201 -13.81 -7.33 -8.51
CA LYS A 201 -12.89 -6.41 -9.17
C LYS A 201 -11.61 -7.13 -9.57
N GLN A 202 -11.00 -7.87 -8.64
CA GLN A 202 -9.78 -8.61 -8.95
C GLN A 202 -10.01 -9.55 -10.14
N ALA A 203 -11.09 -10.33 -10.08
CA ALA A 203 -11.39 -11.24 -11.19
C ALA A 203 -11.56 -10.49 -12.51
N PHE A 204 -12.13 -9.28 -12.47
CA PHE A 204 -12.29 -8.49 -13.69
C PHE A 204 -10.94 -8.00 -14.20
N ASP A 205 -10.14 -7.38 -13.33
CA ASP A 205 -8.85 -6.87 -13.74
C ASP A 205 -7.98 -7.97 -14.33
N GLU A 206 -7.92 -9.13 -13.67
CA GLU A 206 -7.11 -10.23 -14.20
C GLU A 206 -7.59 -10.69 -15.57
N ALA A 207 -8.87 -10.45 -15.89
CA ALA A 207 -9.40 -10.88 -17.18
C ALA A 207 -9.11 -9.86 -18.28
N ILE A 208 -9.23 -8.56 -17.97
CA ILE A 208 -8.89 -7.54 -18.95
C ILE A 208 -7.39 -7.52 -19.23
N ALA A 209 -6.59 -8.07 -18.32
CA ALA A 209 -5.13 -8.04 -18.51
C ALA A 209 -4.73 -8.80 -19.76
N GLU A 210 -5.24 -10.01 -19.94
CA GLU A 210 -4.92 -10.83 -21.10
C GLU A 210 -6.10 -10.93 -22.07
N LEU A 211 -7.03 -9.97 -22.01
CA LEU A 211 -8.18 -10.00 -22.91
C LEU A 211 -7.81 -9.85 -24.38
N ASP A 212 -6.53 -9.74 -24.70
CA ASP A 212 -6.11 -9.63 -26.08
C ASP A 212 -6.00 -11.00 -26.76
N THR A 213 -5.59 -12.03 -26.01
CA THR A 213 -5.40 -13.35 -26.60
C THR A 213 -6.71 -13.94 -27.14
N LEU A 214 -7.86 -13.48 -26.64
CA LEU A 214 -9.13 -14.05 -27.04
C LEU A 214 -9.37 -13.86 -28.53
N GLY A 215 -10.06 -14.83 -29.12
CA GLY A 215 -10.37 -14.79 -30.54
C GLY A 215 -11.72 -14.17 -30.83
N GLU A 216 -12.60 -14.95 -31.46
CA GLU A 216 -13.95 -14.48 -31.78
C GLU A 216 -15.01 -15.30 -31.04
N GLU A 217 -15.01 -16.62 -31.18
CA GLU A 217 -15.92 -17.44 -30.40
C GLU A 217 -15.62 -17.34 -28.92
N SER A 218 -14.34 -17.27 -28.56
CA SER A 218 -13.92 -17.17 -27.18
C SER A 218 -14.08 -15.78 -26.59
N TYR A 219 -14.17 -14.75 -27.44
CA TYR A 219 -14.29 -13.39 -26.94
C TYR A 219 -15.71 -13.12 -26.42
N LYS A 220 -16.72 -13.51 -27.19
CA LYS A 220 -18.11 -13.31 -26.76
C LYS A 220 -18.40 -14.03 -25.45
N ASP A 221 -17.79 -15.19 -25.24
CA ASP A 221 -18.06 -15.96 -24.02
C ASP A 221 -17.52 -15.23 -22.79
N SER A 222 -16.26 -14.78 -22.85
CA SER A 222 -15.68 -14.08 -21.72
C SER A 222 -16.34 -12.72 -21.50
N THR A 223 -16.45 -11.92 -22.56
CA THR A 223 -16.97 -10.56 -22.41
C THR A 223 -18.36 -10.56 -21.77
N LEU A 224 -19.17 -11.58 -22.04
CA LEU A 224 -20.49 -11.66 -21.43
C LEU A 224 -20.40 -11.72 -19.91
N ILE A 225 -19.56 -12.62 -19.38
CA ILE A 225 -19.44 -12.73 -17.93
C ILE A 225 -18.84 -11.45 -17.35
N MET A 226 -17.82 -10.91 -18.02
CA MET A 226 -17.15 -9.72 -17.51
C MET A 226 -18.12 -8.53 -17.40
N GLN A 227 -19.07 -8.43 -18.32
CA GLN A 227 -20.06 -7.36 -18.24
C GLN A 227 -20.99 -7.55 -17.05
N LEU A 228 -21.33 -8.79 -16.71
CA LEU A 228 -22.11 -9.04 -15.51
C LEU A 228 -21.31 -8.69 -14.27
N LEU A 229 -20.01 -8.96 -14.27
CA LEU A 229 -19.15 -8.54 -13.17
C LEU A 229 -19.18 -7.03 -12.99
N ARG A 230 -19.06 -6.28 -14.10
CA ARG A 230 -19.09 -4.83 -14.00
C ARG A 230 -20.45 -4.35 -13.52
N ASP A 231 -21.53 -4.91 -14.06
CA ASP A 231 -22.86 -4.44 -13.69
C ASP A 231 -23.08 -4.55 -12.18
N ASN A 232 -22.64 -5.66 -11.58
CA ASN A 232 -22.74 -5.79 -10.13
C ASN A 232 -21.89 -4.74 -9.43
N LEU A 233 -20.64 -4.59 -9.87
CA LEU A 233 -19.76 -3.61 -9.24
C LEU A 233 -20.35 -2.21 -9.33
N THR A 234 -20.88 -1.84 -10.51
CA THR A 234 -21.48 -0.52 -10.66
C THR A 234 -22.57 -0.29 -9.61
N LEU A 235 -23.37 -1.30 -9.35
CA LEU A 235 -24.42 -1.18 -8.34
C LEU A 235 -23.86 -1.34 -6.92
N TRP A 236 -22.99 -2.34 -6.68
CA TRP A 236 -22.47 -2.53 -5.33
C TRP A 236 -21.66 -1.33 -4.87
N THR A 237 -20.81 -0.78 -5.74
CA THR A 237 -19.96 0.35 -5.37
C THR A 237 -20.74 1.60 -5.03
N SER A 238 -21.95 1.77 -5.56
CA SER A 238 -22.82 2.89 -5.19
C SER A 238 -23.77 2.52 -4.08
N ASP A 239 -23.51 1.39 -3.40
CA ASP A 239 -24.28 0.78 -2.30
C ASP A 239 -25.06 -0.46 -2.79
N GLY B 1 -53.91 -25.64 4.65
CA GLY B 1 -54.81 -26.10 5.74
C GLY B 1 -55.83 -27.13 5.29
N ALA B 2 -55.82 -28.29 5.95
CA ALA B 2 -56.75 -29.35 5.56
C ALA B 2 -58.20 -28.91 5.74
N MET B 3 -58.45 -27.95 6.63
CA MET B 3 -59.81 -27.47 6.86
C MET B 3 -60.14 -26.24 6.02
N ALA B 4 -59.27 -25.86 5.08
CA ALA B 4 -59.62 -24.79 4.15
C ALA B 4 -60.87 -25.16 3.37
N SER B 5 -61.82 -24.23 3.29
CA SER B 5 -63.07 -24.51 2.60
C SER B 5 -63.71 -23.21 2.14
N GLY B 6 -64.57 -23.33 1.14
CA GLY B 6 -65.33 -22.19 0.66
C GLY B 6 -64.62 -21.45 -0.47
N ARG B 7 -65.42 -20.69 -1.22
CA ARG B 7 -64.89 -19.97 -2.37
C ARG B 7 -63.86 -18.94 -1.95
N GLU B 8 -64.08 -18.26 -0.82
CA GLU B 8 -63.19 -17.16 -0.46
C GLU B 8 -61.77 -17.67 -0.22
N GLU B 9 -61.62 -18.73 0.57
CA GLU B 9 -60.28 -19.22 0.87
C GLU B 9 -59.58 -19.71 -0.40
N PHE B 10 -60.26 -20.51 -1.21
CA PHE B 10 -59.61 -21.08 -2.38
C PHE B 10 -59.43 -20.05 -3.48
N VAL B 11 -60.28 -19.00 -3.52
CA VAL B 11 -60.02 -17.87 -4.41
C VAL B 11 -58.68 -17.22 -4.05
N TYR B 12 -58.46 -16.99 -2.76
CA TYR B 12 -57.19 -16.41 -2.32
C TYR B 12 -56.01 -17.31 -2.72
N MET B 13 -56.14 -18.63 -2.53
CA MET B 13 -55.04 -19.51 -2.90
C MET B 13 -54.78 -19.43 -4.40
N ALA B 14 -55.84 -19.34 -5.21
CA ALA B 14 -55.65 -19.22 -6.65
C ALA B 14 -54.90 -17.94 -6.99
N LYS B 15 -55.15 -16.86 -6.25
CA LYS B 15 -54.44 -15.62 -6.53
C LYS B 15 -52.96 -15.74 -6.17
N LEU B 16 -52.65 -16.48 -5.10
CA LEU B 16 -51.25 -16.74 -4.78
C LEU B 16 -50.58 -17.56 -5.87
N ALA B 17 -51.21 -18.65 -6.31
CA ALA B 17 -50.63 -19.47 -7.38
C ALA B 17 -50.39 -18.64 -8.63
N GLU B 18 -51.27 -17.68 -8.91
CA GLU B 18 -51.11 -16.84 -10.09
C GLU B 18 -49.88 -15.94 -9.94
N GLN B 19 -49.74 -15.29 -8.80
CA GLN B 19 -48.53 -14.50 -8.57
C GLN B 19 -47.29 -15.36 -8.70
N ALA B 20 -47.33 -16.56 -8.13
CA ALA B 20 -46.20 -17.48 -8.22
C ALA B 20 -46.03 -18.08 -9.60
N GLU B 21 -46.98 -17.86 -10.50
CA GLU B 21 -46.93 -18.46 -11.83
C GLU B 21 -46.89 -19.98 -11.73
N ARG B 22 -47.61 -20.53 -10.77
CA ARG B 22 -47.79 -21.97 -10.61
C ARG B 22 -49.19 -22.33 -11.06
N TYR B 23 -49.40 -22.33 -12.37
CA TYR B 23 -50.76 -22.32 -12.89
C TYR B 23 -51.45 -23.65 -12.72
N GLU B 24 -50.71 -24.75 -12.69
CA GLU B 24 -51.36 -26.03 -12.41
C GLU B 24 -52.07 -26.00 -11.05
N GLU B 25 -51.41 -25.44 -10.04
CA GLU B 25 -52.04 -25.33 -8.73
C GLU B 25 -53.18 -24.31 -8.74
N MET B 26 -53.10 -23.30 -9.60
CA MET B 26 -54.18 -22.33 -9.73
C MET B 26 -55.45 -23.00 -10.30
N VAL B 27 -55.27 -23.89 -11.27
CA VAL B 27 -56.38 -24.71 -11.73
C VAL B 27 -56.96 -25.50 -10.58
N GLU B 28 -56.10 -26.22 -9.84
CA GLU B 28 -56.58 -27.03 -8.73
C GLU B 28 -57.39 -26.19 -7.76
N PHE B 29 -56.89 -25.00 -7.42
CA PHE B 29 -57.59 -24.15 -6.46
C PHE B 29 -58.92 -23.67 -7.04
N MET B 30 -58.95 -23.32 -8.33
CA MET B 30 -60.20 -22.85 -8.92
C MET B 30 -61.20 -23.98 -9.09
N GLU B 31 -60.74 -25.23 -9.22
CA GLU B 31 -61.67 -26.36 -9.26
C GLU B 31 -62.36 -26.54 -7.92
N LYS B 32 -61.63 -26.30 -6.83
CA LYS B 32 -62.25 -26.37 -5.50
C LYS B 32 -63.26 -25.24 -5.31
N VAL B 33 -63.00 -24.07 -5.87
CA VAL B 33 -64.00 -23.01 -5.84
C VAL B 33 -65.27 -23.48 -6.55
N SER B 34 -65.11 -23.97 -7.79
CA SER B 34 -66.25 -24.47 -8.54
C SER B 34 -67.04 -25.51 -7.74
N ALA B 35 -66.34 -26.40 -7.03
CA ALA B 35 -67.01 -27.41 -6.23
C ALA B 35 -67.78 -26.79 -5.08
N ALA B 36 -67.24 -25.74 -4.48
CA ALA B 36 -67.91 -25.11 -3.34
C ALA B 36 -69.13 -24.32 -3.78
N VAL B 37 -69.11 -23.77 -4.98
CA VAL B 37 -70.24 -23.00 -5.49
C VAL B 37 -71.28 -23.88 -6.18
N ASP B 38 -70.92 -25.12 -6.52
CA ASP B 38 -71.75 -26.02 -7.31
C ASP B 38 -73.24 -25.75 -7.14
N GLY B 39 -73.93 -25.47 -8.24
CA GLY B 39 -75.32 -25.09 -8.19
C GLY B 39 -75.50 -23.61 -8.46
N ASP B 40 -74.74 -22.77 -7.76
CA ASP B 40 -74.80 -21.34 -7.92
C ASP B 40 -73.88 -20.89 -9.06
N GLU B 41 -73.69 -19.58 -9.21
CA GLU B 41 -72.86 -19.03 -10.26
C GLU B 41 -71.55 -18.50 -9.70
N LEU B 42 -70.48 -18.68 -10.46
CA LEU B 42 -69.24 -18.00 -10.11
C LEU B 42 -69.41 -16.49 -10.26
N THR B 43 -68.71 -15.75 -9.41
CA THR B 43 -68.65 -14.31 -9.61
C THR B 43 -67.80 -14.03 -10.84
N VAL B 44 -67.77 -12.75 -11.25
CA VAL B 44 -66.93 -12.35 -12.37
C VAL B 44 -65.46 -12.57 -12.04
N GLU B 45 -65.04 -12.22 -10.84
CA GLU B 45 -63.66 -12.43 -10.44
C GLU B 45 -63.30 -13.91 -10.50
N GLU B 46 -64.18 -14.79 -10.03
CA GLU B 46 -63.88 -16.22 -10.02
C GLU B 46 -63.79 -16.77 -11.44
N ARG B 47 -64.77 -16.44 -12.29
N ARG B 47 -64.76 -16.45 -12.30
CA ARG B 47 -64.76 -16.96 -13.65
CA ARG B 47 -64.72 -17.01 -13.63
C ARG B 47 -63.49 -16.53 -14.37
C ARG B 47 -63.50 -16.53 -14.40
N ASN B 48 -63.07 -15.28 -14.16
CA ASN B 48 -61.87 -14.79 -14.84
C ASN B 48 -60.63 -15.51 -14.31
N LEU B 49 -60.56 -15.76 -12.99
CA LEU B 49 -59.45 -16.54 -12.44
C LEU B 49 -59.46 -17.97 -13.00
N LEU B 50 -60.63 -18.61 -13.01
CA LEU B 50 -60.70 -19.93 -13.61
C LEU B 50 -60.16 -19.89 -15.02
N SER B 51 -60.53 -18.86 -15.79
CA SER B 51 -60.13 -18.76 -17.19
C SER B 51 -58.63 -18.53 -17.33
N VAL B 52 -58.09 -17.59 -16.58
CA VAL B 52 -56.63 -17.36 -16.56
C VAL B 52 -55.91 -18.67 -16.26
N ALA B 53 -56.39 -19.40 -15.25
CA ALA B 53 -55.72 -20.62 -14.84
C ALA B 53 -55.64 -21.63 -15.98
N TYR B 54 -56.77 -21.98 -16.56
CA TYR B 54 -56.74 -22.96 -17.64
C TYR B 54 -56.04 -22.41 -18.88
N LYS B 55 -56.19 -21.11 -19.16
CA LYS B 55 -55.51 -20.53 -20.32
C LYS B 55 -53.99 -20.73 -20.24
N ASN B 56 -53.41 -20.51 -19.07
CA ASN B 56 -51.96 -20.62 -18.93
C ASN B 56 -51.51 -22.07 -18.92
N VAL B 57 -52.27 -22.95 -18.26
CA VAL B 57 -51.92 -24.37 -18.28
C VAL B 57 -51.93 -24.91 -19.70
N ILE B 58 -53.04 -24.71 -20.42
CA ILE B 58 -53.13 -25.23 -21.77
C ILE B 58 -52.17 -24.52 -22.70
N GLY B 59 -51.95 -23.23 -22.49
CA GLY B 59 -51.06 -22.51 -23.39
C GLY B 59 -49.65 -23.02 -23.35
N ALA B 60 -49.20 -23.49 -22.20
CA ALA B 60 -47.86 -24.05 -22.11
C ALA B 60 -47.73 -25.29 -22.98
N ARG B 61 -48.71 -26.18 -22.89
CA ARG B 61 -48.68 -27.41 -23.69
C ARG B 61 -48.94 -27.15 -25.17
N ARG B 62 -49.76 -26.16 -25.50
CA ARG B 62 -49.95 -25.81 -26.90
C ARG B 62 -48.62 -25.35 -27.50
N ALA B 63 -47.90 -24.50 -26.77
CA ALA B 63 -46.60 -24.03 -27.25
C ALA B 63 -45.62 -25.19 -27.40
N SER B 64 -45.57 -26.07 -26.39
CA SER B 64 -44.68 -27.22 -26.48
C SER B 64 -45.08 -28.13 -27.65
N TRP B 65 -46.38 -28.35 -27.82
CA TRP B 65 -46.83 -29.23 -28.90
C TRP B 65 -46.40 -28.70 -30.24
N ARG B 66 -46.49 -27.39 -30.45
CA ARG B 66 -46.14 -26.80 -31.74
C ARG B 66 -44.66 -26.99 -32.05
N ILE B 67 -43.78 -26.70 -31.09
CA ILE B 67 -42.36 -26.84 -31.37
C ILE B 67 -42.02 -28.30 -31.61
N ILE B 68 -42.58 -29.21 -30.80
CA ILE B 68 -42.27 -30.63 -30.98
C ILE B 68 -42.81 -31.13 -32.31
N SER B 69 -43.99 -30.65 -32.74
CA SER B 69 -44.51 -31.06 -34.03
C SER B 69 -43.61 -30.58 -35.17
N SER B 70 -43.10 -29.35 -35.07
CA SER B 70 -42.22 -28.87 -36.13
C SER B 70 -40.91 -29.65 -36.17
N ILE B 71 -40.39 -30.04 -35.00
CA ILE B 71 -39.18 -30.86 -34.98
C ILE B 71 -39.46 -32.22 -35.61
N GLU B 72 -40.63 -32.79 -35.32
CA GLU B 72 -40.97 -34.08 -35.89
C GLU B 72 -40.99 -34.01 -37.41
N GLN B 73 -41.61 -32.97 -37.97
CA GLN B 73 -41.69 -32.84 -39.42
C GLN B 73 -40.32 -32.62 -40.02
N LYS B 74 -39.44 -31.89 -39.32
CA LYS B 74 -38.09 -31.69 -39.81
C LYS B 74 -37.30 -32.99 -39.80
N GLU B 75 -37.37 -33.74 -38.70
CA GLU B 75 -36.66 -35.02 -38.62
C GLU B 75 -37.23 -36.02 -39.63
N GLU B 76 -38.55 -35.98 -39.83
CA GLU B 76 -39.16 -36.86 -40.83
C GLU B 76 -38.54 -36.60 -42.20
N SER B 77 -38.47 -35.33 -42.61
CA SER B 77 -37.92 -35.01 -43.92
C SER B 77 -36.43 -35.28 -44.01
N ARG B 78 -35.73 -35.38 -42.87
CA ARG B 78 -34.34 -35.79 -42.87
C ARG B 78 -34.17 -37.30 -42.98
N GLY B 79 -35.24 -38.07 -42.80
CA GLY B 79 -35.15 -39.51 -42.84
C GLY B 79 -34.64 -40.15 -41.58
N ASN B 80 -34.66 -39.44 -40.45
CA ASN B 80 -34.12 -39.98 -39.20
C ASN B 80 -35.27 -40.66 -38.44
N ASP B 81 -35.54 -41.90 -38.85
CA ASP B 81 -36.69 -42.63 -38.31
C ASP B 81 -36.58 -42.84 -36.81
N ASP B 82 -35.37 -43.06 -36.30
CA ASP B 82 -35.21 -43.28 -34.85
C ASP B 82 -35.55 -42.04 -34.05
N HIS B 83 -35.09 -40.87 -34.50
CA HIS B 83 -35.53 -39.62 -33.88
C HIS B 83 -37.05 -39.44 -33.98
N VAL B 84 -37.60 -39.69 -35.17
CA VAL B 84 -39.04 -39.50 -35.35
C VAL B 84 -39.81 -40.35 -34.35
N THR B 85 -39.45 -41.62 -34.22
CA THR B 85 -40.10 -42.49 -33.24
C THR B 85 -40.08 -41.84 -31.86
N ALA B 86 -38.92 -41.35 -31.44
CA ALA B 86 -38.80 -40.74 -30.11
C ALA B 86 -39.63 -39.46 -30.01
N ILE B 87 -39.59 -38.62 -31.04
CA ILE B 87 -40.39 -37.41 -31.01
C ILE B 87 -41.88 -37.75 -30.93
N ARG B 88 -42.31 -38.79 -31.65
CA ARG B 88 -43.73 -39.13 -31.63
C ARG B 88 -44.18 -39.56 -30.25
N GLU B 89 -43.37 -40.37 -29.57
CA GLU B 89 -43.72 -40.75 -28.20
C GLU B 89 -43.84 -39.51 -27.33
N TYR B 90 -42.94 -38.54 -27.54
CA TYR B 90 -42.95 -37.34 -26.70
C TYR B 90 -44.14 -36.46 -27.04
N ARG B 91 -44.45 -36.31 -28.32
CA ARG B 91 -45.65 -35.56 -28.68
C ARG B 91 -46.89 -36.23 -28.12
N SER B 92 -46.94 -37.57 -28.17
CA SER B 92 -48.08 -38.28 -27.60
C SER B 92 -48.22 -38.01 -26.10
N LYS B 93 -47.12 -37.86 -25.38
CA LYS B 93 -47.24 -37.52 -23.96
C LYS B 93 -47.83 -36.13 -23.79
N ILE B 94 -47.42 -35.18 -24.62
CA ILE B 94 -47.96 -33.84 -24.53
C ILE B 94 -49.43 -33.85 -24.93
N GLU B 95 -49.81 -34.70 -25.88
CA GLU B 95 -51.22 -34.78 -26.28
C GLU B 95 -52.09 -35.36 -25.17
N THR B 96 -51.58 -36.34 -24.40
CA THR B 96 -52.40 -36.83 -23.30
C THR B 96 -52.60 -35.75 -22.24
N GLU B 97 -51.63 -34.85 -22.08
CA GLU B 97 -51.82 -33.71 -21.18
C GLU B 97 -52.81 -32.71 -21.74
N LEU B 98 -52.64 -32.32 -23.01
CA LEU B 98 -53.60 -31.42 -23.63
C LEU B 98 -55.02 -31.96 -23.48
N SER B 99 -55.19 -33.25 -23.75
CA SER B 99 -56.51 -33.86 -23.70
C SER B 99 -57.07 -33.81 -22.30
N GLY B 100 -56.23 -34.10 -21.30
CA GLY B 100 -56.70 -34.10 -19.92
C GLY B 100 -57.01 -32.71 -19.42
N ILE B 101 -56.24 -31.71 -19.86
CA ILE B 101 -56.53 -30.33 -19.47
C ILE B 101 -57.88 -29.90 -20.05
N CYS B 102 -58.07 -30.11 -21.35
CA CYS B 102 -59.35 -29.74 -21.96
C CYS B 102 -60.50 -30.46 -21.29
N ASP B 103 -60.31 -31.75 -20.97
CA ASP B 103 -61.39 -32.53 -20.34
C ASP B 103 -61.76 -31.95 -18.99
N GLY B 104 -60.77 -31.55 -18.19
CA GLY B 104 -61.07 -30.92 -16.92
C GLY B 104 -62.03 -29.74 -17.05
N ILE B 105 -61.66 -28.73 -17.86
CA ILE B 105 -62.49 -27.54 -17.93
C ILE B 105 -63.80 -27.83 -18.66
N LEU B 106 -63.78 -28.72 -19.65
CA LEU B 106 -65.03 -29.06 -20.32
C LEU B 106 -65.99 -29.79 -19.39
N LYS B 107 -65.50 -30.55 -18.42
CA LYS B 107 -66.40 -31.19 -17.47
C LYS B 107 -67.05 -30.16 -16.55
N LEU B 108 -66.26 -29.17 -16.10
CA LEU B 108 -66.86 -28.10 -15.30
C LEU B 108 -67.91 -27.33 -16.10
N LEU B 109 -67.59 -27.00 -17.36
CA LEU B 109 -68.50 -26.21 -18.17
C LEU B 109 -69.81 -26.95 -18.41
N ASP B 110 -69.73 -28.21 -18.85
CA ASP B 110 -70.92 -28.95 -19.21
C ASP B 110 -71.77 -29.26 -17.99
N SER B 111 -71.14 -29.57 -16.85
CA SER B 111 -71.90 -30.07 -15.71
C SER B 111 -72.29 -29.00 -14.70
N ARG B 112 -71.59 -27.86 -14.68
CA ARG B 112 -71.92 -26.87 -13.66
C ARG B 112 -72.05 -25.44 -14.18
N LEU B 113 -71.07 -24.98 -14.96
CA LEU B 113 -70.98 -23.55 -15.26
C LEU B 113 -72.05 -23.14 -16.28
N ILE B 114 -72.19 -23.87 -17.37
CA ILE B 114 -73.17 -23.53 -18.41
C ILE B 114 -74.58 -23.73 -17.85
N PRO B 115 -74.90 -24.87 -17.24
CA PRO B 115 -76.27 -25.05 -16.73
C PRO B 115 -76.73 -23.97 -15.78
N ALA B 116 -75.82 -23.33 -15.06
CA ALA B 116 -76.19 -22.31 -14.09
C ALA B 116 -76.07 -20.89 -14.62
N ALA B 117 -75.52 -20.70 -15.82
CA ALA B 117 -75.39 -19.37 -16.38
C ALA B 117 -76.76 -18.73 -16.58
N ALA B 118 -76.99 -17.61 -15.91
CA ALA B 118 -78.28 -16.92 -15.91
C ALA B 118 -78.36 -15.80 -16.93
N SER B 119 -77.41 -14.88 -16.93
CA SER B 119 -77.48 -13.72 -17.82
C SER B 119 -76.92 -14.05 -19.20
N GLY B 120 -77.22 -13.19 -20.16
CA GLY B 120 -76.63 -13.35 -21.47
C GLY B 120 -75.12 -13.23 -21.46
N ASP B 121 -74.58 -12.38 -20.58
CA ASP B 121 -73.14 -12.26 -20.44
C ASP B 121 -72.52 -13.61 -20.06
N SER B 122 -73.09 -14.27 -19.06
CA SER B 122 -72.53 -15.53 -18.57
C SER B 122 -72.69 -16.65 -19.59
N LYS B 123 -73.85 -16.72 -20.25
CA LYS B 123 -74.06 -17.78 -21.22
C LYS B 123 -73.04 -17.69 -22.34
N VAL B 124 -72.85 -16.49 -22.90
CA VAL B 124 -71.89 -16.32 -23.98
C VAL B 124 -70.49 -16.62 -23.48
N PHE B 125 -70.15 -16.15 -22.28
CA PHE B 125 -68.81 -16.37 -21.76
C PHE B 125 -68.48 -17.87 -21.69
N TYR B 126 -69.37 -18.66 -21.12
CA TYR B 126 -69.03 -20.07 -20.91
C TYR B 126 -69.18 -20.87 -22.20
N LEU B 127 -70.15 -20.54 -23.05
CA LEU B 127 -70.25 -21.21 -24.35
C LEU B 127 -69.03 -20.90 -25.21
N LYS B 128 -68.57 -19.65 -25.19
CA LYS B 128 -67.31 -19.34 -25.87
C LYS B 128 -66.17 -20.17 -25.28
N MET B 129 -66.10 -20.27 -23.97
CA MET B 129 -65.02 -21.04 -23.34
C MET B 129 -65.07 -22.50 -23.78
N LYS B 130 -66.28 -23.10 -23.82
CA LYS B 130 -66.43 -24.48 -24.26
C LYS B 130 -65.92 -24.67 -25.69
N GLY B 131 -66.28 -23.75 -26.59
CA GLY B 131 -65.77 -23.85 -27.95
C GLY B 131 -64.27 -23.64 -28.02
N ASP B 132 -63.74 -22.79 -27.13
CA ASP B 132 -62.29 -22.57 -27.09
C ASP B 132 -61.55 -23.88 -26.79
N TYR B 133 -62.02 -24.65 -25.82
CA TYR B 133 -61.29 -25.86 -25.46
C TYR B 133 -61.61 -27.01 -26.40
N HIS B 134 -62.77 -27.05 -27.05
CA HIS B 134 -62.90 -28.00 -28.14
C HIS B 134 -62.00 -27.62 -29.30
N ARG B 135 -61.74 -26.32 -29.49
CA ARG B 135 -60.86 -25.91 -30.58
C ARG B 135 -59.42 -26.32 -30.30
N TYR B 136 -58.99 -26.19 -29.06
CA TYR B 136 -57.65 -26.68 -28.71
C TYR B 136 -57.53 -28.19 -28.94
N LEU B 137 -58.60 -28.94 -28.69
CA LEU B 137 -58.60 -30.36 -29.06
C LEU B 137 -58.48 -30.53 -30.57
N ALA B 138 -59.23 -29.76 -31.36
CA ALA B 138 -59.14 -29.90 -32.81
C ALA B 138 -57.76 -29.52 -33.36
N GLU B 139 -56.97 -28.76 -32.60
CA GLU B 139 -55.64 -28.40 -33.06
C GLU B 139 -54.72 -29.61 -33.22
N PHE B 140 -54.96 -30.70 -32.48
CA PHE B 140 -54.07 -31.85 -32.55
C PHE B 140 -54.74 -33.19 -32.71
N LYS B 141 -56.02 -33.34 -32.34
CA LYS B 141 -56.70 -34.61 -32.60
C LYS B 141 -56.71 -34.89 -34.11
N THR B 142 -56.93 -36.15 -34.45
CA THR B 142 -56.98 -36.58 -35.85
C THR B 142 -58.24 -37.40 -36.07
N GLY B 143 -58.49 -37.71 -37.34
CA GLY B 143 -59.56 -38.63 -37.70
C GLY B 143 -60.91 -38.19 -37.17
N GLN B 144 -61.65 -39.18 -36.64
CA GLN B 144 -63.01 -38.92 -36.17
C GLN B 144 -63.00 -37.98 -34.98
N GLU B 145 -62.02 -38.12 -34.09
CA GLU B 145 -61.97 -37.28 -32.89
C GLU B 145 -61.81 -35.81 -33.24
N ARG B 146 -61.04 -35.51 -34.30
CA ARG B 146 -60.92 -34.12 -34.71
C ARG B 146 -62.25 -33.59 -35.24
N LYS B 147 -62.94 -34.35 -36.10
CA LYS B 147 -64.22 -33.90 -36.61
C LYS B 147 -65.20 -33.66 -35.47
N ASP B 148 -65.26 -34.60 -34.53
CA ASP B 148 -66.13 -34.42 -33.37
CA ASP B 148 -66.13 -34.42 -33.37
C ASP B 148 -65.77 -33.16 -32.60
N ALA B 149 -64.47 -32.86 -32.47
CA ALA B 149 -64.06 -31.66 -31.75
C ALA B 149 -64.47 -30.39 -32.51
N ALA B 150 -64.20 -30.35 -33.82
CA ALA B 150 -64.59 -29.20 -34.62
C ALA B 150 -66.10 -29.01 -34.61
N GLU B 151 -66.86 -30.11 -34.64
CA GLU B 151 -68.31 -29.99 -34.54
C GLU B 151 -68.74 -29.41 -33.21
N HIS B 152 -68.10 -29.84 -32.12
CA HIS B 152 -68.43 -29.30 -30.81
C HIS B 152 -68.03 -27.83 -30.71
N THR B 153 -66.94 -27.45 -31.35
CA THR B 153 -66.54 -26.05 -31.37
C THR B 153 -67.55 -25.20 -32.11
N LEU B 154 -67.90 -25.60 -33.34
CA LEU B 154 -68.90 -24.84 -34.09
C LEU B 154 -70.20 -24.72 -33.28
N ALA B 155 -70.67 -25.85 -32.72
CA ALA B 155 -71.94 -25.82 -32.03
C ALA B 155 -71.91 -24.86 -30.85
N ALA B 156 -70.79 -24.83 -30.10
CA ALA B 156 -70.71 -23.92 -28.96
C ALA B 156 -70.57 -22.47 -29.40
N TYR B 157 -69.75 -22.21 -30.42
CA TYR B 157 -69.57 -20.84 -30.86
C TYR B 157 -70.84 -20.30 -31.51
N LYS B 158 -71.54 -21.14 -32.29
CA LYS B 158 -72.75 -20.67 -32.95
C LYS B 158 -73.84 -20.36 -31.92
N SER B 159 -74.00 -21.23 -30.94
CA SER B 159 -75.03 -20.97 -29.92
C SER B 159 -74.66 -19.73 -29.12
N ALA B 160 -73.37 -19.53 -28.84
CA ALA B 160 -72.96 -18.32 -28.16
C ALA B 160 -73.22 -17.09 -29.03
N GLN B 161 -72.99 -17.21 -30.33
CA GLN B 161 -73.18 -16.09 -31.24
C GLN B 161 -74.65 -15.70 -31.36
N ASP B 162 -75.56 -16.69 -31.34
CA ASP B 162 -76.98 -16.37 -31.38
C ASP B 162 -77.38 -15.54 -30.17
N ILE B 163 -76.88 -15.92 -28.98
CA ILE B 163 -77.22 -15.19 -27.77
C ILE B 163 -76.54 -13.83 -27.75
N ALA B 164 -75.26 -13.77 -28.17
CA ALA B 164 -74.54 -12.51 -28.16
C ALA B 164 -75.18 -11.49 -29.09
N ASN B 165 -75.52 -11.92 -30.31
CA ASN B 165 -76.17 -11.01 -31.24
C ASN B 165 -77.47 -10.45 -30.67
N ALA B 166 -78.12 -11.20 -29.79
CA ALA B 166 -79.43 -10.79 -29.29
C ALA B 166 -79.36 -9.97 -28.01
N GLU B 167 -78.35 -10.19 -27.17
CA GLU B 167 -78.34 -9.66 -25.82
C GLU B 167 -77.13 -8.80 -25.48
N LEU B 168 -76.06 -8.83 -26.27
CA LEU B 168 -74.86 -8.07 -25.96
C LEU B 168 -74.60 -6.99 -27.00
N ALA B 169 -74.10 -5.86 -26.55
CA ALA B 169 -73.75 -4.78 -27.45
C ALA B 169 -72.62 -5.22 -28.37
N PRO B 170 -72.57 -4.71 -29.62
CA PRO B 170 -71.49 -5.09 -30.52
C PRO B 170 -70.10 -4.80 -29.97
N THR B 171 -70.01 -3.86 -29.01
CA THR B 171 -68.72 -3.49 -28.44
C THR B 171 -68.39 -4.28 -27.17
N HIS B 172 -69.23 -5.22 -26.78
CA HIS B 172 -69.00 -5.95 -25.54
C HIS B 172 -67.79 -6.85 -25.69
N PRO B 173 -66.82 -6.80 -24.77
CA PRO B 173 -65.61 -7.60 -24.96
C PRO B 173 -65.86 -9.09 -25.09
N ILE B 174 -66.94 -9.59 -24.48
CA ILE B 174 -67.25 -11.00 -24.60
C ILE B 174 -67.77 -11.31 -26.00
N ARG B 175 -68.69 -10.49 -26.51
CA ARG B 175 -69.16 -10.65 -27.87
C ARG B 175 -68.02 -10.52 -28.86
N LEU B 176 -67.17 -9.50 -28.69
CA LEU B 176 -66.03 -9.33 -29.59
C LEU B 176 -65.04 -10.48 -29.48
N GLY B 177 -64.75 -10.91 -28.24
CA GLY B 177 -63.83 -12.02 -28.06
C GLY B 177 -64.32 -13.30 -28.69
N LEU B 178 -65.63 -13.54 -28.63
CA LEU B 178 -66.23 -14.66 -29.33
C LEU B 178 -66.06 -14.55 -30.84
N ALA B 179 -66.33 -13.37 -31.40
CA ALA B 179 -66.18 -13.20 -32.84
C ALA B 179 -64.73 -13.46 -33.26
N LEU B 180 -63.77 -12.96 -32.48
CA LEU B 180 -62.36 -13.19 -32.80
C LEU B 180 -62.03 -14.68 -32.83
N ASN B 181 -62.41 -15.40 -31.78
CA ASN B 181 -62.06 -16.81 -31.69
C ASN B 181 -62.82 -17.66 -32.68
N PHE B 182 -64.06 -17.27 -32.99
CA PHE B 182 -64.82 -17.94 -34.05
C PHE B 182 -64.13 -17.78 -35.39
N SER B 183 -63.61 -16.58 -35.68
CA SER B 183 -62.90 -16.38 -36.94
C SER B 183 -61.59 -17.16 -36.98
N VAL B 184 -60.89 -17.26 -35.84
CA VAL B 184 -59.69 -18.09 -35.78
C VAL B 184 -60.04 -19.54 -36.05
N PHE B 185 -61.15 -20.01 -35.47
CA PHE B 185 -61.65 -21.35 -35.78
C PHE B 185 -61.85 -21.54 -37.28
N TYR B 186 -62.51 -20.59 -37.92
CA TYR B 186 -62.68 -20.68 -39.37
C TYR B 186 -61.33 -20.79 -40.08
N TYR B 187 -60.39 -19.93 -39.69
CA TYR B 187 -59.11 -19.84 -40.41
C TYR B 187 -58.22 -21.04 -40.12
N GLU B 188 -58.02 -21.37 -38.83
CA GLU B 188 -57.01 -22.36 -38.48
C GLU B 188 -57.54 -23.79 -38.50
N ILE B 189 -58.75 -24.02 -38.05
CA ILE B 189 -59.27 -25.38 -37.99
C ILE B 189 -59.99 -25.76 -39.29
N LEU B 190 -60.87 -24.90 -39.79
CA LEU B 190 -61.64 -25.22 -41.00
C LEU B 190 -60.94 -24.76 -42.28
N ASN B 191 -59.80 -24.09 -42.18
CA ASN B 191 -59.05 -23.65 -43.34
C ASN B 191 -59.93 -22.91 -44.33
N SER B 192 -60.83 -22.08 -43.80
CA SER B 192 -61.72 -21.26 -44.62
C SER B 192 -61.38 -19.79 -44.41
N PRO B 193 -60.35 -19.27 -45.09
CA PRO B 193 -59.93 -17.89 -44.83
C PRO B 193 -60.99 -16.84 -45.17
N ASP B 194 -61.81 -17.08 -46.18
CA ASP B 194 -62.78 -16.08 -46.60
C ASP B 194 -63.89 -15.93 -45.57
N ARG B 195 -64.43 -17.06 -45.07
CA ARG B 195 -65.41 -16.99 -43.98
C ARG B 195 -64.81 -16.40 -42.72
N ALA B 196 -63.51 -16.59 -42.49
CA ALA B 196 -62.88 -16.02 -41.30
C ALA B 196 -62.79 -14.50 -41.43
N CYS B 197 -62.31 -14.02 -42.57
CA CYS B 197 -62.23 -12.57 -42.77
C CYS B 197 -63.62 -11.94 -42.72
N ASN B 198 -64.62 -12.56 -43.34
CA ASN B 198 -65.97 -11.97 -43.34
C ASN B 198 -66.48 -11.80 -41.92
N LEU B 199 -66.31 -12.82 -41.08
CA LEU B 199 -66.80 -12.75 -39.71
C LEU B 199 -66.00 -11.73 -38.90
N ALA B 200 -64.67 -11.70 -39.08
CA ALA B 200 -63.86 -10.73 -38.35
C ALA B 200 -64.17 -9.30 -38.78
N LYS B 201 -64.35 -9.07 -40.09
CA LYS B 201 -64.67 -7.72 -40.54
C LYS B 201 -66.06 -7.32 -40.07
N GLN B 202 -67.02 -8.25 -40.12
CA GLN B 202 -68.37 -7.95 -39.67
C GLN B 202 -68.38 -7.48 -38.23
N ALA B 203 -67.78 -8.27 -37.33
CA ALA B 203 -67.75 -7.90 -35.91
C ALA B 203 -67.07 -6.56 -35.71
N PHE B 204 -65.91 -6.37 -36.35
CA PHE B 204 -65.24 -5.07 -36.29
C PHE B 204 -66.17 -3.96 -36.78
N ASP B 205 -66.78 -4.13 -37.96
CA ASP B 205 -67.63 -3.08 -38.50
C ASP B 205 -68.79 -2.76 -37.55
N GLU B 206 -69.46 -3.80 -37.05
CA GLU B 206 -70.57 -3.57 -36.14
C GLU B 206 -70.12 -2.82 -34.90
N ALA B 207 -68.92 -3.12 -34.39
CA ALA B 207 -68.41 -2.40 -33.24
C ALA B 207 -68.10 -0.95 -33.58
N ILE B 208 -67.39 -0.73 -34.68
CA ILE B 208 -67.10 0.64 -35.11
C ILE B 208 -68.40 1.45 -35.22
N ALA B 209 -69.43 0.86 -35.83
CA ALA B 209 -70.67 1.59 -36.04
C ALA B 209 -71.24 2.12 -34.72
N GLU B 210 -71.08 1.36 -33.64
CA GLU B 210 -71.59 1.75 -32.33
C GLU B 210 -70.45 2.09 -31.37
N LEU B 211 -69.37 2.68 -31.89
CA LEU B 211 -68.22 2.89 -31.03
C LEU B 211 -68.41 4.04 -30.04
N ASP B 212 -69.63 4.53 -29.84
CA ASP B 212 -69.92 5.46 -28.77
C ASP B 212 -70.65 4.80 -27.60
N THR B 213 -71.04 3.54 -27.74
CA THR B 213 -71.71 2.81 -26.66
C THR B 213 -70.74 2.18 -25.68
N LEU B 214 -69.54 1.80 -26.13
CA LEU B 214 -68.52 1.29 -25.23
C LEU B 214 -67.96 2.45 -24.41
N GLY B 215 -68.26 2.47 -23.12
CA GLY B 215 -67.83 3.53 -22.25
C GLY B 215 -66.58 3.16 -21.46
N GLU B 216 -65.96 4.18 -20.87
CA GLU B 216 -64.77 3.99 -20.06
C GLU B 216 -65.03 2.99 -18.95
N GLU B 217 -64.67 1.72 -19.20
CA GLU B 217 -64.92 0.62 -18.27
C GLU B 217 -64.61 -0.67 -19.04
N SER B 218 -65.38 -0.93 -20.09
CA SER B 218 -65.08 -1.99 -21.03
C SER B 218 -64.28 -1.48 -22.24
N TYR B 219 -64.31 -0.18 -22.50
CA TYR B 219 -63.67 0.42 -23.67
C TYR B 219 -62.28 -0.14 -23.91
N LYS B 220 -61.50 -0.34 -22.85
CA LYS B 220 -60.11 -0.75 -23.02
C LYS B 220 -60.02 -2.18 -23.53
N ASP B 221 -60.75 -3.10 -22.91
CA ASP B 221 -60.73 -4.49 -23.38
C ASP B 221 -61.28 -4.59 -24.81
N SER B 222 -62.28 -3.77 -25.14
CA SER B 222 -62.88 -3.87 -26.47
C SER B 222 -61.91 -3.41 -27.56
N THR B 223 -61.19 -2.31 -27.32
CA THR B 223 -60.26 -1.83 -28.34
C THR B 223 -59.16 -2.84 -28.60
N LEU B 224 -58.66 -3.50 -27.55
CA LEU B 224 -57.61 -4.51 -27.73
C LEU B 224 -58.11 -5.65 -28.60
N ILE B 225 -59.31 -6.16 -28.32
CA ILE B 225 -59.87 -7.22 -29.14
C ILE B 225 -60.13 -6.71 -30.56
N MET B 226 -60.58 -5.47 -30.69
CA MET B 226 -60.76 -4.91 -32.03
C MET B 226 -59.42 -4.80 -32.76
N GLN B 227 -58.35 -4.42 -32.04
CA GLN B 227 -57.04 -4.37 -32.67
C GLN B 227 -56.60 -5.76 -33.13
N LEU B 228 -56.90 -6.80 -32.33
CA LEU B 228 -56.56 -8.16 -32.73
C LEU B 228 -57.37 -8.58 -33.97
N LEU B 229 -58.66 -8.23 -34.01
CA LEU B 229 -59.44 -8.45 -35.23
C LEU B 229 -58.77 -7.78 -36.42
N ARG B 230 -58.44 -6.51 -36.29
CA ARG B 230 -57.79 -5.80 -37.39
C ARG B 230 -56.50 -6.50 -37.80
N ASP B 231 -55.68 -6.89 -36.82
CA ASP B 231 -54.38 -7.48 -37.13
C ASP B 231 -54.54 -8.81 -37.83
N ASN B 232 -55.47 -9.65 -37.38
CA ASN B 232 -55.71 -10.91 -38.08
C ASN B 232 -56.14 -10.65 -39.53
N LEU B 233 -57.07 -9.73 -39.73
CA LEU B 233 -57.55 -9.42 -41.09
C LEU B 233 -56.39 -9.02 -41.99
N THR B 234 -55.49 -8.16 -41.50
CA THR B 234 -54.31 -7.78 -42.26
C THR B 234 -53.46 -8.99 -42.63
N LEU B 235 -53.16 -9.85 -41.64
CA LEU B 235 -52.34 -11.02 -41.91
C LEU B 235 -53.04 -11.98 -42.87
N TRP B 236 -54.33 -12.24 -42.63
CA TRP B 236 -55.07 -13.14 -43.50
C TRP B 236 -55.24 -12.60 -44.91
N THR B 237 -55.06 -11.28 -45.09
CA THR B 237 -55.12 -10.67 -46.42
C THR B 237 -53.77 -10.62 -47.09
N SER B 238 -52.69 -10.46 -46.33
CA SER B 238 -51.35 -10.37 -46.89
C SER B 238 -50.60 -11.68 -46.67
N SER C 5 -23.43 16.95 5.46
CA SER C 5 -22.54 15.79 5.35
C SER C 5 -21.63 15.93 4.14
N GLY C 6 -20.90 17.04 4.07
CA GLY C 6 -20.06 17.34 2.93
C GLY C 6 -19.10 16.22 2.57
N ARG C 7 -18.20 15.89 3.50
CA ARG C 7 -17.19 14.87 3.22
C ARG C 7 -17.81 13.61 2.64
N GLU C 8 -18.86 13.09 3.29
CA GLU C 8 -19.50 11.88 2.80
C GLU C 8 -20.26 12.14 1.50
N GLU C 9 -20.96 13.27 1.41
CA GLU C 9 -21.69 13.60 0.19
C GLU C 9 -20.75 13.67 -1.01
N PHE C 10 -19.58 14.30 -0.84
CA PHE C 10 -18.71 14.50 -1.99
C PHE C 10 -17.95 13.23 -2.35
N VAL C 11 -17.68 12.37 -1.37
CA VAL C 11 -17.18 11.02 -1.67
C VAL C 11 -18.18 10.28 -2.56
N TYR C 12 -19.47 10.34 -2.18
CA TYR C 12 -20.50 9.67 -2.97
C TYR C 12 -20.56 10.24 -4.38
N MET C 13 -20.52 11.56 -4.50
CA MET C 13 -20.53 12.18 -5.83
C MET C 13 -19.32 11.78 -6.64
N ALA C 14 -18.15 11.65 -6.00
CA ALA C 14 -16.96 11.25 -6.71
C ALA C 14 -17.09 9.84 -7.25
N LYS C 15 -17.75 8.96 -6.48
CA LYS C 15 -17.99 7.61 -6.94
C LYS C 15 -18.98 7.58 -8.10
N LEU C 16 -20.01 8.41 -8.05
CA LEU C 16 -20.92 8.49 -9.19
C LEU C 16 -20.20 9.02 -10.42
N ALA C 17 -19.34 10.03 -10.23
CA ALA C 17 -18.60 10.59 -11.36
C ALA C 17 -17.68 9.55 -11.97
N GLU C 18 -17.08 8.70 -11.14
CA GLU C 18 -16.19 7.65 -11.65
C GLU C 18 -16.96 6.64 -12.49
N GLN C 19 -18.10 6.17 -11.98
CA GLN C 19 -18.94 5.24 -12.74
C GLN C 19 -19.40 5.85 -14.06
N ALA C 20 -19.66 7.15 -14.05
CA ALA C 20 -20.07 7.87 -15.25
C ALA C 20 -18.90 8.16 -16.17
N GLU C 21 -17.67 7.94 -15.71
CA GLU C 21 -16.46 8.23 -16.48
C GLU C 21 -16.34 9.71 -16.83
N ARG C 22 -16.84 10.56 -15.93
CA ARG C 22 -16.68 12.00 -16.00
C ARG C 22 -15.62 12.38 -14.95
N TYR C 23 -14.35 12.19 -15.33
CA TYR C 23 -13.28 12.22 -14.34
C TYR C 23 -12.89 13.61 -13.92
N GLU C 24 -13.09 14.62 -14.78
CA GLU C 24 -12.88 16.00 -14.39
C GLU C 24 -13.79 16.38 -13.23
N GLU C 25 -15.06 15.99 -13.30
CA GLU C 25 -15.97 16.18 -12.18
C GLU C 25 -15.56 15.34 -10.97
N MET C 26 -14.98 14.17 -11.21
CA MET C 26 -14.49 13.35 -10.10
C MET C 26 -13.39 14.08 -9.34
N VAL C 27 -12.50 14.76 -10.06
CA VAL C 27 -11.46 15.57 -9.43
C VAL C 27 -12.08 16.67 -8.58
N GLU C 28 -13.05 17.40 -9.14
CA GLU C 28 -13.69 18.49 -8.42
C GLU C 28 -14.29 18.01 -7.10
N PHE C 29 -14.93 16.84 -7.13
CA PHE C 29 -15.55 16.28 -5.93
C PHE C 29 -14.49 15.88 -4.91
N MET C 30 -13.38 15.33 -5.37
CA MET C 30 -12.32 14.94 -4.44
C MET C 30 -11.55 16.16 -3.92
N GLU C 31 -11.43 17.22 -4.72
CA GLU C 31 -10.93 18.48 -4.19
C GLU C 31 -11.82 19.00 -3.07
N LYS C 32 -13.15 18.84 -3.21
CA LYS C 32 -14.05 19.28 -2.15
C LYS C 32 -13.95 18.40 -0.93
N VAL C 33 -13.72 17.10 -1.12
CA VAL C 33 -13.45 16.22 0.02
C VAL C 33 -12.21 16.70 0.75
N SER C 34 -11.11 16.93 0.01
CA SER C 34 -9.88 17.36 0.64
C SER C 34 -10.05 18.66 1.39
N ALA C 35 -10.92 19.56 0.91
CA ALA C 35 -11.17 20.82 1.61
C ALA C 35 -11.99 20.59 2.86
N ALA C 36 -13.02 19.73 2.79
CA ALA C 36 -13.77 19.36 3.98
C ALA C 36 -12.93 18.58 4.98
N VAL C 37 -11.77 18.08 4.57
CA VAL C 37 -10.83 17.42 5.45
C VAL C 37 -9.85 18.49 5.92
N ASP C 38 -10.25 19.25 6.94
CA ASP C 38 -9.44 20.35 7.43
C ASP C 38 -8.35 19.78 8.33
N GLY C 39 -7.15 19.61 7.76
CA GLY C 39 -6.03 19.10 8.51
C GLY C 39 -5.99 17.60 8.70
N ASP C 40 -7.13 16.93 8.58
CA ASP C 40 -7.16 15.49 8.77
C ASP C 40 -6.48 14.78 7.60
N GLU C 41 -6.09 13.53 7.84
CA GLU C 41 -5.64 12.68 6.76
C GLU C 41 -6.83 12.15 5.99
N LEU C 42 -6.70 12.09 4.67
CA LEU C 42 -7.68 11.36 3.88
C LEU C 42 -7.66 9.88 4.29
N THR C 43 -8.84 9.27 4.25
CA THR C 43 -8.93 7.82 4.42
C THR C 43 -8.28 7.11 3.22
N VAL C 44 -8.04 5.81 3.37
CA VAL C 44 -7.48 5.04 2.26
C VAL C 44 -8.44 5.08 1.08
N GLU C 45 -9.75 5.01 1.35
CA GLU C 45 -10.76 5.11 0.28
C GLU C 45 -10.66 6.46 -0.44
N GLU C 46 -10.66 7.55 0.33
CA GLU C 46 -10.64 8.89 -0.25
C GLU C 46 -9.35 9.13 -1.04
N ARG C 47 -8.21 8.75 -0.49
N ARG C 47 -8.21 8.75 -0.48
CA ARG C 47 -6.98 9.06 -1.20
CA ARG C 47 -6.95 9.02 -1.16
C ARG C 47 -6.83 8.21 -2.46
C ARG C 47 -6.85 8.22 -2.45
N ASN C 48 -7.37 6.99 -2.44
CA ASN C 48 -7.36 6.19 -3.67
C ASN C 48 -8.33 6.75 -4.72
N LEU C 49 -9.43 7.36 -4.29
CA LEU C 49 -10.34 7.99 -5.23
C LEU C 49 -9.76 9.26 -5.83
N LEU C 50 -9.05 10.05 -5.01
CA LEU C 50 -8.34 11.22 -5.53
C LEU C 50 -7.32 10.81 -6.59
N SER C 51 -6.58 9.71 -6.35
CA SER C 51 -5.55 9.30 -7.29
C SER C 51 -6.15 8.78 -8.59
N VAL C 52 -7.24 8.03 -8.50
CA VAL C 52 -7.94 7.57 -9.70
C VAL C 52 -8.44 8.75 -10.53
N ALA C 53 -9.01 9.76 -9.87
CA ALA C 53 -9.54 10.91 -10.59
C ALA C 53 -8.45 11.68 -11.32
N TYR C 54 -7.37 12.00 -10.62
CA TYR C 54 -6.28 12.70 -11.31
C TYR C 54 -5.62 11.79 -12.34
N LYS C 55 -5.52 10.49 -12.05
CA LYS C 55 -4.85 9.58 -12.98
C LYS C 55 -5.55 9.57 -14.33
N ASN C 56 -6.88 9.49 -14.32
CA ASN C 56 -7.65 9.43 -15.56
C ASN C 56 -7.68 10.77 -16.27
N VAL C 57 -7.77 11.87 -15.51
CA VAL C 57 -7.75 13.19 -16.12
C VAL C 57 -6.41 13.45 -16.82
N ILE C 58 -5.30 13.17 -16.12
CA ILE C 58 -4.00 13.40 -16.74
C ILE C 58 -3.75 12.35 -17.82
N GLY C 59 -4.23 11.12 -17.62
CA GLY C 59 -3.95 10.07 -18.57
C GLY C 59 -4.51 10.35 -19.96
N ALA C 60 -5.70 10.94 -20.02
CA ALA C 60 -6.28 11.31 -21.31
C ALA C 60 -5.42 12.34 -22.03
N ARG C 61 -4.94 13.36 -21.30
CA ARG C 61 -4.10 14.38 -21.92
C ARG C 61 -2.75 13.81 -22.33
N ARG C 62 -2.17 12.90 -21.52
CA ARG C 62 -0.92 12.26 -21.91
C ARG C 62 -1.10 11.40 -23.16
N ALA C 63 -2.22 10.67 -23.23
CA ALA C 63 -2.48 9.89 -24.45
C ALA C 63 -2.63 10.82 -25.65
N SER C 64 -3.38 11.91 -25.49
CA SER C 64 -3.53 12.88 -26.58
C SER C 64 -2.18 13.49 -26.95
N TRP C 65 -1.36 13.84 -25.97
CA TRP C 65 -0.09 14.49 -26.25
C TRP C 65 0.82 13.59 -27.07
N ARG C 66 0.85 12.28 -26.75
CA ARG C 66 1.78 11.37 -27.41
C ARG C 66 1.44 11.22 -28.89
N ILE C 67 0.16 11.02 -29.20
CA ILE C 67 -0.23 10.83 -30.59
C ILE C 67 0.00 12.10 -31.38
N ILE C 68 -0.32 13.26 -30.79
CA ILE C 68 -0.11 14.53 -31.48
C ILE C 68 1.38 14.74 -31.74
N SER C 69 2.24 14.30 -30.82
CA SER C 69 3.67 14.47 -31.01
C SER C 69 4.19 13.55 -32.09
N SER C 70 3.70 12.31 -32.15
CA SER C 70 4.10 11.44 -33.25
C SER C 70 3.71 12.06 -34.58
N ILE C 71 2.50 12.61 -34.68
CA ILE C 71 2.06 13.26 -35.91
C ILE C 71 2.94 14.46 -36.22
N GLU C 72 3.29 15.25 -35.19
CA GLU C 72 4.13 16.41 -35.41
C GLU C 72 5.49 16.02 -35.97
N GLN C 73 6.06 14.92 -35.48
CA GLN C 73 7.37 14.52 -35.96
C GLN C 73 7.31 13.99 -37.39
N LYS C 74 6.22 13.32 -37.77
CA LYS C 74 6.13 12.79 -39.12
C LYS C 74 5.84 13.89 -40.14
N GLU C 75 5.21 15.00 -39.71
CA GLU C 75 5.01 16.12 -40.62
C GLU C 75 6.31 16.91 -40.83
N GLU C 76 7.05 17.16 -39.75
CA GLU C 76 8.35 17.81 -39.89
C GLU C 76 9.24 17.01 -40.85
N SER C 77 9.33 15.69 -40.63
CA SER C 77 10.17 14.87 -41.48
C SER C 77 9.76 14.98 -42.95
N ARG C 78 8.45 14.90 -43.21
CA ARG C 78 7.95 15.02 -44.58
C ARG C 78 8.00 16.45 -45.10
N GLY C 79 8.11 17.43 -44.22
CA GLY C 79 8.37 18.80 -44.64
C GLY C 79 7.16 19.67 -44.86
N ASN C 80 6.02 19.36 -44.26
CA ASN C 80 4.83 20.19 -44.40
C ASN C 80 4.82 21.18 -43.23
N ASP C 81 5.55 22.28 -43.41
CA ASP C 81 5.71 23.26 -42.35
C ASP C 81 4.38 23.87 -41.94
N ASP C 82 3.43 23.96 -42.87
CA ASP C 82 2.11 24.52 -42.52
C ASP C 82 1.38 23.61 -41.54
N HIS C 83 1.44 22.29 -41.77
CA HIS C 83 0.81 21.38 -40.83
C HIS C 83 1.52 21.41 -39.48
N VAL C 84 2.85 21.42 -39.49
CA VAL C 84 3.61 21.44 -38.22
C VAL C 84 3.16 22.62 -37.36
N THR C 85 3.11 23.81 -37.96
CA THR C 85 2.68 24.99 -37.21
C THR C 85 1.36 24.74 -36.50
N ALA C 86 0.36 24.23 -37.22
CA ALA C 86 -0.95 23.96 -36.63
C ALA C 86 -0.91 22.84 -35.61
N ILE C 87 -0.07 21.82 -35.81
CA ILE C 87 0.07 20.77 -34.80
C ILE C 87 0.73 21.32 -33.54
N ARG C 88 1.88 21.96 -33.70
CA ARG C 88 2.59 22.50 -32.55
C ARG C 88 1.68 23.41 -31.73
N GLU C 89 0.83 24.20 -32.41
CA GLU C 89 -0.12 25.03 -31.68
C GLU C 89 -1.10 24.17 -30.88
N TYR C 90 -1.62 23.10 -31.51
CA TYR C 90 -2.57 22.24 -30.82
C TYR C 90 -1.89 21.47 -29.69
N ARG C 91 -0.64 21.07 -29.88
CA ARG C 91 0.11 20.45 -28.80
C ARG C 91 0.30 21.41 -27.64
N SER C 92 0.54 22.70 -27.95
CA SER C 92 0.71 23.69 -26.89
C SER C 92 -0.54 23.79 -26.02
N LYS C 93 -1.73 23.69 -26.64
CA LYS C 93 -2.96 23.72 -25.87
C LYS C 93 -3.05 22.53 -24.91
N ILE C 94 -2.65 21.35 -25.39
CA ILE C 94 -2.69 20.16 -24.54
C ILE C 94 -1.68 20.30 -23.39
N GLU C 95 -0.48 20.79 -23.70
CA GLU C 95 0.51 20.98 -22.64
C GLU C 95 0.03 21.99 -21.60
N THR C 96 -0.75 22.99 -22.01
CA THR C 96 -1.31 23.93 -21.04
C THR C 96 -2.28 23.24 -20.10
N GLU C 97 -3.10 22.32 -20.63
CA GLU C 97 -3.96 21.53 -19.75
C GLU C 97 -3.13 20.64 -18.83
N LEU C 98 -2.16 19.90 -19.39
CA LEU C 98 -1.28 19.07 -18.57
C LEU C 98 -0.70 19.85 -17.40
N SER C 99 -0.14 21.03 -17.68
CA SER C 99 0.45 21.83 -16.62
C SER C 99 -0.59 22.19 -15.56
N GLY C 100 -1.81 22.53 -15.98
CA GLY C 100 -2.84 22.92 -15.05
C GLY C 100 -3.28 21.76 -14.17
N ILE C 101 -3.42 20.57 -14.76
CA ILE C 101 -3.79 19.38 -13.99
C ILE C 101 -2.69 19.03 -12.98
N CYS C 102 -1.44 18.98 -13.44
CA CYS C 102 -0.32 18.68 -12.55
C CYS C 102 -0.21 19.71 -11.44
N ASP C 103 -0.43 20.98 -11.78
CA ASP C 103 -0.38 22.04 -10.78
C ASP C 103 -1.48 21.87 -9.73
N GLY C 104 -2.66 21.38 -10.13
CA GLY C 104 -3.73 21.21 -9.16
C GLY C 104 -3.40 20.17 -8.09
N ILE C 105 -2.96 18.99 -8.50
CA ILE C 105 -2.70 17.93 -7.54
C ILE C 105 -1.43 18.24 -6.75
N LEU C 106 -0.42 18.80 -7.41
CA LEU C 106 0.83 19.13 -6.71
C LEU C 106 0.61 20.20 -5.64
N LYS C 107 -0.28 21.16 -5.88
CA LYS C 107 -0.59 22.15 -4.85
C LYS C 107 -1.29 21.49 -3.67
N LEU C 108 -2.16 20.53 -3.94
CA LEU C 108 -2.83 19.79 -2.88
C LEU C 108 -1.84 18.96 -2.09
N LEU C 109 -0.96 18.22 -2.77
CA LEU C 109 0.05 17.42 -2.12
C LEU C 109 0.96 18.27 -1.24
N ASP C 110 1.48 19.37 -1.79
CA ASP C 110 2.44 20.20 -1.06
C ASP C 110 1.78 20.95 0.09
N SER C 111 0.54 21.34 -0.03
CA SER C 111 -0.04 22.21 0.98
C SER C 111 -0.88 21.48 2.00
N ARG C 112 -1.34 20.26 1.71
CA ARG C 112 -2.23 19.55 2.62
C ARG C 112 -1.83 18.11 2.87
N LEU C 113 -1.69 17.34 1.79
CA LEU C 113 -1.63 15.89 1.92
C LEU C 113 -0.31 15.43 2.55
N ILE C 114 0.81 15.92 2.03
CA ILE C 114 2.12 15.52 2.52
C ILE C 114 2.31 16.01 3.96
N PRO C 115 2.03 17.27 4.26
CA PRO C 115 2.18 17.72 5.66
C PRO C 115 1.41 16.88 6.66
N ALA C 116 0.22 16.42 6.31
CA ALA C 116 -0.61 15.66 7.23
C ALA C 116 -0.29 14.17 7.24
N ALA C 117 0.50 13.68 6.30
CA ALA C 117 0.77 12.24 6.25
C ALA C 117 1.52 11.82 7.51
N ALA C 118 0.92 10.93 8.28
CA ALA C 118 1.48 10.54 9.58
C ALA C 118 2.26 9.23 9.53
N SER C 119 1.80 8.25 8.76
CA SER C 119 2.39 6.92 8.75
C SER C 119 3.39 6.75 7.62
N GLY C 120 4.21 5.72 7.74
CA GLY C 120 5.12 5.38 6.65
C GLY C 120 4.40 5.14 5.34
N ASP C 121 3.30 4.37 5.40
CA ASP C 121 2.50 4.12 4.21
C ASP C 121 2.08 5.41 3.51
N SER C 122 1.46 6.32 4.28
CA SER C 122 0.92 7.56 3.72
C SER C 122 2.01 8.46 3.18
N LYS C 123 3.12 8.62 3.92
CA LYS C 123 4.20 9.46 3.43
C LYS C 123 4.72 8.95 2.09
N VAL C 124 4.97 7.64 2.01
CA VAL C 124 5.47 7.08 0.76
C VAL C 124 4.43 7.27 -0.34
N PHE C 125 3.16 7.06 0.01
CA PHE C 125 2.10 7.21 -0.99
C PHE C 125 2.08 8.60 -1.61
N TYR C 126 2.03 9.64 -0.76
CA TYR C 126 1.91 11.01 -1.29
C TYR C 126 3.22 11.48 -1.92
N LEU C 127 4.36 11.11 -1.36
CA LEU C 127 5.63 11.50 -2.00
C LEU C 127 5.76 10.85 -3.38
N LYS C 128 5.36 9.59 -3.49
CA LYS C 128 5.39 8.94 -4.81
C LYS C 128 4.46 9.69 -5.78
N MET C 129 3.27 10.04 -5.31
CA MET C 129 2.32 10.78 -6.13
C MET C 129 2.89 12.10 -6.58
N LYS C 130 3.57 12.82 -5.66
CA LYS C 130 4.25 14.05 -6.02
C LYS C 130 5.28 13.79 -7.12
N GLY C 131 6.09 12.75 -6.95
CA GLY C 131 7.05 12.42 -8.00
C GLY C 131 6.37 12.10 -9.33
N ASP C 132 5.27 11.38 -9.28
CA ASP C 132 4.54 11.00 -10.50
C ASP C 132 4.14 12.22 -11.32
N TYR C 133 3.59 13.24 -10.66
CA TYR C 133 3.10 14.40 -11.41
C TYR C 133 4.23 15.34 -11.80
N HIS C 134 5.36 15.31 -11.10
CA HIS C 134 6.53 16.01 -11.63
C HIS C 134 7.09 15.24 -12.83
N ARG C 135 7.00 13.91 -12.81
CA ARG C 135 7.45 13.12 -13.96
C ARG C 135 6.57 13.39 -15.19
N TYR C 136 5.26 13.53 -15.00
CA TYR C 136 4.38 13.85 -16.13
C TYR C 136 4.73 15.22 -16.70
N LEU C 137 5.10 16.18 -15.84
CA LEU C 137 5.63 17.45 -16.34
C LEU C 137 6.91 17.23 -17.13
N ALA C 138 7.82 16.40 -16.62
CA ALA C 138 9.09 16.18 -17.32
C ALA C 138 8.88 15.53 -18.68
N GLU C 139 7.72 14.88 -18.89
CA GLU C 139 7.49 14.18 -20.15
C GLU C 139 7.37 15.12 -21.34
N PHE C 140 6.86 16.34 -21.14
CA PHE C 140 6.65 17.26 -22.25
C PHE C 140 7.43 18.56 -22.11
N LYS C 141 7.91 18.91 -20.92
CA LYS C 141 8.72 20.10 -20.79
C LYS C 141 10.02 19.94 -21.56
N THR C 142 10.67 21.06 -21.82
CA THR C 142 11.93 21.09 -22.55
C THR C 142 12.96 21.88 -21.75
N GLY C 143 14.21 21.75 -22.17
CA GLY C 143 15.28 22.58 -21.64
C GLY C 143 15.35 22.53 -20.12
N GLN C 144 15.67 23.67 -19.52
CA GLN C 144 15.86 23.70 -18.08
C GLN C 144 14.56 23.46 -17.33
N GLU C 145 13.42 23.82 -17.92
CA GLU C 145 12.14 23.49 -17.29
C GLU C 145 11.98 21.99 -17.16
N ARG C 146 12.52 21.21 -18.10
CA ARG C 146 12.46 19.76 -17.99
C ARG C 146 13.43 19.25 -16.92
N LYS C 147 14.62 19.86 -16.83
CA LYS C 147 15.57 19.47 -15.80
C LYS C 147 15.02 19.76 -14.41
N ASP C 148 14.38 20.92 -14.22
CA ASP C 148 13.75 21.24 -12.95
C ASP C 148 12.69 20.20 -12.58
N ALA C 149 11.87 19.79 -13.55
CA ALA C 149 10.85 18.78 -13.25
C ALA C 149 11.48 17.43 -12.91
N ALA C 150 12.50 17.02 -13.67
CA ALA C 150 13.17 15.76 -13.39
C ALA C 150 13.81 15.78 -12.02
N GLU C 151 14.36 16.93 -11.62
CA GLU C 151 14.97 17.05 -10.29
C GLU C 151 13.92 16.95 -9.19
N HIS C 152 12.74 17.53 -9.40
CA HIS C 152 11.66 17.42 -8.43
C HIS C 152 11.17 15.99 -8.33
N THR C 153 11.11 15.29 -9.47
CA THR C 153 10.75 13.87 -9.48
C THR C 153 11.75 13.05 -8.66
N LEU C 154 13.04 13.20 -8.94
CA LEU C 154 14.02 12.39 -8.23
C LEU C 154 13.99 12.67 -6.74
N ALA C 155 13.80 13.94 -6.38
CA ALA C 155 13.77 14.30 -4.96
C ALA C 155 12.62 13.63 -4.23
N ALA C 156 11.44 13.62 -4.83
CA ALA C 156 10.29 12.99 -4.20
C ALA C 156 10.42 11.47 -4.18
N TYR C 157 10.85 10.89 -5.29
CA TYR C 157 10.99 9.44 -5.35
C TYR C 157 12.07 8.96 -4.39
N LYS C 158 13.21 9.64 -4.35
CA LYS C 158 14.30 9.21 -3.48
C LYS C 158 13.91 9.34 -2.00
N SER C 159 13.26 10.45 -1.64
CA SER C 159 12.80 10.60 -0.27
C SER C 159 11.72 9.59 0.08
N ALA C 160 10.84 9.28 -0.88
CA ALA C 160 9.87 8.21 -0.67
C ALA C 160 10.58 6.87 -0.53
N GLN C 161 11.61 6.66 -1.35
CA GLN C 161 12.37 5.42 -1.30
C GLN C 161 13.04 5.24 0.06
N ASP C 162 13.59 6.32 0.61
CA ASP C 162 14.24 6.25 1.92
C ASP C 162 13.28 5.74 2.98
N ILE C 163 12.05 6.27 2.99
CA ILE C 163 11.06 5.86 3.99
C ILE C 163 10.56 4.45 3.68
N ALA C 164 10.29 4.16 2.40
CA ALA C 164 9.80 2.82 2.07
C ALA C 164 10.81 1.75 2.48
N ASN C 165 12.09 1.97 2.18
CA ASN C 165 13.12 1.00 2.59
C ASN C 165 13.12 0.79 4.09
N ALA C 166 12.77 1.82 4.86
CA ALA C 166 12.86 1.74 6.30
C ALA C 166 11.61 1.17 6.96
N GLU C 167 10.44 1.36 6.36
CA GLU C 167 9.19 1.13 7.08
C GLU C 167 8.22 0.19 6.40
N LEU C 168 8.45 -0.19 5.15
CA LEU C 168 7.51 -1.01 4.40
C LEU C 168 8.20 -2.30 3.95
N ALA C 169 7.47 -3.41 4.04
CA ALA C 169 7.99 -4.68 3.56
C ALA C 169 8.30 -4.61 2.07
N PRO C 170 9.25 -5.40 1.59
CA PRO C 170 9.59 -5.34 0.16
C PRO C 170 8.43 -5.71 -0.75
N THR C 171 7.39 -6.34 -0.20
CA THR C 171 6.23 -6.75 -0.98
C THR C 171 5.07 -5.75 -0.89
N HIS C 172 5.19 -4.71 -0.10
CA HIS C 172 4.09 -3.77 0.05
C HIS C 172 3.80 -3.10 -1.28
N PRO C 173 2.55 -3.10 -1.75
CA PRO C 173 2.27 -2.57 -3.10
C PRO C 173 2.67 -1.12 -3.29
N ILE C 174 2.69 -0.32 -2.22
CA ILE C 174 3.13 1.05 -2.35
C ILE C 174 4.63 1.10 -2.58
N ARG C 175 5.39 0.28 -1.84
CA ARG C 175 6.83 0.21 -2.06
C ARG C 175 7.15 -0.33 -3.44
N LEU C 176 6.41 -1.33 -3.90
CA LEU C 176 6.67 -1.90 -5.22
C LEU C 176 6.29 -0.93 -6.33
N GLY C 177 5.17 -0.21 -6.17
CA GLY C 177 4.77 0.76 -7.20
C GLY C 177 5.71 1.95 -7.27
N LEU C 178 6.22 2.39 -6.13
CA LEU C 178 7.28 3.40 -6.14
C LEU C 178 8.48 2.92 -6.96
N ALA C 179 8.95 1.70 -6.67
CA ALA C 179 10.10 1.18 -7.40
C ALA C 179 9.81 1.08 -8.88
N LEU C 180 8.58 0.69 -9.23
CA LEU C 180 8.19 0.62 -10.64
C LEU C 180 8.26 2.00 -11.29
N ASN C 181 7.64 3.00 -10.66
CA ASN C 181 7.59 4.32 -11.27
C ASN C 181 8.96 4.99 -11.23
N PHE C 182 9.73 4.75 -10.17
CA PHE C 182 11.11 5.24 -10.11
C PHE C 182 11.94 4.71 -11.27
N SER C 183 11.81 3.42 -11.57
CA SER C 183 12.58 2.86 -12.67
C SER C 183 12.08 3.39 -14.02
N VAL C 184 10.78 3.63 -14.15
CA VAL C 184 10.28 4.26 -15.38
C VAL C 184 10.90 5.64 -15.56
N PHE C 185 10.98 6.41 -14.47
CA PHE C 185 11.65 7.72 -14.52
C PHE C 185 13.08 7.57 -15.05
N TYR C 186 13.85 6.64 -14.50
CA TYR C 186 15.22 6.45 -14.98
C TYR C 186 15.26 6.22 -16.49
N TYR C 187 14.32 5.43 -17.00
CA TYR C 187 14.37 5.01 -18.40
C TYR C 187 13.78 6.06 -19.33
N GLU C 188 12.60 6.59 -19.00
CA GLU C 188 11.89 7.45 -19.96
C GLU C 188 12.37 8.89 -19.87
N ILE C 189 12.68 9.38 -18.67
CA ILE C 189 13.06 10.77 -18.51
C ILE C 189 14.58 10.94 -18.60
N LEU C 190 15.34 10.14 -17.86
CA LEU C 190 16.80 10.29 -17.83
C LEU C 190 17.51 9.44 -18.88
N ASN C 191 16.79 8.62 -19.64
CA ASN C 191 17.39 7.78 -20.67
C ASN C 191 18.58 7.00 -20.13
N SER C 192 18.35 6.34 -18.99
CA SER C 192 19.37 5.54 -18.31
C SER C 192 18.80 4.15 -18.09
N PRO C 193 18.87 3.28 -19.10
CA PRO C 193 18.25 1.95 -18.96
C PRO C 193 18.96 1.07 -17.94
N ASP C 194 20.27 1.16 -17.82
CA ASP C 194 20.99 0.31 -16.87
C ASP C 194 20.48 0.56 -15.45
N ARG C 195 20.46 1.82 -15.02
CA ARG C 195 19.98 2.12 -13.69
C ARG C 195 18.48 1.84 -13.54
N ALA C 196 17.71 1.98 -14.62
CA ALA C 196 16.31 1.60 -14.55
C ALA C 196 16.17 0.09 -14.34
N CYS C 197 17.01 -0.70 -15.02
CA CYS C 197 16.94 -2.15 -14.85
C CYS C 197 17.49 -2.59 -13.50
N ASN C 198 18.53 -1.92 -13.00
CA ASN C 198 19.05 -2.27 -11.67
C ASN C 198 17.96 -2.12 -10.61
N LEU C 199 17.29 -0.96 -10.60
CA LEU C 199 16.29 -0.70 -9.57
C LEU C 199 15.10 -1.62 -9.70
N ALA C 200 14.56 -1.77 -10.91
CA ALA C 200 13.42 -2.65 -11.10
C ALA C 200 13.79 -4.07 -10.73
N LYS C 201 15.01 -4.49 -11.05
CA LYS C 201 15.47 -5.84 -10.73
C LYS C 201 15.67 -6.02 -9.23
N GLN C 202 16.31 -5.04 -8.58
CA GLN C 202 16.51 -5.10 -7.14
C GLN C 202 15.17 -5.21 -6.42
N ALA C 203 14.22 -4.34 -6.78
CA ALA C 203 12.92 -4.34 -6.13
C ALA C 203 12.17 -5.64 -6.38
N PHE C 204 12.33 -6.22 -7.56
CA PHE C 204 11.70 -7.52 -7.81
C PHE C 204 12.37 -8.61 -6.98
N ASP C 205 13.71 -8.60 -6.91
CA ASP C 205 14.42 -9.58 -6.10
C ASP C 205 14.00 -9.49 -4.63
N GLU C 206 13.99 -8.28 -4.07
CA GLU C 206 13.67 -8.11 -2.66
C GLU C 206 12.26 -8.56 -2.34
N ALA C 207 11.34 -8.45 -3.30
CA ALA C 207 9.95 -8.83 -3.05
C ALA C 207 9.74 -10.32 -3.22
N ILE C 208 10.40 -10.94 -4.19
CA ILE C 208 10.23 -12.37 -4.41
C ILE C 208 10.76 -13.17 -3.25
N ALA C 209 11.70 -12.64 -2.48
CA ALA C 209 12.26 -13.35 -1.34
C ALA C 209 11.36 -13.35 -0.12
N GLU C 210 10.17 -12.74 -0.20
CA GLU C 210 9.26 -12.74 0.93
C GLU C 210 7.82 -13.01 0.55
N LEU C 211 7.56 -13.52 -0.66
CA LEU C 211 6.19 -13.79 -1.08
C LEU C 211 5.53 -14.88 -0.26
N ASP C 212 6.31 -15.76 0.38
CA ASP C 212 5.72 -16.86 1.14
C ASP C 212 5.14 -16.41 2.47
N THR C 213 5.18 -15.11 2.78
CA THR C 213 4.59 -14.60 4.01
C THR C 213 3.22 -13.98 3.80
N LEU C 214 2.79 -13.80 2.56
CA LEU C 214 1.59 -13.04 2.27
C LEU C 214 0.38 -13.97 2.17
N GLY C 215 -0.75 -13.49 2.67
CA GLY C 215 -2.03 -14.14 2.44
C GLY C 215 -2.42 -14.03 0.98
N GLU C 216 -3.52 -14.69 0.64
CA GLU C 216 -3.92 -14.76 -0.76
C GLU C 216 -4.31 -13.38 -1.29
N GLU C 217 -5.02 -12.58 -0.50
CA GLU C 217 -5.37 -11.23 -0.92
C GLU C 217 -4.12 -10.40 -1.22
N SER C 218 -3.20 -10.35 -0.25
CA SER C 218 -1.97 -9.57 -0.43
C SER C 218 -1.10 -10.16 -1.53
N TYR C 219 -1.14 -11.47 -1.72
CA TYR C 219 -0.33 -12.10 -2.75
C TYR C 219 -0.69 -11.56 -4.13
N LYS C 220 -1.98 -11.37 -4.40
CA LYS C 220 -2.40 -10.87 -5.70
C LYS C 220 -2.01 -9.41 -5.89
N ASP C 221 -2.12 -8.60 -4.83
CA ASP C 221 -1.76 -7.20 -4.96
C ASP C 221 -0.29 -7.02 -5.28
N SER C 222 0.57 -7.84 -4.67
CA SER C 222 2.01 -7.71 -4.87
C SER C 222 2.45 -8.26 -6.23
N THR C 223 1.99 -9.45 -6.59
CA THR C 223 2.45 -10.07 -7.84
C THR C 223 2.03 -9.25 -9.06
N LEU C 224 0.90 -8.56 -8.97
CA LEU C 224 0.48 -7.72 -10.10
C LEU C 224 1.53 -6.67 -10.41
N ILE C 225 1.97 -5.94 -9.38
CA ILE C 225 3.00 -4.93 -9.62
C ILE C 225 4.32 -5.59 -9.98
N MET C 226 4.62 -6.77 -9.41
CA MET C 226 5.88 -7.42 -9.72
C MET C 226 5.96 -7.85 -11.18
N GLN C 227 4.82 -8.20 -11.78
CA GLN C 227 4.84 -8.56 -13.19
C GLN C 227 5.00 -7.35 -14.10
N LEU C 228 4.60 -6.16 -13.63
CA LEU C 228 4.91 -4.93 -14.37
C LEU C 228 6.41 -4.65 -14.35
N LEU C 229 7.07 -4.92 -13.21
CA LEU C 229 8.52 -4.83 -13.20
C LEU C 229 9.11 -5.78 -14.24
N ARG C 230 8.62 -7.01 -14.28
CA ARG C 230 9.07 -7.97 -15.29
C ARG C 230 8.94 -7.40 -16.69
N ASP C 231 7.74 -6.95 -17.06
CA ASP C 231 7.49 -6.47 -18.42
C ASP C 231 8.48 -5.38 -18.81
N ASN C 232 8.67 -4.39 -17.94
CA ASN C 232 9.56 -3.29 -18.25
C ASN C 232 10.99 -3.77 -18.44
N LEU C 233 11.44 -4.73 -17.62
CA LEU C 233 12.81 -5.20 -17.73
C LEU C 233 13.05 -5.84 -19.09
N THR C 234 12.08 -6.62 -19.59
CA THR C 234 12.26 -7.27 -20.88
C THR C 234 12.35 -6.25 -22.01
N LEU C 235 11.55 -5.19 -21.93
CA LEU C 235 11.55 -4.21 -23.02
C LEU C 235 12.79 -3.33 -22.97
N TRP C 236 13.19 -2.89 -21.76
CA TRP C 236 14.37 -2.05 -21.64
C TRP C 236 15.66 -2.78 -22.03
N THR C 237 15.72 -4.08 -21.79
CA THR C 237 16.89 -4.87 -22.16
C THR C 237 16.83 -5.41 -23.58
N SER C 238 15.74 -5.15 -24.31
CA SER C 238 15.62 -5.57 -25.70
C SER C 238 16.20 -4.52 -26.64
N GLY D 6 -8.32 28.36 -43.75
CA GLY D 6 -9.77 28.42 -43.73
C GLY D 6 -10.42 27.05 -43.69
N ARG D 7 -11.17 26.73 -44.75
CA ARG D 7 -11.89 25.47 -44.79
C ARG D 7 -10.96 24.27 -44.61
N GLU D 8 -9.87 24.24 -45.36
CA GLU D 8 -8.97 23.10 -45.30
C GLU D 8 -8.19 23.08 -43.99
N GLU D 9 -7.82 24.25 -43.48
CA GLU D 9 -7.07 24.31 -42.23
C GLU D 9 -7.86 23.69 -41.09
N PHE D 10 -9.18 23.91 -41.08
CA PHE D 10 -10.00 23.42 -39.98
C PHE D 10 -10.33 21.94 -40.12
N VAL D 11 -10.40 21.43 -41.34
CA VAL D 11 -10.54 19.98 -41.52
C VAL D 11 -9.35 19.27 -40.89
N TYR D 12 -8.13 19.77 -41.15
CA TYR D 12 -6.94 19.17 -40.55
C TYR D 12 -7.00 19.24 -39.04
N MET D 13 -7.42 20.38 -38.49
CA MET D 13 -7.58 20.48 -37.04
C MET D 13 -8.57 19.44 -36.52
N ALA D 14 -9.69 19.26 -37.21
CA ALA D 14 -10.65 18.25 -36.80
C ALA D 14 -10.05 16.85 -36.86
N LYS D 15 -9.17 16.60 -37.84
CA LYS D 15 -8.51 15.31 -37.92
C LYS D 15 -7.56 15.12 -36.74
N LEU D 16 -6.83 16.18 -36.38
CA LEU D 16 -5.94 16.09 -35.21
C LEU D 16 -6.75 15.89 -33.93
N ALA D 17 -7.90 16.56 -33.83
CA ALA D 17 -8.74 16.38 -32.66
C ALA D 17 -9.24 14.94 -32.57
N GLU D 18 -9.53 14.32 -33.71
CA GLU D 18 -9.98 12.93 -33.72
C GLU D 18 -8.89 12.02 -33.16
N GLN D 19 -7.67 12.12 -33.72
CA GLN D 19 -6.55 11.33 -33.21
C GLN D 19 -6.39 11.51 -31.72
N ALA D 20 -6.45 12.75 -31.24
CA ALA D 20 -6.33 13.04 -29.82
C ALA D 20 -7.52 12.58 -29.01
N GLU D 21 -8.61 12.16 -29.66
CA GLU D 21 -9.85 11.79 -28.99
C GLU D 21 -10.37 12.92 -28.12
N ARG D 22 -10.23 14.15 -28.62
CA ARG D 22 -10.77 15.35 -27.98
C ARG D 22 -11.95 15.82 -28.83
N TYR D 23 -13.08 15.14 -28.65
CA TYR D 23 -14.18 15.22 -29.62
C TYR D 23 -15.01 16.48 -29.49
N GLU D 24 -15.10 17.06 -28.29
CA GLU D 24 -15.72 18.38 -28.17
C GLU D 24 -15.02 19.39 -29.06
N GLU D 25 -13.69 19.34 -29.10
CA GLU D 25 -12.94 20.24 -29.98
C GLU D 25 -13.10 19.83 -31.44
N MET D 26 -13.25 18.54 -31.72
CA MET D 26 -13.46 18.12 -33.10
C MET D 26 -14.77 18.70 -33.64
N VAL D 27 -15.82 18.69 -32.81
CA VAL D 27 -17.06 19.38 -33.17
C VAL D 27 -16.78 20.84 -33.51
N GLU D 28 -16.10 21.56 -32.62
CA GLU D 28 -15.83 22.97 -32.85
C GLU D 28 -15.15 23.20 -34.19
N PHE D 29 -14.16 22.36 -34.52
CA PHE D 29 -13.46 22.54 -35.79
C PHE D 29 -14.37 22.27 -36.99
N MET D 30 -15.24 21.26 -36.90
CA MET D 30 -16.12 20.94 -38.02
C MET D 30 -17.25 21.95 -38.17
N GLU D 31 -17.66 22.57 -37.07
CA GLU D 31 -18.65 23.65 -37.18
C GLU D 31 -18.04 24.89 -37.81
N LYS D 32 -16.74 25.11 -37.64
CA LYS D 32 -16.07 26.17 -38.36
C LYS D 32 -15.98 25.82 -39.84
N VAL D 33 -15.68 24.55 -40.16
CA VAL D 33 -15.67 24.10 -41.55
C VAL D 33 -16.99 24.44 -42.22
N SER D 34 -18.09 23.95 -41.64
CA SER D 34 -19.40 24.20 -42.24
C SER D 34 -19.67 25.69 -42.40
N ALA D 35 -19.12 26.52 -41.50
CA ALA D 35 -19.33 27.96 -41.62
C ALA D 35 -18.56 28.54 -42.80
N ALA D 36 -17.39 27.97 -43.11
CA ALA D 36 -16.58 28.45 -44.23
C ALA D 36 -17.11 28.03 -45.59
N VAL D 37 -18.06 27.09 -45.63
CA VAL D 37 -18.58 26.59 -46.90
C VAL D 37 -19.81 27.34 -47.39
N ASP D 38 -20.33 28.28 -46.60
CA ASP D 38 -21.58 28.97 -46.91
C ASP D 38 -22.63 27.98 -47.41
N GLY D 39 -23.35 28.32 -48.46
CA GLY D 39 -24.40 27.48 -48.97
C GLY D 39 -23.96 26.26 -49.76
N ASP D 40 -22.66 26.03 -49.88
CA ASP D 40 -22.16 24.89 -50.63
C ASP D 40 -22.20 23.63 -49.78
N GLU D 41 -21.97 22.49 -50.42
CA GLU D 41 -22.09 21.21 -49.77
C GLU D 41 -20.78 20.84 -49.06
N LEU D 42 -20.91 20.26 -47.87
CA LEU D 42 -19.77 19.57 -47.28
C LEU D 42 -19.40 18.39 -48.17
N THR D 43 -18.10 18.19 -48.39
CA THR D 43 -17.65 16.97 -49.03
C THR D 43 -18.11 15.76 -48.22
N VAL D 44 -17.98 14.58 -48.82
CA VAL D 44 -18.28 13.35 -48.10
C VAL D 44 -17.34 13.23 -46.89
N GLU D 45 -16.04 13.47 -47.11
CA GLU D 45 -15.08 13.39 -46.02
C GLU D 45 -15.47 14.32 -44.88
N GLU D 46 -15.85 15.57 -45.21
CA GLU D 46 -16.17 16.55 -44.18
C GLU D 46 -17.42 16.17 -43.39
N ARG D 47 -18.47 15.71 -44.08
CA ARG D 47 -19.70 15.41 -43.37
C ARG D 47 -19.56 14.19 -42.46
N ASN D 48 -18.70 13.23 -42.84
CA ASN D 48 -18.40 12.10 -41.96
C ASN D 48 -17.64 12.57 -40.72
N LEU D 49 -16.59 13.39 -40.93
CA LEU D 49 -15.88 13.99 -39.80
C LEU D 49 -16.86 14.68 -38.86
N LEU D 50 -17.77 15.49 -39.40
CA LEU D 50 -18.79 16.12 -38.58
C LEU D 50 -19.58 15.09 -37.80
N SER D 51 -20.00 14.01 -38.47
CA SER D 51 -20.83 13.00 -37.82
C SER D 51 -20.05 12.23 -36.76
N VAL D 52 -18.77 11.95 -37.02
CA VAL D 52 -17.95 11.25 -36.02
C VAL D 52 -17.82 12.12 -34.76
N ALA D 53 -17.59 13.42 -34.95
CA ALA D 53 -17.44 14.32 -33.82
C ALA D 53 -18.67 14.30 -32.91
N TYR D 54 -19.85 14.52 -33.48
CA TYR D 54 -21.04 14.55 -32.65
C TYR D 54 -21.41 13.17 -32.11
N LYS D 55 -21.15 12.12 -32.87
CA LYS D 55 -21.48 10.79 -32.38
C LYS D 55 -20.70 10.45 -31.12
N ASN D 56 -19.42 10.80 -31.09
CA ASN D 56 -18.60 10.52 -29.91
C ASN D 56 -18.96 11.44 -28.75
N VAL D 57 -19.28 12.70 -29.05
CA VAL D 57 -19.63 13.64 -27.98
C VAL D 57 -20.91 13.19 -27.30
N ILE D 58 -21.97 12.95 -28.09
CA ILE D 58 -23.23 12.53 -27.50
C ILE D 58 -23.11 11.13 -26.90
N GLY D 59 -22.31 10.27 -27.51
CA GLY D 59 -22.25 8.89 -27.04
C GLY D 59 -21.70 8.76 -25.63
N ALA D 60 -20.73 9.60 -25.28
CA ALA D 60 -20.19 9.56 -23.93
C ALA D 60 -21.26 9.93 -22.92
N ARG D 61 -22.11 10.90 -23.26
CA ARG D 61 -23.19 11.31 -22.36
C ARG D 61 -24.29 10.27 -22.29
N ARG D 62 -24.64 9.67 -23.43
CA ARG D 62 -25.60 8.57 -23.41
C ARG D 62 -25.11 7.42 -22.53
N ALA D 63 -23.83 7.06 -22.64
CA ALA D 63 -23.30 6.01 -21.77
C ALA D 63 -23.37 6.43 -20.31
N SER D 64 -22.97 7.67 -20.01
CA SER D 64 -23.01 8.13 -18.63
C SER D 64 -24.44 8.17 -18.12
N TRP D 65 -25.38 8.57 -18.97
CA TRP D 65 -26.77 8.68 -18.55
C TRP D 65 -27.35 7.32 -18.18
N ARG D 66 -27.04 6.29 -18.98
CA ARG D 66 -27.58 4.97 -18.71
C ARG D 66 -27.06 4.43 -17.38
N ILE D 67 -25.76 4.59 -17.11
CA ILE D 67 -25.19 4.09 -15.86
C ILE D 67 -25.83 4.78 -14.67
N ILE D 68 -25.93 6.10 -14.74
CA ILE D 68 -26.50 6.89 -13.65
C ILE D 68 -27.98 6.53 -13.45
N SER D 69 -28.69 6.24 -14.55
CA SER D 69 -30.11 5.88 -14.39
C SER D 69 -30.25 4.54 -13.69
N SER D 70 -29.39 3.57 -14.03
CA SER D 70 -29.43 2.29 -13.35
C SER D 70 -29.15 2.45 -11.87
N ILE D 71 -28.09 3.19 -11.53
CA ILE D 71 -27.75 3.41 -10.12
C ILE D 71 -28.92 4.07 -9.40
N GLU D 72 -29.56 5.04 -10.05
CA GLU D 72 -30.68 5.74 -9.44
C GLU D 72 -31.82 4.78 -9.13
N GLN D 73 -32.18 3.93 -10.10
CA GLN D 73 -33.29 3.01 -9.89
C GLN D 73 -32.99 2.06 -8.75
N LYS D 74 -31.73 1.62 -8.62
CA LYS D 74 -31.38 0.71 -7.53
C LYS D 74 -31.49 1.40 -6.17
N GLU D 75 -30.90 2.60 -6.06
CA GLU D 75 -30.96 3.32 -4.79
C GLU D 75 -32.40 3.63 -4.42
N GLU D 76 -33.27 3.84 -5.43
CA GLU D 76 -34.69 4.01 -5.14
C GLU D 76 -35.28 2.73 -4.57
N SER D 77 -34.90 1.57 -5.12
CA SER D 77 -35.39 0.31 -4.58
C SER D 77 -34.86 0.04 -3.19
N ARG D 78 -33.67 0.53 -2.86
CA ARG D 78 -33.13 0.36 -1.52
C ARG D 78 -33.64 1.42 -0.53
N GLY D 79 -34.39 2.41 -1.00
CA GLY D 79 -35.03 3.36 -0.12
C GLY D 79 -34.17 4.48 0.39
N ASN D 80 -33.03 4.76 -0.25
CA ASN D 80 -32.12 5.79 0.24
C ASN D 80 -32.41 7.10 -0.49
N ASP D 81 -33.34 7.87 0.08
CA ASP D 81 -33.75 9.11 -0.55
C ASP D 81 -32.59 10.07 -0.73
N ASP D 82 -31.71 10.16 0.27
CA ASP D 82 -30.58 11.07 0.17
C ASP D 82 -29.72 10.77 -1.06
N HIS D 83 -29.35 9.50 -1.24
CA HIS D 83 -28.58 9.12 -2.43
C HIS D 83 -29.39 9.38 -3.69
N VAL D 84 -30.65 8.96 -3.71
CA VAL D 84 -31.47 9.13 -4.92
C VAL D 84 -31.54 10.60 -5.32
N THR D 85 -31.71 11.50 -4.34
CA THR D 85 -31.75 12.92 -4.66
C THR D 85 -30.47 13.36 -5.35
N ALA D 86 -29.31 13.00 -4.77
CA ALA D 86 -28.04 13.40 -5.35
C ALA D 86 -27.84 12.79 -6.75
N ILE D 87 -28.25 11.54 -6.93
CA ILE D 87 -28.12 10.91 -8.23
C ILE D 87 -29.00 11.61 -9.25
N ARG D 88 -30.23 12.00 -8.85
CA ARG D 88 -31.13 12.67 -9.79
C ARG D 88 -30.58 14.04 -10.19
N GLU D 89 -29.99 14.78 -9.24
CA GLU D 89 -29.39 16.05 -9.58
C GLU D 89 -28.21 15.87 -10.54
N TYR D 90 -27.45 14.78 -10.38
CA TYR D 90 -26.37 14.51 -11.32
C TYR D 90 -26.91 14.11 -12.68
N ARG D 91 -27.97 13.29 -12.71
CA ARG D 91 -28.59 12.90 -13.97
C ARG D 91 -29.12 14.12 -14.72
N SER D 92 -29.70 15.09 -13.99
CA SER D 92 -30.20 16.31 -14.63
C SER D 92 -29.08 17.08 -15.29
N LYS D 93 -27.91 17.14 -14.66
CA LYS D 93 -26.77 17.81 -15.28
C LYS D 93 -26.39 17.14 -16.58
N ILE D 94 -26.41 15.81 -16.62
CA ILE D 94 -26.08 15.10 -17.86
C ILE D 94 -27.15 15.35 -18.93
N GLU D 95 -28.42 15.37 -18.53
CA GLU D 95 -29.49 15.60 -19.51
C GLU D 95 -29.41 16.99 -20.14
N THR D 96 -28.95 17.98 -19.39
CA THR D 96 -28.73 19.31 -19.97
C THR D 96 -27.62 19.28 -21.02
N GLU D 97 -26.55 18.53 -20.77
CA GLU D 97 -25.51 18.38 -21.77
C GLU D 97 -26.05 17.67 -23.00
N LEU D 98 -26.79 16.58 -22.80
CA LEU D 98 -27.39 15.87 -23.92
C LEU D 98 -28.26 16.81 -24.75
N SER D 99 -29.12 17.60 -24.09
CA SER D 99 -29.99 18.52 -24.82
C SER D 99 -29.18 19.56 -25.58
N GLY D 100 -28.10 20.07 -24.97
CA GLY D 100 -27.28 21.07 -25.64
C GLY D 100 -26.51 20.51 -26.83
N ILE D 101 -25.97 19.30 -26.69
CA ILE D 101 -25.29 18.66 -27.80
C ILE D 101 -26.25 18.46 -28.96
N CYS D 102 -27.42 17.88 -28.68
CA CYS D 102 -28.43 17.69 -29.74
C CYS D 102 -28.83 19.01 -30.38
N ASP D 103 -29.02 20.05 -29.54
CA ASP D 103 -29.46 21.33 -30.08
C ASP D 103 -28.42 21.91 -31.05
N GLY D 104 -27.15 21.73 -30.73
CA GLY D 104 -26.09 22.20 -31.61
C GLY D 104 -26.21 21.63 -33.01
N ILE D 105 -26.21 20.30 -33.12
CA ILE D 105 -26.22 19.68 -34.44
C ILE D 105 -27.56 19.89 -35.13
N LEU D 106 -28.66 19.89 -34.37
CA LEU D 106 -29.97 20.05 -34.99
C LEU D 106 -30.12 21.44 -35.63
N LYS D 107 -29.68 22.48 -34.93
CA LYS D 107 -29.74 23.82 -35.52
C LYS D 107 -28.82 23.93 -36.73
N LEU D 108 -27.65 23.28 -36.68
CA LEU D 108 -26.78 23.29 -37.85
C LEU D 108 -27.41 22.56 -39.02
N LEU D 109 -28.09 21.44 -38.76
CA LEU D 109 -28.72 20.67 -39.82
C LEU D 109 -29.86 21.48 -40.46
N ASP D 110 -30.67 22.16 -39.64
CA ASP D 110 -31.81 22.90 -40.16
C ASP D 110 -31.39 24.20 -40.84
N SER D 111 -30.30 24.82 -40.39
CA SER D 111 -29.90 26.12 -40.88
C SER D 111 -28.98 26.06 -42.08
N ARG D 112 -28.12 25.05 -42.17
CA ARG D 112 -27.12 25.03 -43.23
C ARG D 112 -27.14 23.73 -44.04
N LEU D 113 -27.02 22.60 -43.35
CA LEU D 113 -26.71 21.35 -44.03
C LEU D 113 -27.88 20.85 -44.87
N ILE D 114 -29.08 20.85 -44.31
CA ILE D 114 -30.24 20.33 -45.02
C ILE D 114 -30.59 21.25 -46.18
N PRO D 115 -30.69 22.57 -45.98
CA PRO D 115 -30.98 23.46 -47.12
C PRO D 115 -29.98 23.33 -48.25
N ALA D 116 -28.73 22.97 -47.97
CA ALA D 116 -27.71 22.88 -49.01
C ALA D 116 -27.62 21.51 -49.65
N ALA D 117 -28.22 20.48 -49.06
CA ALA D 117 -28.15 19.13 -49.61
C ALA D 117 -28.78 19.08 -50.98
N ALA D 118 -27.96 18.84 -52.01
CA ALA D 118 -28.40 18.93 -53.40
C ALA D 118 -28.28 17.60 -54.14
N SER D 119 -28.31 16.49 -53.44
CA SER D 119 -28.19 15.18 -54.05
C SER D 119 -28.97 14.17 -53.22
N GLY D 120 -29.15 12.99 -53.79
CA GLY D 120 -29.94 11.97 -53.11
C GLY D 120 -29.29 11.50 -51.81
N ASP D 121 -28.01 11.15 -51.88
CA ASP D 121 -27.34 10.65 -50.68
C ASP D 121 -27.15 11.74 -49.65
N SER D 122 -26.93 12.98 -50.08
CA SER D 122 -26.75 14.08 -49.14
C SER D 122 -28.02 14.29 -48.31
N LYS D 123 -29.16 14.41 -48.99
CA LYS D 123 -30.42 14.66 -48.28
C LYS D 123 -30.72 13.55 -47.29
N VAL D 124 -30.60 12.28 -47.72
CA VAL D 124 -30.89 11.17 -46.82
C VAL D 124 -29.91 11.18 -45.65
N PHE D 125 -28.66 11.51 -45.92
CA PHE D 125 -27.64 11.50 -44.88
C PHE D 125 -27.99 12.48 -43.76
N TYR D 126 -28.36 13.71 -44.13
CA TYR D 126 -28.65 14.75 -43.15
C TYR D 126 -30.02 14.57 -42.50
N LEU D 127 -31.00 14.06 -43.24
CA LEU D 127 -32.30 13.79 -42.64
C LEU D 127 -32.21 12.67 -41.61
N LYS D 128 -31.47 11.60 -41.95
CA LYS D 128 -31.24 10.53 -40.98
C LYS D 128 -30.55 11.07 -39.72
N MET D 129 -29.52 11.91 -39.91
CA MET D 129 -28.84 12.49 -38.76
C MET D 129 -29.81 13.33 -37.93
N LYS D 130 -30.69 14.07 -38.58
CA LYS D 130 -31.71 14.82 -37.85
C LYS D 130 -32.59 13.87 -37.03
N GLY D 131 -33.01 12.75 -37.65
CA GLY D 131 -33.78 11.77 -36.90
C GLY D 131 -32.98 11.16 -35.77
N ASP D 132 -31.68 10.94 -36.00
CA ASP D 132 -30.83 10.33 -34.98
C ASP D 132 -30.83 11.15 -33.69
N TYR D 133 -30.60 12.47 -33.81
CA TYR D 133 -30.45 13.31 -32.63
C TYR D 133 -31.79 13.66 -31.99
N HIS D 134 -32.88 13.65 -32.75
CA HIS D 134 -34.19 13.67 -32.11
C HIS D 134 -34.46 12.36 -31.38
N ARG D 135 -33.97 11.24 -31.90
CA ARG D 135 -34.12 9.99 -31.19
C ARG D 135 -33.31 9.99 -29.89
N TYR D 136 -32.10 10.57 -29.91
CA TYR D 136 -31.31 10.64 -28.69
C TYR D 136 -32.02 11.50 -27.65
N LEU D 137 -32.75 12.53 -28.10
CA LEU D 137 -33.58 13.30 -27.18
C LEU D 137 -34.68 12.45 -26.58
N ALA D 138 -35.31 11.60 -27.40
CA ALA D 138 -36.43 10.79 -26.95
C ALA D 138 -36.00 9.71 -25.97
N GLU D 139 -34.70 9.39 -25.90
CA GLU D 139 -34.23 8.39 -24.96
C GLU D 139 -34.36 8.84 -23.52
N PHE D 140 -34.30 10.14 -23.26
CA PHE D 140 -34.34 10.66 -21.88
C PHE D 140 -35.42 11.71 -21.64
N LYS D 141 -35.94 12.37 -22.65
CA LYS D 141 -37.01 13.34 -22.43
C LYS D 141 -38.27 12.62 -21.94
N THR D 142 -39.14 13.38 -21.28
CA THR D 142 -40.40 12.87 -20.77
C THR D 142 -41.55 13.79 -21.17
N GLY D 143 -42.77 13.31 -20.98
CA GLY D 143 -43.93 14.16 -21.21
C GLY D 143 -44.02 14.64 -22.64
N GLN D 144 -44.35 15.93 -22.79
CA GLN D 144 -44.56 16.49 -24.12
C GLN D 144 -43.27 16.57 -24.93
N GLU D 145 -42.14 16.89 -24.27
CA GLU D 145 -40.89 16.97 -25.01
C GLU D 145 -40.54 15.62 -25.63
N ARG D 146 -40.95 14.53 -25.00
CA ARG D 146 -40.62 13.22 -25.54
C ARG D 146 -41.51 12.92 -26.75
N LYS D 147 -42.82 13.19 -26.64
CA LYS D 147 -43.70 13.01 -27.79
C LYS D 147 -43.19 13.83 -28.97
N ASP D 148 -42.85 15.10 -28.73
CA ASP D 148 -42.38 15.95 -29.82
C ASP D 148 -41.08 15.40 -30.41
N ALA D 149 -40.19 14.89 -29.56
CA ALA D 149 -38.96 14.28 -30.07
C ALA D 149 -39.28 13.04 -30.91
N ALA D 150 -40.21 12.22 -30.44
CA ALA D 150 -40.55 11.03 -31.21
C ALA D 150 -41.24 11.41 -32.52
N GLU D 151 -42.03 12.48 -32.51
CA GLU D 151 -42.67 12.91 -33.75
C GLU D 151 -41.65 13.51 -34.71
N HIS D 152 -40.67 14.27 -34.19
CA HIS D 152 -39.61 14.81 -35.03
C HIS D 152 -38.74 13.69 -35.59
N THR D 153 -38.51 12.64 -34.80
CA THR D 153 -37.70 11.52 -35.27
C THR D 153 -38.38 10.82 -36.43
N LEU D 154 -39.67 10.50 -36.28
CA LEU D 154 -40.39 9.81 -37.35
C LEU D 154 -40.48 10.69 -38.58
N ALA D 155 -40.71 11.99 -38.40
CA ALA D 155 -40.80 12.90 -39.54
C ALA D 155 -39.49 12.91 -40.31
N ALA D 156 -38.36 12.91 -39.61
CA ALA D 156 -37.07 12.97 -40.30
C ALA D 156 -36.76 11.64 -40.99
N TYR D 157 -37.04 10.53 -40.30
CA TYR D 157 -36.70 9.23 -40.86
C TYR D 157 -37.59 8.91 -42.07
N LYS D 158 -38.89 9.20 -41.98
CA LYS D 158 -39.80 8.87 -43.07
C LYS D 158 -39.49 9.70 -44.31
N SER D 159 -39.22 10.99 -44.13
CA SER D 159 -38.83 11.82 -45.26
C SER D 159 -37.54 11.33 -45.87
N ALA D 160 -36.58 10.93 -45.03
CA ALA D 160 -35.36 10.34 -45.56
C ALA D 160 -35.66 9.05 -46.32
N GLN D 161 -36.56 8.23 -45.77
CA GLN D 161 -36.90 6.96 -46.40
C GLN D 161 -37.52 7.16 -47.78
N ASP D 162 -38.37 8.19 -47.92
CA ASP D 162 -38.95 8.47 -49.23
C ASP D 162 -37.86 8.72 -50.26
N ILE D 163 -36.92 9.61 -49.94
CA ILE D 163 -35.84 9.93 -50.86
C ILE D 163 -34.98 8.69 -51.12
N ALA D 164 -34.62 7.97 -50.05
CA ALA D 164 -33.72 6.83 -50.19
C ALA D 164 -34.32 5.74 -51.08
N ASN D 165 -35.56 5.36 -50.83
CA ASN D 165 -36.19 4.30 -51.62
C ASN D 165 -36.29 4.67 -53.10
N ALA D 166 -36.32 5.96 -53.42
CA ALA D 166 -36.47 6.38 -54.81
C ALA D 166 -35.14 6.71 -55.49
N GLU D 167 -34.09 7.01 -54.73
CA GLU D 167 -32.84 7.48 -55.33
C GLU D 167 -31.61 6.68 -54.96
N LEU D 168 -31.67 5.80 -53.96
CA LEU D 168 -30.52 5.04 -53.50
C LEU D 168 -30.79 3.54 -53.64
N ALA D 169 -29.76 2.81 -54.06
CA ALA D 169 -29.89 1.36 -54.20
C ALA D 169 -30.22 0.74 -52.84
N PRO D 170 -30.90 -0.40 -52.83
CA PRO D 170 -31.21 -1.06 -51.55
C PRO D 170 -29.96 -1.46 -50.78
N THR D 171 -28.77 -1.36 -51.38
CA THR D 171 -27.51 -1.73 -50.75
C THR D 171 -26.68 -0.52 -50.32
N HIS D 172 -27.10 0.69 -50.66
CA HIS D 172 -26.34 1.88 -50.30
C HIS D 172 -26.22 1.97 -48.78
N PRO D 173 -25.03 2.27 -48.25
CA PRO D 173 -24.88 2.27 -46.79
C PRO D 173 -25.73 3.31 -46.09
N ILE D 174 -25.94 4.47 -46.73
CA ILE D 174 -26.80 5.49 -46.12
C ILE D 174 -28.24 5.00 -46.05
N ARG D 175 -28.70 4.30 -47.08
CA ARG D 175 -30.05 3.75 -47.03
C ARG D 175 -30.12 2.61 -46.03
N LEU D 176 -29.10 1.76 -45.96
CA LEU D 176 -29.09 0.70 -44.97
C LEU D 176 -29.01 1.25 -43.54
N GLY D 177 -28.12 2.22 -43.31
CA GLY D 177 -28.03 2.82 -41.99
C GLY D 177 -29.32 3.45 -41.53
N LEU D 178 -30.09 4.03 -42.46
CA LEU D 178 -31.35 4.65 -42.11
C LEU D 178 -32.38 3.61 -41.70
N ALA D 179 -32.49 2.53 -42.47
CA ALA D 179 -33.38 1.43 -42.07
C ALA D 179 -33.00 0.88 -40.70
N LEU D 180 -31.70 0.65 -40.48
CA LEU D 180 -31.25 0.18 -39.18
C LEU D 180 -31.75 1.10 -38.07
N ASN D 181 -31.40 2.39 -38.17
CA ASN D 181 -31.76 3.33 -37.11
C ASN D 181 -33.27 3.53 -37.04
N PHE D 182 -33.95 3.57 -38.19
CA PHE D 182 -35.41 3.65 -38.20
C PHE D 182 -36.01 2.49 -37.42
N SER D 183 -35.53 1.27 -37.68
CA SER D 183 -36.04 0.11 -36.96
C SER D 183 -35.70 0.16 -35.46
N VAL D 184 -34.55 0.73 -35.09
CA VAL D 184 -34.25 0.91 -33.67
C VAL D 184 -35.25 1.88 -33.04
N PHE D 185 -35.59 2.95 -33.76
CA PHE D 185 -36.61 3.88 -33.30
C PHE D 185 -37.92 3.16 -32.99
N TYR D 186 -38.39 2.33 -33.92
CA TYR D 186 -39.58 1.53 -33.68
C TYR D 186 -39.45 0.67 -32.42
N TYR D 187 -38.36 -0.06 -32.29
CA TYR D 187 -38.24 -1.02 -31.19
C TYR D 187 -38.12 -0.30 -29.85
N GLU D 188 -37.20 0.66 -29.75
CA GLU D 188 -36.80 1.21 -28.47
C GLU D 188 -37.61 2.42 -28.03
N ILE D 189 -38.07 3.23 -28.96
CA ILE D 189 -38.80 4.46 -28.65
C ILE D 189 -40.30 4.24 -28.70
N LEU D 190 -40.79 3.60 -29.77
CA LEU D 190 -42.21 3.37 -29.96
C LEU D 190 -42.66 2.01 -29.45
N ASN D 191 -41.74 1.18 -28.98
CA ASN D 191 -42.04 -0.14 -28.42
C ASN D 191 -42.93 -0.94 -29.36
N SER D 192 -42.55 -0.95 -30.63
CA SER D 192 -43.27 -1.64 -31.70
C SER D 192 -42.33 -2.67 -32.30
N PRO D 193 -42.19 -3.83 -31.65
CA PRO D 193 -41.23 -4.83 -32.17
C PRO D 193 -41.62 -5.37 -33.53
N ASP D 194 -42.92 -5.50 -33.81
CA ASP D 194 -43.34 -6.05 -35.09
C ASP D 194 -42.88 -5.16 -36.24
N ARG D 195 -43.21 -3.89 -36.20
CA ARG D 195 -42.80 -3.00 -37.29
C ARG D 195 -41.28 -2.85 -37.33
N ALA D 196 -40.63 -2.93 -36.17
CA ALA D 196 -39.16 -2.88 -36.14
C ALA D 196 -38.58 -4.04 -36.93
N CYS D 197 -38.98 -5.26 -36.59
CA CYS D 197 -38.50 -6.44 -37.32
C CYS D 197 -38.88 -6.36 -38.79
N ASN D 198 -40.13 -6.04 -39.09
CA ASN D 198 -40.57 -5.99 -40.48
C ASN D 198 -39.71 -5.02 -41.29
N LEU D 199 -39.43 -3.84 -40.74
CA LEU D 199 -38.60 -2.89 -41.46
C LEU D 199 -37.17 -3.41 -41.61
N ALA D 200 -36.61 -3.95 -40.53
CA ALA D 200 -35.23 -4.45 -40.58
C ALA D 200 -35.12 -5.61 -41.57
N LYS D 201 -36.04 -6.57 -41.47
CA LYS D 201 -36.00 -7.71 -42.38
C LYS D 201 -36.17 -7.28 -43.83
N GLN D 202 -37.10 -6.35 -44.09
CA GLN D 202 -37.33 -5.90 -45.45
C GLN D 202 -36.09 -5.26 -46.03
N ALA D 203 -35.45 -4.36 -45.27
CA ALA D 203 -34.23 -3.73 -45.74
C ALA D 203 -33.13 -4.76 -45.96
N PHE D 204 -33.03 -5.75 -45.07
CA PHE D 204 -32.02 -6.78 -45.22
C PHE D 204 -32.26 -7.63 -46.46
N ASP D 205 -33.52 -7.98 -46.73
CA ASP D 205 -33.81 -8.85 -47.87
C ASP D 205 -33.69 -8.08 -49.19
N GLU D 206 -34.14 -6.83 -49.23
CA GLU D 206 -33.99 -6.03 -50.44
C GLU D 206 -32.53 -5.84 -50.80
N ALA D 207 -31.62 -5.95 -49.82
CA ALA D 207 -30.20 -5.72 -50.09
C ALA D 207 -29.52 -6.98 -50.61
N ILE D 208 -29.75 -8.12 -49.96
CA ILE D 208 -29.13 -9.37 -50.40
C ILE D 208 -29.53 -9.69 -51.83
N ALA D 209 -30.70 -9.22 -52.26
CA ALA D 209 -31.13 -9.41 -53.64
C ALA D 209 -30.12 -8.78 -54.61
N GLU D 210 -29.87 -7.49 -54.45
CA GLU D 210 -28.95 -6.76 -55.31
C GLU D 210 -27.52 -6.75 -54.79
N LEU D 211 -27.21 -7.60 -53.80
CA LEU D 211 -25.88 -7.57 -53.19
C LEU D 211 -24.81 -8.14 -54.12
N ASP D 212 -25.20 -8.87 -55.17
CA ASP D 212 -24.22 -9.51 -56.04
C ASP D 212 -23.51 -8.52 -56.96
N THR D 213 -23.89 -7.24 -56.94
CA THR D 213 -23.30 -6.24 -57.84
C THR D 213 -22.39 -5.26 -57.13
N LEU D 214 -22.16 -5.41 -55.83
CA LEU D 214 -21.32 -4.48 -55.10
C LEU D 214 -19.85 -4.83 -55.27
N GLY D 215 -19.01 -3.80 -55.34
CA GLY D 215 -17.59 -3.98 -55.52
C GLY D 215 -16.83 -4.14 -54.23
N GLU D 216 -15.67 -3.52 -54.12
CA GLU D 216 -14.84 -3.63 -52.93
C GLU D 216 -15.45 -2.83 -51.78
N GLU D 217 -15.29 -1.51 -51.81
CA GLU D 217 -15.83 -0.66 -50.75
C GLU D 217 -17.32 -0.92 -50.53
N SER D 218 -18.06 -1.09 -51.63
CA SER D 218 -19.50 -1.28 -51.52
C SER D 218 -19.84 -2.52 -50.70
N TYR D 219 -19.06 -3.59 -50.86
CA TYR D 219 -19.31 -4.81 -50.10
C TYR D 219 -18.82 -4.71 -48.66
N LYS D 220 -17.93 -3.78 -48.37
CA LYS D 220 -17.37 -3.65 -47.03
C LYS D 220 -18.38 -3.03 -46.07
N ASP D 221 -18.66 -1.73 -46.24
CA ASP D 221 -19.48 -1.02 -45.26
C ASP D 221 -20.90 -1.57 -45.24
N SER D 222 -21.47 -1.86 -46.41
CA SER D 222 -22.81 -2.40 -46.46
C SER D 222 -22.90 -3.74 -45.73
N THR D 223 -21.85 -4.55 -45.79
CA THR D 223 -21.86 -5.81 -45.07
C THR D 223 -21.93 -5.60 -43.56
N LEU D 224 -21.36 -4.49 -43.07
CA LEU D 224 -21.34 -4.25 -41.63
C LEU D 224 -22.71 -3.81 -41.13
N ILE D 225 -23.42 -3.00 -41.91
CA ILE D 225 -24.74 -2.55 -41.48
C ILE D 225 -25.73 -3.70 -41.57
N MET D 226 -25.64 -4.51 -42.64
CA MET D 226 -26.52 -5.67 -42.75
C MET D 226 -26.28 -6.64 -41.59
N GLN D 227 -25.04 -6.78 -41.15
CA GLN D 227 -24.76 -7.61 -39.99
C GLN D 227 -25.45 -7.07 -38.75
N LEU D 228 -25.45 -5.75 -38.58
CA LEU D 228 -26.16 -5.14 -37.45
C LEU D 228 -27.66 -5.35 -37.56
N LEU D 229 -28.21 -5.25 -38.78
CA LEU D 229 -29.61 -5.62 -38.98
C LEU D 229 -29.83 -7.07 -38.60
N ARG D 230 -28.92 -7.96 -39.02
CA ARG D 230 -29.02 -9.37 -38.69
C ARG D 230 -28.98 -9.58 -37.18
N ASP D 231 -28.05 -8.91 -36.50
CA ASP D 231 -27.96 -9.03 -35.05
C ASP D 231 -29.28 -8.65 -34.40
N ASN D 232 -29.76 -7.44 -34.67
CA ASN D 232 -30.99 -6.95 -34.05
C ASN D 232 -32.14 -7.93 -34.24
N LEU D 233 -32.34 -8.39 -35.49
CA LEU D 233 -33.43 -9.31 -35.76
C LEU D 233 -33.35 -10.54 -34.87
N THR D 234 -32.16 -11.12 -34.74
CA THR D 234 -32.01 -12.28 -33.86
C THR D 234 -32.38 -11.94 -32.43
N LEU D 235 -31.96 -10.77 -31.94
CA LEU D 235 -32.25 -10.39 -30.58
C LEU D 235 -33.73 -10.06 -30.40
N TRP D 236 -34.33 -9.38 -31.38
CA TRP D 236 -35.71 -8.93 -31.27
C TRP D 236 -36.72 -10.06 -31.38
N THR D 237 -36.30 -11.26 -31.79
CA THR D 237 -37.19 -12.41 -31.85
C THR D 237 -37.13 -13.29 -30.61
N SER D 238 -36.14 -13.06 -29.73
CA SER D 238 -36.01 -13.83 -28.49
C SER D 238 -36.69 -13.10 -27.34
N GLY E 6 -10.71 -21.01 49.06
CA GLY E 6 -10.83 -22.44 48.82
C GLY E 6 -10.69 -22.78 47.34
N ARG E 7 -11.66 -22.33 46.55
CA ARG E 7 -11.60 -22.52 45.11
C ARG E 7 -10.26 -22.05 44.55
N GLU E 8 -9.83 -20.86 44.96
CA GLU E 8 -8.62 -20.30 44.39
C GLU E 8 -7.38 -20.99 44.93
N GLU E 9 -7.40 -21.38 46.20
CA GLU E 9 -6.30 -22.15 46.77
C GLU E 9 -6.06 -23.43 45.98
N PHE E 10 -7.13 -24.17 45.67
CA PHE E 10 -6.95 -25.45 44.99
C PHE E 10 -6.60 -25.24 43.53
N VAL E 11 -7.09 -24.17 42.91
CA VAL E 11 -6.61 -23.82 41.57
C VAL E 11 -5.11 -23.56 41.61
N TYR E 12 -4.65 -22.80 42.61
CA TYR E 12 -3.21 -22.55 42.71
C TYR E 12 -2.45 -23.84 42.95
N MET E 13 -2.95 -24.68 43.86
CA MET E 13 -2.30 -25.96 44.10
C MET E 13 -2.22 -26.79 42.83
N ALA E 14 -3.29 -26.78 42.03
CA ALA E 14 -3.28 -27.57 40.80
C ALA E 14 -2.18 -27.09 39.88
N LYS E 15 -1.99 -25.77 39.80
CA LYS E 15 -0.94 -25.23 38.94
C LYS E 15 0.45 -25.63 39.43
N LEU E 16 0.64 -25.68 40.75
CA LEU E 16 1.91 -26.15 41.29
C LEU E 16 2.15 -27.59 40.87
N ALA E 17 1.14 -28.45 41.04
CA ALA E 17 1.33 -29.87 40.72
C ALA E 17 1.61 -30.07 39.25
N GLU E 18 1.01 -29.24 38.38
CA GLU E 18 1.31 -29.31 36.95
C GLU E 18 2.79 -29.01 36.68
N GLN E 19 3.29 -27.90 37.20
CA GLN E 19 4.70 -27.59 37.03
C GLN E 19 5.59 -28.66 37.63
N ALA E 20 5.17 -29.25 38.76
CA ALA E 20 5.96 -30.33 39.34
C ALA E 20 5.79 -31.63 38.57
N GLU E 21 4.86 -31.68 37.63
CA GLU E 21 4.56 -32.89 36.88
C GLU E 21 4.12 -34.02 37.81
N ARG E 22 3.36 -33.67 38.83
CA ARG E 22 2.71 -34.61 39.73
C ARG E 22 1.22 -34.60 39.41
N TYR E 23 0.86 -35.30 38.35
CA TYR E 23 -0.47 -35.12 37.75
C TYR E 23 -1.55 -35.84 38.53
N GLU E 24 -1.22 -36.93 39.23
CA GLU E 24 -2.21 -37.54 40.10
C GLU E 24 -2.68 -36.55 41.16
N GLU E 25 -1.76 -35.77 41.73
CA GLU E 25 -2.15 -34.74 42.69
C GLU E 25 -2.88 -33.58 42.01
N MET E 26 -2.53 -33.26 40.76
CA MET E 26 -3.28 -32.24 40.03
C MET E 26 -4.74 -32.64 39.89
N VAL E 27 -5.01 -33.92 39.59
CA VAL E 27 -6.40 -34.38 39.51
C VAL E 27 -7.10 -34.14 40.83
N GLU E 28 -6.49 -34.57 41.94
CA GLU E 28 -7.11 -34.40 43.24
C GLU E 28 -7.46 -32.95 43.51
N PHE E 29 -6.53 -32.03 43.20
CA PHE E 29 -6.76 -30.62 43.46
C PHE E 29 -7.88 -30.09 42.55
N MET E 30 -7.92 -30.54 41.32
CA MET E 30 -9.01 -30.10 40.43
C MET E 30 -10.33 -30.75 40.81
N GLU E 31 -10.32 -31.94 41.42
CA GLU E 31 -11.54 -32.50 42.00
C GLU E 31 -12.05 -31.61 43.11
N LYS E 32 -11.16 -31.05 43.93
CA LYS E 32 -11.58 -30.16 44.99
C LYS E 32 -12.12 -28.84 44.44
N VAL E 33 -11.49 -28.31 43.40
CA VAL E 33 -12.01 -27.11 42.75
C VAL E 33 -13.43 -27.35 42.31
N SER E 34 -13.66 -28.49 41.65
CA SER E 34 -14.96 -28.79 41.09
C SER E 34 -16.02 -28.94 42.17
N ALA E 35 -15.64 -29.42 43.36
CA ALA E 35 -16.60 -29.54 44.45
C ALA E 35 -16.89 -28.21 45.11
N ALA E 36 -15.99 -27.22 44.96
CA ALA E 36 -16.14 -25.94 45.65
C ALA E 36 -16.84 -24.88 44.81
N VAL E 37 -17.21 -25.20 43.57
CA VAL E 37 -17.91 -24.21 42.75
C VAL E 37 -19.40 -24.21 43.03
N ASP E 38 -19.96 -25.31 43.53
CA ASP E 38 -21.34 -25.37 44.02
C ASP E 38 -22.32 -25.14 42.87
N GLY E 39 -22.41 -26.16 42.02
CA GLY E 39 -23.31 -26.14 40.88
C GLY E 39 -23.00 -25.11 39.81
N ASP E 40 -21.98 -24.29 40.00
CA ASP E 40 -21.57 -23.27 39.04
C ASP E 40 -20.64 -23.89 37.99
N GLU E 41 -20.48 -23.17 36.89
CA GLU E 41 -19.61 -23.63 35.82
C GLU E 41 -18.14 -23.36 36.14
N LEU E 42 -17.28 -24.30 35.78
CA LEU E 42 -15.85 -24.05 35.82
C LEU E 42 -15.49 -22.93 34.84
N THR E 43 -14.50 -22.13 35.22
CA THR E 43 -13.96 -21.16 34.29
C THR E 43 -13.20 -21.89 33.18
N VAL E 44 -12.89 -21.17 32.11
CA VAL E 44 -12.09 -21.77 31.05
C VAL E 44 -10.74 -22.22 31.60
N GLU E 45 -10.11 -21.38 32.44
CA GLU E 45 -8.84 -21.76 33.05
C GLU E 45 -8.96 -23.06 33.84
N GLU E 46 -9.99 -23.14 34.69
CA GLU E 46 -10.21 -24.32 35.52
C GLU E 46 -10.56 -25.52 34.65
N ARG E 47 -11.50 -25.33 33.73
CA ARG E 47 -11.84 -26.37 32.79
CA ARG E 47 -11.84 -26.36 32.77
C ARG E 47 -10.59 -26.97 32.16
N ASN E 48 -9.69 -26.12 31.68
CA ASN E 48 -8.53 -26.63 30.97
C ASN E 48 -7.54 -27.29 31.91
N LEU E 49 -7.45 -26.85 33.17
CA LEU E 49 -6.57 -27.50 34.13
C LEU E 49 -7.07 -28.90 34.48
N LEU E 50 -8.39 -29.07 34.66
CA LEU E 50 -8.98 -30.38 34.86
C LEU E 50 -8.66 -31.30 33.68
N SER E 51 -8.78 -30.79 32.45
CA SER E 51 -8.47 -31.59 31.28
C SER E 51 -7.01 -31.98 31.23
N VAL E 52 -6.10 -31.04 31.44
CA VAL E 52 -4.67 -31.35 31.43
C VAL E 52 -4.38 -32.44 32.46
N ALA E 53 -4.94 -32.29 33.66
CA ALA E 53 -4.62 -33.23 34.73
C ALA E 53 -5.08 -34.64 34.39
N TYR E 54 -6.36 -34.80 34.01
CA TYR E 54 -6.83 -36.14 33.67
C TYR E 54 -6.15 -36.64 32.40
N LYS E 55 -5.87 -35.75 31.44
CA LYS E 55 -5.20 -36.19 30.21
C LYS E 55 -3.85 -36.81 30.50
N ASN E 56 -3.08 -36.23 31.42
CA ASN E 56 -1.75 -36.74 31.70
C ASN E 56 -1.82 -38.01 32.54
N VAL E 57 -2.74 -38.06 33.50
CA VAL E 57 -2.87 -39.26 34.32
C VAL E 57 -3.29 -40.45 33.47
N ILE E 58 -4.31 -40.27 32.62
CA ILE E 58 -4.73 -41.36 31.76
C ILE E 58 -3.70 -41.62 30.68
N GLY E 59 -3.01 -40.59 30.20
CA GLY E 59 -2.06 -40.78 29.13
C GLY E 59 -0.89 -41.66 29.52
N ALA E 60 -0.47 -41.59 30.77
CA ALA E 60 0.61 -42.47 31.24
C ALA E 60 0.16 -43.92 31.24
N ARG E 61 -1.04 -44.19 31.75
CA ARG E 61 -1.53 -45.57 31.76
C ARG E 61 -1.84 -46.07 30.36
N ARG E 62 -2.30 -45.19 29.46
CA ARG E 62 -2.54 -45.63 28.09
C ARG E 62 -1.22 -46.04 27.44
N ALA E 63 -0.17 -45.24 27.65
CA ALA E 63 1.16 -45.60 27.15
C ALA E 63 1.63 -46.91 27.76
N SER E 64 1.50 -47.07 29.08
CA SER E 64 1.90 -48.31 29.73
C SER E 64 1.14 -49.50 29.19
N TRP E 65 -0.18 -49.37 29.03
CA TRP E 65 -1.00 -50.46 28.53
C TRP E 65 -0.54 -50.91 27.14
N ARG E 66 -0.20 -49.94 26.27
CA ARG E 66 0.12 -50.30 24.90
C ARG E 66 1.44 -51.04 24.81
N ILE E 67 2.44 -50.63 25.59
CA ILE E 67 3.72 -51.34 25.58
C ILE E 67 3.54 -52.74 26.15
N ILE E 68 2.75 -52.87 27.22
CA ILE E 68 2.56 -54.18 27.85
C ILE E 68 1.79 -55.11 26.93
N SER E 69 0.77 -54.58 26.22
CA SER E 69 0.04 -55.40 25.26
C SER E 69 0.94 -55.89 24.15
N SER E 70 1.84 -55.04 23.66
CA SER E 70 2.75 -55.47 22.62
C SER E 70 3.66 -56.58 23.12
N ILE E 71 4.14 -56.45 24.37
CA ILE E 71 4.97 -57.50 24.96
C ILE E 71 4.15 -58.76 25.15
N GLU E 72 2.86 -58.61 25.50
CA GLU E 72 2.02 -59.78 25.72
C GLU E 72 1.84 -60.59 24.43
N GLN E 73 1.77 -59.90 23.28
CA GLN E 73 1.51 -60.63 22.05
C GLN E 73 2.76 -61.32 21.55
N LYS E 74 3.93 -60.71 21.74
CA LYS E 74 5.17 -61.35 21.31
C LYS E 74 5.44 -62.60 22.16
N GLU E 75 5.19 -62.53 23.46
CA GLU E 75 5.34 -63.73 24.30
C GLU E 75 4.27 -64.76 23.98
N GLU E 76 3.11 -64.32 23.51
CA GLU E 76 2.07 -65.27 23.10
C GLU E 76 2.49 -66.02 21.85
N SER E 77 3.05 -65.32 20.87
CA SER E 77 3.55 -65.98 19.67
C SER E 77 4.76 -66.86 19.98
N ARG E 78 5.52 -66.52 21.03
CA ARG E 78 6.67 -67.33 21.43
C ARG E 78 6.28 -68.56 22.24
N GLY E 79 5.05 -68.61 22.75
CA GLY E 79 4.63 -69.75 23.54
C GLY E 79 5.09 -69.79 24.98
N ASN E 80 5.57 -68.67 25.51
CA ASN E 80 5.97 -68.62 26.91
C ASN E 80 4.73 -68.43 27.78
N ASP E 81 4.08 -69.55 28.11
CA ASP E 81 2.84 -69.49 28.86
C ASP E 81 3.04 -68.82 30.21
N ASP E 82 4.14 -69.13 30.89
CA ASP E 82 4.41 -68.51 32.18
C ASP E 82 4.50 -67.00 32.06
N HIS E 83 5.31 -66.52 31.10
CA HIS E 83 5.45 -65.08 30.90
C HIS E 83 4.10 -64.44 30.60
N VAL E 84 3.37 -64.98 29.62
CA VAL E 84 2.06 -64.44 29.27
C VAL E 84 1.19 -64.31 30.51
N THR E 85 1.19 -65.34 31.37
CA THR E 85 0.34 -65.28 32.56
C THR E 85 0.69 -64.08 33.42
N ALA E 86 1.99 -63.85 33.64
CA ALA E 86 2.42 -62.73 34.48
C ALA E 86 2.14 -61.40 33.79
N ILE E 87 2.33 -61.34 32.47
CA ILE E 87 2.02 -60.11 31.75
C ILE E 87 0.53 -59.80 31.84
N ARG E 88 -0.30 -60.84 31.72
CA ARG E 88 -1.75 -60.65 31.73
C ARG E 88 -2.22 -60.00 33.02
N GLU E 89 -1.72 -60.46 34.17
CA GLU E 89 -2.19 -59.89 35.42
C GLU E 89 -1.60 -58.51 35.67
N TYR E 90 -0.47 -58.18 35.03
CA TYR E 90 0.05 -56.81 35.10
C TYR E 90 -0.76 -55.88 34.21
N ARG E 91 -1.08 -56.32 32.99
CA ARG E 91 -2.03 -55.58 32.17
C ARG E 91 -3.33 -55.33 32.94
N SER E 92 -3.88 -56.40 33.54
CA SER E 92 -5.10 -56.26 34.33
C SER E 92 -4.99 -55.19 35.40
N LYS E 93 -3.83 -55.11 36.06
CA LYS E 93 -3.63 -54.06 37.06
C LYS E 93 -3.71 -52.67 36.43
N ILE E 94 -3.13 -52.51 35.26
CA ILE E 94 -3.19 -51.21 34.58
C ILE E 94 -4.62 -50.91 34.14
N GLU E 95 -5.31 -51.90 33.57
CA GLU E 95 -6.69 -51.70 33.16
C GLU E 95 -7.58 -51.30 34.34
N THR E 96 -7.29 -51.81 35.52
CA THR E 96 -8.05 -51.41 36.71
C THR E 96 -7.84 -49.93 36.99
N GLU E 97 -6.60 -49.43 36.84
CA GLU E 97 -6.36 -48.01 37.01
C GLU E 97 -7.05 -47.20 35.91
N LEU E 98 -6.90 -47.64 34.66
CA LEU E 98 -7.59 -46.96 33.56
C LEU E 98 -9.07 -46.82 33.87
N SER E 99 -9.70 -47.92 34.31
CA SER E 99 -11.13 -47.87 34.62
C SER E 99 -11.42 -46.85 35.70
N GLY E 100 -10.64 -46.89 36.79
CA GLY E 100 -10.87 -45.97 37.90
C GLY E 100 -10.64 -44.52 37.54
N ILE E 101 -9.66 -44.25 36.70
CA ILE E 101 -9.42 -42.88 36.24
C ILE E 101 -10.59 -42.39 35.38
N CYS E 102 -10.97 -43.18 34.38
CA CYS E 102 -12.10 -42.80 33.53
C CYS E 102 -13.37 -42.60 34.35
N ASP E 103 -13.62 -43.47 35.32
CA ASP E 103 -14.84 -43.36 36.14
C ASP E 103 -14.87 -42.07 36.94
N GLY E 104 -13.70 -41.58 37.37
CA GLY E 104 -13.67 -40.34 38.14
C GLY E 104 -14.08 -39.12 37.33
N ILE E 105 -13.52 -38.96 36.13
CA ILE E 105 -13.87 -37.81 35.32
C ILE E 105 -15.27 -37.98 34.72
N LEU E 106 -15.63 -39.22 34.34
CA LEU E 106 -16.98 -39.45 33.79
C LEU E 106 -18.06 -39.19 34.85
N LYS E 107 -17.81 -39.61 36.09
CA LYS E 107 -18.73 -39.27 37.17
C LYS E 107 -18.83 -37.76 37.35
N LEU E 108 -17.74 -37.06 37.16
CA LEU E 108 -17.76 -35.61 37.32
C LEU E 108 -18.48 -34.93 36.16
N LEU E 109 -18.26 -35.40 34.96
CA LEU E 109 -18.95 -34.85 33.79
C LEU E 109 -20.44 -35.06 33.91
N ASP E 110 -20.86 -36.26 34.31
CA ASP E 110 -22.29 -36.59 34.31
C ASP E 110 -23.02 -35.86 35.43
N SER E 111 -22.42 -35.76 36.62
CA SER E 111 -23.16 -35.22 37.75
C SER E 111 -23.07 -33.70 37.86
N ARG E 112 -22.02 -33.08 37.30
CA ARG E 112 -21.80 -31.67 37.55
C ARG E 112 -21.44 -30.85 36.32
N LEU E 113 -20.48 -31.32 35.52
CA LEU E 113 -19.96 -30.47 34.45
C LEU E 113 -20.97 -30.32 33.31
N ILE E 114 -21.50 -31.42 32.80
CA ILE E 114 -22.42 -31.35 31.66
C ILE E 114 -23.73 -30.70 32.04
N PRO E 115 -24.30 -31.02 33.21
CA PRO E 115 -25.58 -30.37 33.58
C PRO E 115 -25.45 -28.87 33.78
N ALA E 116 -24.27 -28.39 34.16
CA ALA E 116 -24.08 -26.97 34.39
C ALA E 116 -23.66 -26.21 33.13
N ALA E 117 -23.36 -26.90 32.04
CA ALA E 117 -22.85 -26.23 30.86
C ALA E 117 -23.95 -25.41 30.20
N ALA E 118 -23.76 -24.09 30.17
CA ALA E 118 -24.79 -23.18 29.69
C ALA E 118 -24.63 -22.86 28.20
N SER E 119 -23.41 -22.59 27.75
CA SER E 119 -23.18 -22.18 26.37
C SER E 119 -22.91 -23.39 25.48
N GLY E 120 -23.07 -23.18 24.17
CA GLY E 120 -22.72 -24.21 23.21
C GLY E 120 -21.24 -24.55 23.26
N ASP E 121 -20.39 -23.55 23.45
CA ASP E 121 -18.96 -23.77 23.65
C ASP E 121 -18.73 -24.82 24.73
N SER E 122 -19.24 -24.56 25.93
CA SER E 122 -19.01 -25.44 27.06
C SER E 122 -19.65 -26.79 26.85
N LYS E 123 -20.87 -26.81 26.27
CA LYS E 123 -21.55 -28.08 26.06
C LYS E 123 -20.73 -28.98 25.15
N VAL E 124 -20.24 -28.44 24.02
CA VAL E 124 -19.43 -29.26 23.14
C VAL E 124 -18.15 -29.72 23.87
N PHE E 125 -17.52 -28.81 24.60
CA PHE E 125 -16.30 -29.17 25.33
C PHE E 125 -16.54 -30.39 26.23
N TYR E 126 -17.55 -30.34 27.09
CA TYR E 126 -17.73 -31.40 28.06
C TYR E 126 -18.29 -32.66 27.44
N LEU E 127 -19.16 -32.55 26.43
CA LEU E 127 -19.63 -33.75 25.77
C LEU E 127 -18.50 -34.41 25.00
N LYS E 128 -17.66 -33.62 24.35
CA LYS E 128 -16.49 -34.20 23.69
C LYS E 128 -15.60 -34.90 24.72
N MET E 129 -15.45 -34.31 25.91
CA MET E 129 -14.62 -34.94 26.94
C MET E 129 -15.26 -36.23 27.43
N LYS E 130 -16.59 -36.26 27.56
CA LYS E 130 -17.25 -37.50 27.95
C LYS E 130 -16.97 -38.58 26.93
N GLY E 131 -17.03 -38.24 25.64
CA GLY E 131 -16.75 -39.23 24.62
C GLY E 131 -15.30 -39.67 24.62
N ASP E 132 -14.38 -38.73 24.83
CA ASP E 132 -12.96 -39.07 24.90
C ASP E 132 -12.70 -40.17 25.93
N TYR E 133 -13.30 -40.05 27.11
CA TYR E 133 -12.99 -41.02 28.17
C TYR E 133 -13.78 -42.31 27.99
N HIS E 134 -14.97 -42.27 27.36
CA HIS E 134 -15.55 -43.55 26.98
C HIS E 134 -14.70 -44.21 25.90
N ARG E 135 -14.07 -43.42 25.03
CA ARG E 135 -13.21 -44.00 24.00
C ARG E 135 -11.96 -44.65 24.61
N TYR E 136 -11.40 -44.06 25.65
CA TYR E 136 -10.25 -44.69 26.31
C TYR E 136 -10.66 -46.01 26.94
N LEU E 137 -11.87 -46.08 27.50
CA LEU E 137 -12.39 -47.38 27.92
C LEU E 137 -12.47 -48.35 26.75
N ALA E 138 -13.02 -47.91 25.62
CA ALA E 138 -13.17 -48.82 24.48
C ALA E 138 -11.82 -49.30 23.96
N GLU E 139 -10.73 -48.59 24.26
CA GLU E 139 -9.44 -49.01 23.74
C GLU E 139 -9.01 -50.35 24.30
N PHE E 140 -9.40 -50.66 25.54
CA PHE E 140 -8.97 -51.89 26.18
C PHE E 140 -10.09 -52.81 26.63
N LYS E 141 -11.32 -52.33 26.73
CA LYS E 141 -12.42 -53.23 27.02
C LYS E 141 -12.60 -54.21 25.86
N THR E 142 -13.25 -55.34 26.17
CA THR E 142 -13.50 -56.38 25.19
C THR E 142 -14.98 -56.73 25.14
N GLY E 143 -15.38 -57.37 24.04
CA GLY E 143 -16.73 -57.91 23.93
C GLY E 143 -17.80 -56.86 24.15
N GLN E 144 -18.72 -57.15 25.07
CA GLN E 144 -19.89 -56.31 25.25
C GLN E 144 -19.53 -55.01 25.96
N GLU E 145 -18.61 -55.07 26.93
CA GLU E 145 -18.15 -53.85 27.57
C GLU E 145 -17.55 -52.89 26.56
N ARG E 146 -16.84 -53.43 25.55
CA ARG E 146 -16.30 -52.59 24.50
C ARG E 146 -17.41 -51.93 23.69
N LYS E 147 -18.47 -52.68 23.39
CA LYS E 147 -19.58 -52.11 22.63
C LYS E 147 -20.32 -51.07 23.44
N ASP E 148 -20.60 -51.35 24.72
CA ASP E 148 -21.23 -50.34 25.56
C ASP E 148 -20.42 -49.06 25.59
N ALA E 149 -19.09 -49.18 25.69
CA ALA E 149 -18.26 -47.98 25.73
C ALA E 149 -18.24 -47.27 24.38
N ALA E 150 -18.15 -48.04 23.30
CA ALA E 150 -18.19 -47.44 21.96
C ALA E 150 -19.50 -46.72 21.73
N GLU E 151 -20.60 -47.28 22.26
CA GLU E 151 -21.90 -46.63 22.08
C GLU E 151 -21.99 -45.36 22.90
N HIS E 152 -21.38 -45.34 24.10
CA HIS E 152 -21.33 -44.12 24.87
C HIS E 152 -20.47 -43.07 24.19
N THR E 153 -19.36 -43.49 23.57
CA THR E 153 -18.55 -42.56 22.81
C THR E 153 -19.35 -41.95 21.64
N LEU E 154 -19.95 -42.80 20.81
CA LEU E 154 -20.71 -42.28 19.67
C LEU E 154 -21.80 -41.33 20.13
N ALA E 155 -22.56 -41.74 21.14
CA ALA E 155 -23.63 -40.90 21.66
C ALA E 155 -23.13 -39.52 22.08
N ALA E 156 -22.01 -39.48 22.84
CA ALA E 156 -21.50 -38.21 23.30
C ALA E 156 -20.98 -37.38 22.13
N TYR E 157 -20.21 -37.99 21.24
CA TYR E 157 -19.63 -37.23 20.14
C TYR E 157 -20.70 -36.71 19.19
N LYS E 158 -21.73 -37.53 18.95
CA LYS E 158 -22.77 -37.13 18.00
C LYS E 158 -23.59 -35.98 18.55
N SER E 159 -23.97 -36.05 19.82
CA SER E 159 -24.67 -34.93 20.45
C SER E 159 -23.81 -33.68 20.48
N ALA E 160 -22.52 -33.82 20.81
CA ALA E 160 -21.63 -32.65 20.73
C ALA E 160 -21.60 -32.10 19.31
N GLN E 161 -21.57 -32.98 18.32
CA GLN E 161 -21.50 -32.56 16.93
C GLN E 161 -22.76 -31.81 16.51
N ASP E 162 -23.93 -32.27 16.93
CA ASP E 162 -25.16 -31.54 16.69
C ASP E 162 -25.02 -30.10 17.18
N ILE E 163 -24.51 -29.92 18.40
CA ILE E 163 -24.42 -28.59 18.98
C ILE E 163 -23.34 -27.78 18.27
N ALA E 164 -22.20 -28.40 18.00
CA ALA E 164 -21.12 -27.67 17.32
C ALA E 164 -21.57 -27.20 15.94
N ASN E 165 -22.25 -28.05 15.19
CA ASN E 165 -22.69 -27.67 13.85
C ASN E 165 -23.67 -26.52 13.88
N ALA E 166 -24.42 -26.37 14.97
CA ALA E 166 -25.40 -25.29 15.07
C ALA E 166 -24.83 -24.01 15.65
N GLU E 167 -23.78 -24.08 16.46
CA GLU E 167 -23.39 -22.92 17.24
C GLU E 167 -21.95 -22.49 17.09
N LEU E 168 -21.09 -23.31 16.50
CA LEU E 168 -19.66 -23.00 16.44
C LEU E 168 -19.19 -22.88 15.00
N ALA E 169 -18.24 -21.98 14.78
CA ALA E 169 -17.66 -21.82 13.45
C ALA E 169 -16.86 -23.06 13.05
N PRO E 170 -16.74 -23.33 11.76
CA PRO E 170 -15.92 -24.47 11.32
C PRO E 170 -14.49 -24.42 11.85
N THR E 171 -13.95 -23.24 12.07
CA THR E 171 -12.59 -23.09 12.58
C THR E 171 -12.50 -23.13 14.12
N HIS E 172 -13.62 -23.09 14.81
CA HIS E 172 -13.57 -23.04 16.26
C HIS E 172 -12.77 -24.23 16.78
N PRO E 173 -11.74 -24.00 17.61
CA PRO E 173 -10.88 -25.12 18.01
C PRO E 173 -11.61 -26.30 18.63
N ILE E 174 -12.68 -26.02 19.38
CA ILE E 174 -13.40 -27.11 20.01
C ILE E 174 -14.13 -27.93 18.97
N ARG E 175 -14.75 -27.26 17.99
CA ARG E 175 -15.42 -27.98 16.91
C ARG E 175 -14.41 -28.80 16.13
N LEU E 176 -13.24 -28.23 15.84
CA LEU E 176 -12.18 -28.96 15.14
C LEU E 176 -11.65 -30.11 16.00
N GLY E 177 -11.52 -29.89 17.31
CA GLY E 177 -11.01 -30.95 18.17
C GLY E 177 -11.98 -32.12 18.27
N LEU E 178 -13.28 -31.82 18.32
CA LEU E 178 -14.27 -32.88 18.28
C LEU E 178 -14.17 -33.67 16.98
N ALA E 179 -14.10 -32.98 15.85
CA ALA E 179 -14.04 -33.69 14.58
C ALA E 179 -12.81 -34.59 14.53
N LEU E 180 -11.67 -34.08 14.99
CA LEU E 180 -10.46 -34.90 15.04
C LEU E 180 -10.70 -36.16 15.86
N ASN E 181 -11.21 -36.01 17.07
CA ASN E 181 -11.34 -37.16 17.96
C ASN E 181 -12.45 -38.08 17.51
N PHE E 182 -13.51 -37.50 16.90
CA PHE E 182 -14.57 -38.32 16.32
C PHE E 182 -14.02 -39.17 15.19
N SER E 183 -13.16 -38.60 14.35
CA SER E 183 -12.59 -39.42 13.27
C SER E 183 -11.62 -40.48 13.81
N VAL E 184 -10.89 -40.18 14.88
CA VAL E 184 -10.02 -41.18 15.51
C VAL E 184 -10.84 -42.34 16.04
N PHE E 185 -11.97 -42.04 16.68
CA PHE E 185 -12.94 -43.06 17.08
C PHE E 185 -13.31 -43.95 15.90
N TYR E 186 -13.71 -43.34 14.79
CA TYR E 186 -14.06 -44.13 13.62
C TYR E 186 -12.91 -45.03 13.21
N TYR E 187 -11.69 -44.52 13.24
CA TYR E 187 -10.55 -45.28 12.73
C TYR E 187 -10.11 -46.36 13.70
N GLU E 188 -9.82 -45.98 14.94
CA GLU E 188 -9.21 -46.92 15.88
C GLU E 188 -10.24 -47.85 16.49
N ILE E 189 -11.36 -47.31 16.95
CA ILE E 189 -12.35 -48.15 17.64
C ILE E 189 -13.19 -48.93 16.65
N LEU E 190 -13.80 -48.26 15.68
CA LEU E 190 -14.73 -48.94 14.77
C LEU E 190 -14.07 -49.45 13.50
N ASN E 191 -12.75 -49.32 13.36
CA ASN E 191 -12.02 -49.79 12.19
C ASN E 191 -12.75 -49.43 10.90
N SER E 192 -12.97 -48.12 10.72
CA SER E 192 -13.69 -47.58 9.57
C SER E 192 -12.92 -46.41 8.99
N PRO E 193 -11.90 -46.68 8.16
CA PRO E 193 -11.11 -45.56 7.62
C PRO E 193 -11.92 -44.63 6.74
N ASP E 194 -12.78 -45.17 5.88
CA ASP E 194 -13.58 -44.31 4.99
C ASP E 194 -14.42 -43.34 5.80
N ARG E 195 -15.08 -43.83 6.85
CA ARG E 195 -15.86 -42.94 7.70
C ARG E 195 -14.96 -41.94 8.41
N ALA E 196 -13.77 -42.37 8.83
CA ALA E 196 -12.87 -41.46 9.54
C ALA E 196 -12.32 -40.39 8.60
N CYS E 197 -11.87 -40.79 7.41
CA CYS E 197 -11.32 -39.81 6.48
C CYS E 197 -12.39 -38.81 6.05
N ASN E 198 -13.60 -39.30 5.77
CA ASN E 198 -14.65 -38.39 5.31
C ASN E 198 -14.93 -37.31 6.34
N LEU E 199 -15.03 -37.69 7.61
CA LEU E 199 -15.30 -36.70 8.64
C LEU E 199 -14.14 -35.73 8.79
N ALA E 200 -12.91 -36.25 8.77
CA ALA E 200 -11.75 -35.40 8.97
C ALA E 200 -11.54 -34.45 7.79
N LYS E 201 -11.68 -34.96 6.57
CA LYS E 201 -11.50 -34.09 5.40
C LYS E 201 -12.58 -33.01 5.31
N GLN E 202 -13.82 -33.36 5.67
CA GLN E 202 -14.89 -32.37 5.65
C GLN E 202 -14.63 -31.28 6.68
N ALA E 203 -14.28 -31.67 7.91
CA ALA E 203 -13.94 -30.68 8.93
C ALA E 203 -12.82 -29.78 8.45
N PHE E 204 -11.76 -30.36 7.85
CA PHE E 204 -10.63 -29.57 7.37
C PHE E 204 -11.07 -28.63 6.26
N ASP E 205 -11.76 -29.17 5.25
CA ASP E 205 -12.17 -28.37 4.10
C ASP E 205 -13.02 -27.17 4.53
N GLU E 206 -13.95 -27.38 5.44
CA GLU E 206 -14.85 -26.29 5.83
C GLU E 206 -14.13 -25.25 6.68
N ALA E 207 -13.06 -25.64 7.39
CA ALA E 207 -12.30 -24.70 8.20
C ALA E 207 -11.35 -23.86 7.35
N ILE E 208 -10.61 -24.51 6.46
CA ILE E 208 -9.60 -23.77 5.69
C ILE E 208 -10.26 -22.73 4.80
N ALA E 209 -11.52 -22.95 4.44
CA ALA E 209 -12.21 -22.02 3.55
C ALA E 209 -12.39 -20.66 4.20
N GLU E 210 -12.50 -20.61 5.53
CA GLU E 210 -12.65 -19.35 6.25
C GLU E 210 -11.46 -19.06 7.15
N LEU E 211 -10.32 -19.72 6.91
CA LEU E 211 -9.17 -19.53 7.77
C LEU E 211 -8.58 -18.12 7.60
N ASP E 212 -8.73 -17.53 6.43
CA ASP E 212 -8.18 -16.19 6.21
C ASP E 212 -8.95 -15.10 6.93
N THR E 213 -10.02 -15.45 7.66
CA THR E 213 -10.82 -14.47 8.38
C THR E 213 -10.56 -14.52 9.89
N LEU E 214 -9.54 -15.26 10.33
CA LEU E 214 -9.28 -15.42 11.75
C LEU E 214 -8.30 -14.38 12.26
N GLY E 215 -8.40 -14.07 13.54
CA GLY E 215 -7.43 -13.23 14.20
C GLY E 215 -6.06 -13.88 14.19
N GLU E 216 -5.06 -13.21 14.76
CA GLU E 216 -3.70 -13.75 14.71
C GLU E 216 -3.55 -14.94 15.65
N GLU E 217 -4.12 -14.86 16.86
CA GLU E 217 -4.00 -15.97 17.80
C GLU E 217 -5.00 -17.08 17.49
N SER E 218 -6.20 -16.72 17.01
CA SER E 218 -7.16 -17.74 16.61
C SER E 218 -6.57 -18.63 15.53
N TYR E 219 -5.84 -18.03 14.58
CA TYR E 219 -5.22 -18.79 13.49
C TYR E 219 -4.42 -19.97 14.02
N LYS E 220 -3.47 -19.69 14.92
CA LYS E 220 -2.60 -20.76 15.44
C LYS E 220 -3.41 -21.78 16.22
N ASP E 221 -4.45 -21.35 16.93
CA ASP E 221 -5.26 -22.30 17.69
C ASP E 221 -5.94 -23.29 16.76
N SER E 222 -6.48 -22.79 15.64
CA SER E 222 -7.17 -23.68 14.71
C SER E 222 -6.19 -24.49 13.87
N THR E 223 -5.08 -23.89 13.45
CA THR E 223 -4.18 -24.58 12.52
C THR E 223 -3.49 -25.78 13.17
N LEU E 224 -3.24 -25.73 14.48
CA LEU E 224 -2.67 -26.89 15.14
C LEU E 224 -3.56 -28.11 14.97
N ILE E 225 -4.84 -27.98 15.32
CA ILE E 225 -5.77 -29.10 15.14
C ILE E 225 -5.88 -29.46 13.66
N MET E 226 -5.89 -28.46 12.78
CA MET E 226 -5.98 -28.75 11.35
C MET E 226 -4.79 -29.56 10.88
N GLN E 227 -3.61 -29.25 11.41
CA GLN E 227 -2.43 -30.03 11.04
C GLN E 227 -2.57 -31.48 11.49
N LEU E 228 -3.17 -31.69 12.66
CA LEU E 228 -3.39 -33.06 13.13
C LEU E 228 -4.36 -33.79 12.19
N LEU E 229 -5.48 -33.16 11.85
CA LEU E 229 -6.36 -33.74 10.84
C LEU E 229 -5.57 -34.08 9.58
N ARG E 230 -4.76 -33.13 9.11
CA ARG E 230 -3.93 -33.38 7.94
C ARG E 230 -3.00 -34.57 8.15
N ASP E 231 -2.35 -34.63 9.33
CA ASP E 231 -1.42 -35.71 9.58
C ASP E 231 -2.10 -37.07 9.58
N ASN E 232 -3.31 -37.14 10.16
CA ASN E 232 -4.04 -38.40 10.20
C ASN E 232 -4.46 -38.84 8.80
N LEU E 233 -4.93 -37.90 7.99
CA LEU E 233 -5.35 -38.25 6.64
C LEU E 233 -4.21 -38.79 5.82
N THR E 234 -2.99 -38.28 6.03
CA THR E 234 -1.85 -38.79 5.29
C THR E 234 -1.56 -40.24 5.69
N LEU E 235 -1.52 -40.51 6.99
CA LEU E 235 -1.03 -41.78 7.50
C LEU E 235 -2.08 -42.87 7.55
N TRP E 236 -3.37 -42.53 7.41
CA TRP E 236 -4.42 -43.51 7.67
C TRP E 236 -4.51 -44.53 6.53
N THR E 237 -4.82 -44.07 5.33
CA THR E 237 -5.01 -44.96 4.18
C THR E 237 -3.69 -45.27 3.48
N SER E 238 -2.68 -45.66 4.27
CA SER E 238 -1.37 -46.02 3.74
C SER E 238 -1.06 -47.48 4.06
N MET F 3 7.38 -76.06 42.58
CA MET F 3 7.45 -74.77 41.89
C MET F 3 7.24 -73.63 42.89
N ALA F 4 7.57 -72.41 42.49
CA ALA F 4 7.37 -71.22 43.30
C ALA F 4 7.79 -70.01 42.46
N SER F 5 7.52 -68.82 42.98
CA SER F 5 7.88 -67.56 42.32
C SER F 5 9.11 -66.98 43.00
N GLY F 6 10.25 -67.06 42.31
CA GLY F 6 11.53 -66.70 42.87
C GLY F 6 12.09 -65.43 42.29
N ARG F 7 13.41 -65.27 42.44
CA ARG F 7 14.06 -64.07 41.94
C ARG F 7 13.85 -63.91 40.44
N GLU F 8 13.82 -65.02 39.70
CA GLU F 8 13.70 -64.91 38.25
C GLU F 8 12.35 -64.33 37.85
N GLU F 9 11.27 -64.78 38.51
CA GLU F 9 9.96 -64.24 38.21
C GLU F 9 9.88 -62.75 38.56
N PHE F 10 10.54 -62.35 39.65
CA PHE F 10 10.51 -60.95 40.08
C PHE F 10 11.40 -60.08 39.21
N VAL F 11 12.51 -60.62 38.70
CA VAL F 11 13.31 -59.85 37.75
C VAL F 11 12.50 -59.58 36.49
N TYR F 12 11.69 -60.54 36.07
CA TYR F 12 10.84 -60.33 34.88
C TYR F 12 9.83 -59.23 35.15
N MET F 13 9.14 -59.29 36.28
CA MET F 13 8.19 -58.24 36.61
C MET F 13 8.86 -56.88 36.62
N ALA F 14 10.11 -56.80 37.09
CA ALA F 14 10.81 -55.53 37.11
C ALA F 14 11.09 -55.04 35.70
N LYS F 15 11.37 -55.95 34.78
CA LYS F 15 11.61 -55.54 33.40
C LYS F 15 10.33 -55.05 32.74
N LEU F 16 9.20 -55.66 33.08
CA LEU F 16 7.93 -55.17 32.55
C LEU F 16 7.60 -53.80 33.12
N ALA F 17 7.83 -53.62 34.42
CA ALA F 17 7.58 -52.32 35.04
C ALA F 17 8.45 -51.24 34.41
N GLU F 18 9.70 -51.58 34.08
CA GLU F 18 10.57 -50.61 33.42
C GLU F 18 9.99 -50.22 32.06
N GLN F 19 9.57 -51.20 31.27
CA GLN F 19 8.98 -50.90 29.97
C GLN F 19 7.76 -50.01 30.11
N ALA F 20 6.91 -50.30 31.09
CA ALA F 20 5.75 -49.47 31.35
C ALA F 20 6.11 -48.15 32.02
N GLU F 21 7.38 -47.94 32.38
CA GLU F 21 7.79 -46.73 33.07
C GLU F 21 6.97 -46.50 34.34
N ARG F 22 6.74 -47.58 35.08
CA ARG F 22 6.05 -47.55 36.36
C ARG F 22 7.11 -47.88 37.42
N TYR F 23 7.97 -46.91 37.71
CA TYR F 23 9.23 -47.20 38.39
C TYR F 23 9.06 -47.47 39.88
N GLU F 24 8.01 -46.94 40.51
CA GLU F 24 7.75 -47.31 41.90
C GLU F 24 7.51 -48.81 42.01
N GLU F 25 6.76 -49.37 41.06
CA GLU F 25 6.55 -50.80 41.02
C GLU F 25 7.84 -51.53 40.66
N MET F 26 8.64 -50.95 39.78
CA MET F 26 9.95 -51.55 39.48
C MET F 26 10.78 -51.68 40.75
N VAL F 27 10.82 -50.64 41.59
CA VAL F 27 11.53 -50.73 42.87
C VAL F 27 10.97 -51.87 43.72
N GLU F 28 9.65 -51.95 43.82
CA GLU F 28 9.03 -53.01 44.62
C GLU F 28 9.47 -54.38 44.15
N PHE F 29 9.52 -54.59 42.83
CA PHE F 29 9.90 -55.90 42.31
C PHE F 29 11.36 -56.20 42.62
N MET F 30 12.24 -55.20 42.50
CA MET F 30 13.66 -55.45 42.73
C MET F 30 13.96 -55.61 44.22
N GLU F 31 13.17 -54.98 45.09
CA GLU F 31 13.26 -55.27 46.51
C GLU F 31 12.99 -56.75 46.78
N LYS F 32 11.99 -57.31 46.09
CA LYS F 32 11.69 -58.73 46.22
C LYS F 32 12.82 -59.58 45.65
N VAL F 33 13.46 -59.11 44.57
CA VAL F 33 14.64 -59.82 44.06
C VAL F 33 15.71 -59.87 45.14
N SER F 34 15.93 -58.76 45.84
CA SER F 34 16.94 -58.74 46.90
C SER F 34 16.54 -59.63 48.07
N ALA F 35 15.25 -59.65 48.41
CA ALA F 35 14.78 -60.50 49.50
C ALA F 35 14.92 -61.97 49.14
N ALA F 36 14.67 -62.33 47.87
CA ALA F 36 14.79 -63.71 47.43
C ALA F 36 16.24 -64.16 47.26
N VAL F 37 17.20 -63.24 47.42
CA VAL F 37 18.61 -63.56 47.34
C VAL F 37 19.19 -63.50 48.75
N ASP F 38 18.94 -64.54 49.54
CA ASP F 38 19.33 -64.56 50.95
C ASP F 38 20.84 -64.56 51.07
N GLY F 39 21.42 -63.38 51.30
CA GLY F 39 22.85 -63.29 51.55
C GLY F 39 23.70 -63.27 50.30
N ASP F 40 23.29 -63.99 49.25
CA ASP F 40 24.06 -64.06 48.03
C ASP F 40 24.09 -62.66 47.40
N GLU F 41 24.79 -62.56 46.26
CA GLU F 41 25.03 -61.30 45.60
C GLU F 41 24.10 -61.15 44.39
N LEU F 42 23.62 -59.93 44.19
CA LEU F 42 22.85 -59.64 42.98
C LEU F 42 23.76 -59.79 41.76
N THR F 43 23.25 -60.43 40.71
CA THR F 43 23.92 -60.37 39.43
C THR F 43 24.06 -58.90 38.99
N VAL F 44 24.96 -58.66 38.03
CA VAL F 44 25.12 -57.30 37.52
C VAL F 44 23.84 -56.81 36.88
N GLU F 45 23.14 -57.69 36.15
CA GLU F 45 21.85 -57.32 35.59
C GLU F 45 20.90 -56.88 36.69
N GLU F 46 20.75 -57.71 37.73
CA GLU F 46 19.81 -57.40 38.81
C GLU F 46 20.18 -56.11 39.53
N ARG F 47 21.46 -55.90 39.82
CA ARG F 47 21.83 -54.68 40.53
C ARG F 47 21.64 -53.47 39.62
N ASN F 48 21.83 -53.63 38.31
CA ASN F 48 21.58 -52.52 37.40
C ASN F 48 20.10 -52.18 37.34
N LEU F 49 19.22 -53.20 37.32
CA LEU F 49 17.78 -52.94 37.38
C LEU F 49 17.38 -52.30 38.70
N LEU F 50 18.04 -52.68 39.80
CA LEU F 50 17.75 -52.01 41.07
C LEU F 50 18.14 -50.54 41.00
N SER F 51 19.30 -50.24 40.42
CA SER F 51 19.78 -48.87 40.37
C SER F 51 18.90 -48.02 39.45
N VAL F 52 18.47 -48.58 38.32
CA VAL F 52 17.57 -47.85 37.44
C VAL F 52 16.28 -47.52 38.15
N ALA F 53 15.68 -48.51 38.82
CA ALA F 53 14.41 -48.28 39.47
C ALA F 53 14.50 -47.14 40.48
N TYR F 54 15.48 -47.18 41.37
CA TYR F 54 15.61 -46.11 42.36
C TYR F 54 16.01 -44.79 41.70
N LYS F 55 16.88 -44.86 40.69
CA LYS F 55 17.30 -43.63 40.01
C LYS F 55 16.09 -42.89 39.44
N ASN F 56 15.13 -43.62 38.88
CA ASN F 56 14.02 -42.92 38.24
C ASN F 56 13.00 -42.44 39.26
N VAL F 57 12.80 -43.20 40.34
CA VAL F 57 11.87 -42.78 41.39
C VAL F 57 12.38 -41.52 42.07
N ILE F 58 13.67 -41.50 42.44
CA ILE F 58 14.21 -40.31 43.10
C ILE F 58 14.34 -39.16 42.12
N GLY F 59 14.72 -39.47 40.88
CA GLY F 59 14.90 -38.41 39.90
C GLY F 59 13.63 -37.61 39.66
N ALA F 60 12.49 -38.29 39.65
CA ALA F 60 11.23 -37.58 39.47
C ALA F 60 11.03 -36.58 40.60
N ARG F 61 11.37 -36.97 41.83
CA ARG F 61 11.16 -36.06 42.93
C ARG F 61 12.21 -34.96 42.94
N ARG F 62 13.46 -35.28 42.58
CA ARG F 62 14.47 -34.23 42.48
C ARG F 62 14.07 -33.19 41.46
N ALA F 63 13.51 -33.62 40.33
CA ALA F 63 13.02 -32.68 39.33
C ALA F 63 11.91 -31.81 39.89
N SER F 64 10.92 -32.44 40.53
CA SER F 64 9.81 -31.66 41.07
C SER F 64 10.29 -30.73 42.16
N TRP F 65 11.23 -31.19 42.99
CA TRP F 65 11.71 -30.37 44.09
C TRP F 65 12.41 -29.12 43.57
N ARG F 66 13.24 -29.27 42.54
CA ARG F 66 13.92 -28.11 41.99
C ARG F 66 12.92 -27.09 41.46
N ILE F 67 11.90 -27.56 40.74
CA ILE F 67 10.92 -26.64 40.17
C ILE F 67 10.15 -25.93 41.28
N ILE F 68 9.67 -26.69 42.26
CA ILE F 68 8.92 -26.07 43.34
C ILE F 68 9.80 -25.09 44.12
N SER F 69 11.07 -25.43 44.37
CA SER F 69 11.94 -24.50 45.08
C SER F 69 12.11 -23.20 44.32
N SER F 70 12.27 -23.27 42.99
CA SER F 70 12.38 -22.05 42.20
C SER F 70 11.12 -21.21 42.32
N ILE F 71 9.95 -21.84 42.23
CA ILE F 71 8.70 -21.09 42.33
C ILE F 71 8.59 -20.44 43.70
N GLU F 72 8.97 -21.16 44.75
CA GLU F 72 8.94 -20.57 46.09
C GLU F 72 9.78 -19.31 46.15
N GLN F 73 11.00 -19.36 45.61
CA GLN F 73 11.87 -18.20 45.69
C GLN F 73 11.31 -17.05 44.86
N LYS F 74 10.71 -17.36 43.72
CA LYS F 74 10.10 -16.32 42.90
C LYS F 74 8.96 -15.63 43.65
N GLU F 75 8.05 -16.41 44.23
CA GLU F 75 6.94 -15.79 44.93
C GLU F 75 7.41 -15.02 46.16
N GLU F 76 8.47 -15.52 46.82
CA GLU F 76 9.09 -14.79 47.92
C GLU F 76 9.49 -13.39 47.49
N SER F 77 10.20 -13.27 46.36
CA SER F 77 10.61 -11.97 45.87
C SER F 77 9.40 -11.09 45.56
N ARG F 78 8.35 -11.68 45.02
CA ARG F 78 7.12 -10.94 44.74
C ARG F 78 6.33 -10.63 46.00
N GLY F 79 6.72 -11.18 47.14
CA GLY F 79 6.09 -10.85 48.41
C GLY F 79 4.71 -11.43 48.65
N ASN F 80 4.35 -12.51 47.95
CA ASN F 80 3.02 -13.12 48.09
C ASN F 80 3.07 -14.20 49.18
N ASP F 81 2.78 -13.78 50.41
CA ASP F 81 2.95 -14.66 51.56
C ASP F 81 2.05 -15.89 51.45
N ASP F 82 0.81 -15.71 50.99
CA ASP F 82 -0.12 -16.83 50.95
C ASP F 82 0.36 -17.90 49.97
N HIS F 83 0.89 -17.48 48.83
CA HIS F 83 1.45 -18.44 47.88
C HIS F 83 2.65 -19.18 48.49
N VAL F 84 3.60 -18.44 49.06
CA VAL F 84 4.79 -19.06 49.64
C VAL F 84 4.39 -20.13 50.65
N THR F 85 3.45 -19.79 51.54
CA THR F 85 2.98 -20.76 52.51
C THR F 85 2.54 -22.05 51.84
N ALA F 86 1.65 -21.95 50.84
CA ALA F 86 1.16 -23.13 50.14
C ALA F 86 2.30 -23.87 49.44
N ILE F 87 3.19 -23.14 48.78
CA ILE F 87 4.30 -23.78 48.08
C ILE F 87 5.21 -24.49 49.09
N ARG F 88 5.46 -23.86 50.23
CA ARG F 88 6.34 -24.49 51.22
C ARG F 88 5.73 -25.79 51.72
N GLU F 89 4.40 -25.83 51.91
CA GLU F 89 3.76 -27.07 52.35
C GLU F 89 3.92 -28.15 51.29
N TYR F 90 3.86 -27.74 50.02
CA TYR F 90 4.02 -28.69 48.93
C TYR F 90 5.46 -29.20 48.85
N ARG F 91 6.44 -28.29 48.95
CA ARG F 91 7.83 -28.73 48.97
C ARG F 91 8.08 -29.70 50.12
N SER F 92 7.45 -29.46 51.28
CA SER F 92 7.65 -30.34 52.42
C SER F 92 7.12 -31.74 52.15
N LYS F 93 6.01 -31.84 51.43
CA LYS F 93 5.50 -33.16 51.03
C LYS F 93 6.48 -33.86 50.11
N ILE F 94 7.06 -33.13 49.16
CA ILE F 94 8.01 -33.73 48.24
C ILE F 94 9.27 -34.17 48.98
N GLU F 95 9.71 -33.37 49.96
CA GLU F 95 10.91 -33.69 50.71
C GLU F 95 10.70 -34.94 51.57
N THR F 96 9.48 -35.11 52.10
CA THR F 96 9.19 -36.34 52.83
C THR F 96 9.27 -37.55 51.91
N GLU F 97 8.85 -37.40 50.67
CA GLU F 97 9.01 -38.49 49.70
C GLU F 97 10.48 -38.75 49.40
N LEU F 98 11.23 -37.70 49.07
CA LEU F 98 12.66 -37.87 48.84
C LEU F 98 13.32 -38.64 49.98
N SER F 99 12.99 -38.28 51.24
CA SER F 99 13.64 -38.90 52.39
C SER F 99 13.24 -40.37 52.53
N GLY F 100 12.00 -40.70 52.18
CA GLY F 100 11.58 -42.08 52.22
C GLY F 100 12.21 -42.92 51.13
N ILE F 101 12.30 -42.37 49.92
CA ILE F 101 12.98 -43.09 48.84
C ILE F 101 14.43 -43.37 49.24
N CYS F 102 15.14 -42.36 49.72
CA CYS F 102 16.54 -42.53 50.07
C CYS F 102 16.68 -43.51 51.23
N ASP F 103 15.81 -43.38 52.23
CA ASP F 103 15.84 -44.30 53.36
C ASP F 103 15.66 -45.74 52.91
N GLY F 104 14.84 -45.94 51.87
CA GLY F 104 14.60 -47.30 51.40
C GLY F 104 15.85 -47.96 50.86
N ILE F 105 16.52 -47.31 49.90
CA ILE F 105 17.69 -47.92 49.29
C ILE F 105 18.87 -47.92 50.24
N LEU F 106 18.95 -46.93 51.14
CA LEU F 106 20.06 -46.88 52.09
C LEU F 106 19.99 -48.02 53.09
N LYS F 107 18.80 -48.33 53.58
CA LYS F 107 18.63 -49.52 54.43
C LYS F 107 19.04 -50.78 53.69
N LEU F 108 18.58 -50.92 52.44
CA LEU F 108 18.90 -52.12 51.68
C LEU F 108 20.41 -52.25 51.43
N LEU F 109 21.07 -51.14 51.12
CA LEU F 109 22.51 -51.18 50.91
C LEU F 109 23.22 -51.54 52.20
N ASP F 110 22.76 -50.98 53.34
CA ASP F 110 23.44 -51.22 54.60
C ASP F 110 23.23 -52.63 55.12
N SER F 111 22.02 -53.17 54.96
CA SER F 111 21.67 -54.45 55.57
C SER F 111 21.95 -55.65 54.67
N ARG F 112 21.98 -55.47 53.35
CA ARG F 112 22.13 -56.61 52.48
C ARG F 112 23.23 -56.47 51.44
N LEU F 113 23.17 -55.40 50.64
CA LEU F 113 23.98 -55.35 49.43
C LEU F 113 25.45 -55.13 49.76
N ILE F 114 25.76 -54.20 50.65
CA ILE F 114 27.16 -53.91 50.97
C ILE F 114 27.74 -55.09 51.73
N PRO F 115 27.08 -55.59 52.79
CA PRO F 115 27.62 -56.78 53.48
C PRO F 115 27.90 -57.94 52.54
N ALA F 116 27.02 -58.19 51.57
CA ALA F 116 27.21 -59.32 50.68
C ALA F 116 28.19 -59.01 49.54
N ALA F 117 28.68 -57.79 49.41
CA ALA F 117 29.55 -57.44 48.29
C ALA F 117 30.90 -58.12 48.44
N ALA F 118 31.25 -58.98 47.49
CA ALA F 118 32.49 -59.74 47.53
C ALA F 118 33.61 -59.09 46.74
N SER F 119 33.42 -58.91 45.43
CA SER F 119 34.48 -58.34 44.59
C SER F 119 34.60 -56.84 44.82
N GLY F 120 35.79 -56.31 44.55
CA GLY F 120 35.97 -54.88 44.60
C GLY F 120 35.03 -54.14 43.66
N ASP F 121 34.71 -54.77 42.53
CA ASP F 121 33.73 -54.20 41.61
C ASP F 121 32.39 -53.98 42.31
N SER F 122 31.91 -55.00 43.03
CA SER F 122 30.64 -54.86 43.73
C SER F 122 30.75 -53.84 44.84
N LYS F 123 31.87 -53.83 45.57
CA LYS F 123 32.02 -52.95 46.71
C LYS F 123 31.98 -51.48 46.28
N VAL F 124 32.73 -51.14 45.22
CA VAL F 124 32.73 -49.76 44.76
C VAL F 124 31.36 -49.38 44.21
N PHE F 125 30.69 -50.31 43.52
CA PHE F 125 29.38 -50.02 42.98
C PHE F 125 28.40 -49.64 44.07
N TYR F 126 28.35 -50.44 45.15
CA TYR F 126 27.34 -50.21 46.18
C TYR F 126 27.72 -49.07 47.11
N LEU F 127 29.03 -48.85 47.33
CA LEU F 127 29.46 -47.72 48.15
C LEU F 127 29.25 -46.39 47.42
N LYS F 128 29.46 -46.38 46.10
CA LYS F 128 29.07 -45.22 45.32
C LYS F 128 27.57 -44.97 45.41
N MET F 129 26.77 -46.04 45.35
CA MET F 129 25.33 -45.88 45.43
C MET F 129 24.92 -45.32 46.77
N LYS F 130 25.52 -45.83 47.86
CA LYS F 130 25.26 -45.29 49.18
C LYS F 130 25.58 -43.80 49.21
N GLY F 131 26.71 -43.41 48.60
CA GLY F 131 27.07 -42.01 48.58
C GLY F 131 26.13 -41.16 47.73
N ASP F 132 25.68 -41.71 46.59
CA ASP F 132 24.75 -40.97 45.74
C ASP F 132 23.49 -40.56 46.52
N TYR F 133 22.94 -41.48 47.30
CA TYR F 133 21.66 -41.22 47.96
C TYR F 133 21.82 -40.37 49.20
N HIS F 134 22.99 -40.40 49.87
CA HIS F 134 23.25 -39.37 50.86
C HIS F 134 23.44 -38.01 50.20
N ARG F 135 24.08 -37.98 49.02
CA ARG F 135 24.15 -36.71 48.29
C ARG F 135 22.75 -36.18 47.93
N TYR F 136 21.84 -37.06 47.51
CA TYR F 136 20.50 -36.55 47.19
C TYR F 136 19.82 -36.01 48.46
N LEU F 137 20.13 -36.58 49.62
CA LEU F 137 19.65 -36.02 50.87
C LEU F 137 20.27 -34.64 51.10
N ALA F 138 21.58 -34.51 50.88
CA ALA F 138 22.25 -33.24 51.08
C ALA F 138 21.73 -32.15 50.16
N GLU F 139 21.03 -32.52 49.07
CA GLU F 139 20.52 -31.50 48.16
C GLU F 139 19.43 -30.66 48.79
N PHE F 140 18.62 -31.23 49.68
CA PHE F 140 17.50 -30.50 50.26
C PHE F 140 17.48 -30.41 51.77
N LYS F 141 18.12 -31.35 52.48
CA LYS F 141 18.20 -31.22 53.94
C LYS F 141 18.87 -29.90 54.32
N THR F 142 18.64 -29.48 55.56
CA THR F 142 19.31 -28.30 56.10
C THR F 142 19.84 -28.63 57.51
N GLY F 143 20.44 -27.63 58.13
CA GLY F 143 20.89 -27.79 59.50
C GLY F 143 21.78 -28.98 59.69
N GLN F 144 21.56 -29.69 60.81
CA GLN F 144 22.42 -30.82 61.16
C GLN F 144 22.21 -32.00 60.22
N GLU F 145 20.99 -32.20 59.73
CA GLU F 145 20.76 -33.32 58.83
C GLU F 145 21.58 -33.18 57.55
N ARG F 146 21.80 -31.94 57.10
CA ARG F 146 22.56 -31.70 55.89
C ARG F 146 24.04 -31.95 56.12
N LYS F 147 24.54 -31.55 57.28
CA LYS F 147 25.91 -31.89 57.66
C LYS F 147 26.10 -33.40 57.70
N ASP F 148 25.21 -34.10 58.39
CA ASP F 148 25.30 -35.55 58.46
C ASP F 148 25.30 -36.15 57.06
N ALA F 149 24.36 -35.71 56.22
CA ALA F 149 24.27 -36.22 54.86
C ALA F 149 25.59 -36.01 54.12
N ALA F 150 26.13 -34.79 54.21
CA ALA F 150 27.38 -34.48 53.52
C ALA F 150 28.52 -35.36 54.01
N GLU F 151 28.56 -35.62 55.32
CA GLU F 151 29.62 -36.47 55.85
C GLU F 151 29.41 -37.92 55.44
N HIS F 152 28.15 -38.37 55.40
CA HIS F 152 27.86 -39.72 54.92
C HIS F 152 28.28 -39.89 53.47
N THR F 153 28.09 -38.83 52.66
CA THR F 153 28.48 -38.90 51.26
C THR F 153 29.99 -39.04 51.11
N LEU F 154 30.75 -38.15 51.77
CA LEU F 154 32.20 -38.23 51.70
C LEU F 154 32.70 -39.56 52.23
N ALA F 155 32.11 -40.07 53.31
CA ALA F 155 32.57 -41.33 53.87
C ALA F 155 32.38 -42.47 52.88
N ALA F 156 31.24 -42.50 52.19
CA ALA F 156 30.97 -43.56 51.23
C ALA F 156 31.84 -43.39 50.00
N TYR F 157 31.89 -42.17 49.47
CA TYR F 157 32.67 -41.92 48.26
C TYR F 157 34.15 -42.18 48.50
N LYS F 158 34.67 -41.79 49.68
CA LYS F 158 36.10 -41.98 49.92
C LYS F 158 36.45 -43.45 50.11
N SER F 159 35.60 -44.20 50.82
CA SER F 159 35.84 -45.63 50.99
C SER F 159 35.71 -46.36 49.66
N ALA F 160 34.79 -45.92 48.81
CA ALA F 160 34.71 -46.48 47.46
C ALA F 160 35.99 -46.15 46.71
N GLN F 161 36.42 -44.88 46.78
CA GLN F 161 37.59 -44.44 46.02
C GLN F 161 38.84 -45.22 46.39
N ASP F 162 38.99 -45.59 47.67
CA ASP F 162 40.14 -46.38 48.09
C ASP F 162 40.15 -47.74 47.40
N ILE F 163 39.01 -48.41 47.39
CA ILE F 163 38.93 -49.72 46.74
C ILE F 163 39.06 -49.57 45.23
N ALA F 164 38.46 -48.52 44.66
CA ALA F 164 38.50 -48.35 43.21
C ALA F 164 39.93 -48.14 42.72
N ASN F 165 40.65 -47.21 43.34
CA ASN F 165 42.01 -46.91 42.89
C ASN F 165 42.92 -48.12 43.05
N ALA F 166 42.61 -49.01 44.00
CA ALA F 166 43.47 -50.15 44.28
C ALA F 166 43.14 -51.37 43.43
N GLU F 167 41.87 -51.57 43.07
CA GLU F 167 41.45 -52.82 42.45
C GLU F 167 40.75 -52.65 41.11
N LEU F 168 40.44 -51.43 40.70
CA LEU F 168 39.76 -51.17 39.44
C LEU F 168 40.66 -50.35 38.53
N ALA F 169 40.57 -50.63 37.22
CA ALA F 169 41.36 -49.90 36.25
C ALA F 169 40.90 -48.45 36.18
N PRO F 170 41.80 -47.52 35.85
CA PRO F 170 41.40 -46.10 35.75
C PRO F 170 40.33 -45.86 34.68
N THR F 171 40.08 -46.81 33.80
CA THR F 171 39.06 -46.69 32.76
C THR F 171 37.79 -47.46 33.10
N HIS F 172 37.75 -48.12 34.25
CA HIS F 172 36.58 -48.91 34.61
C HIS F 172 35.37 -48.01 34.75
N PRO F 173 34.23 -48.35 34.13
CA PRO F 173 33.06 -47.46 34.21
C PRO F 173 32.60 -47.19 35.63
N ILE F 174 32.76 -48.14 36.55
CA ILE F 174 32.36 -47.89 37.93
C ILE F 174 33.30 -46.90 38.59
N ARG F 175 34.60 -47.01 38.31
CA ARG F 175 35.56 -46.08 38.89
C ARG F 175 35.40 -44.69 38.28
N LEU F 176 35.16 -44.61 36.98
CA LEU F 176 34.89 -43.32 36.36
C LEU F 176 33.59 -42.74 36.89
N GLY F 177 32.53 -43.55 36.98
CA GLY F 177 31.28 -43.06 37.54
C GLY F 177 31.46 -42.50 38.94
N LEU F 178 32.28 -43.18 39.75
CA LEU F 178 32.52 -42.71 41.11
C LEU F 178 33.17 -41.33 41.10
N ALA F 179 34.25 -41.18 40.35
CA ALA F 179 34.95 -39.90 40.28
C ALA F 179 33.99 -38.78 39.87
N LEU F 180 33.18 -39.04 38.83
CA LEU F 180 32.22 -38.04 38.37
C LEU F 180 31.31 -37.58 39.51
N ASN F 181 30.64 -38.53 40.17
CA ASN F 181 29.71 -38.14 41.22
C ASN F 181 30.42 -37.53 42.41
N PHE F 182 31.62 -38.05 42.74
CA PHE F 182 32.42 -37.48 43.82
C PHE F 182 32.77 -36.04 43.51
N SER F 183 33.17 -35.77 42.27
CA SER F 183 33.47 -34.40 41.86
C SER F 183 32.23 -33.51 41.94
N VAL F 184 31.06 -34.04 41.56
CA VAL F 184 29.83 -33.28 41.67
C VAL F 184 29.52 -32.97 43.12
N PHE F 185 29.75 -33.92 44.03
CA PHE F 185 29.63 -33.66 45.46
C PHE F 185 30.49 -32.47 45.86
N TYR F 186 31.75 -32.46 45.43
CA TYR F 186 32.63 -31.32 45.73
C TYR F 186 32.03 -30.02 45.22
N TYR F 187 31.58 -30.00 43.96
CA TYR F 187 31.10 -28.76 43.37
C TYR F 187 29.81 -28.29 44.03
N GLU F 188 28.80 -29.15 44.10
CA GLU F 188 27.45 -28.70 44.43
C GLU F 188 27.14 -28.73 45.92
N ILE F 189 27.62 -29.74 46.63
CA ILE F 189 27.31 -29.89 48.05
C ILE F 189 28.30 -29.12 48.93
N LEU F 190 29.59 -29.18 48.60
CA LEU F 190 30.61 -28.51 49.40
C LEU F 190 30.99 -27.14 48.85
N ASN F 191 30.55 -26.81 47.64
CA ASN F 191 30.89 -25.53 47.02
C ASN F 191 32.40 -25.33 47.00
N SER F 192 33.09 -26.34 46.46
CA SER F 192 34.56 -26.36 46.38
C SER F 192 34.95 -26.65 44.94
N PRO F 193 34.83 -25.66 44.06
CA PRO F 193 35.07 -25.93 42.62
C PRO F 193 36.49 -26.39 42.32
N ASP F 194 37.49 -25.91 43.05
CA ASP F 194 38.87 -26.29 42.76
C ASP F 194 39.07 -27.79 42.92
N ARG F 195 38.67 -28.33 44.08
CA ARG F 195 38.79 -29.76 44.31
C ARG F 195 37.90 -30.56 43.38
N ALA F 196 36.74 -30.01 43.00
CA ALA F 196 35.88 -30.68 42.04
C ALA F 196 36.59 -30.81 40.69
N CYS F 197 37.20 -29.73 40.21
CA CYS F 197 37.86 -29.77 38.90
C CYS F 197 39.12 -30.62 38.95
N ASN F 198 39.93 -30.48 39.99
CA ASN F 198 41.14 -31.28 40.08
C ASN F 198 40.80 -32.77 40.10
N LEU F 199 39.75 -33.15 40.84
CA LEU F 199 39.39 -34.56 40.90
C LEU F 199 38.91 -35.08 39.55
N ALA F 200 38.08 -34.31 38.85
CA ALA F 200 37.54 -34.77 37.58
C ALA F 200 38.61 -34.83 36.50
N LYS F 201 39.53 -33.86 36.48
CA LYS F 201 40.55 -33.82 35.45
C LYS F 201 41.48 -35.03 35.54
N GLN F 202 41.96 -35.34 36.74
CA GLN F 202 42.91 -36.44 36.88
C GLN F 202 42.24 -37.77 36.58
N ALA F 203 40.97 -37.92 36.97
CA ALA F 203 40.24 -39.14 36.63
C ALA F 203 40.11 -39.27 35.12
N PHE F 204 39.89 -38.16 34.43
CA PHE F 204 39.83 -38.18 32.97
C PHE F 204 41.22 -38.36 32.36
N ASP F 205 42.26 -37.84 33.02
CA ASP F 205 43.60 -37.97 32.48
C ASP F 205 44.19 -39.34 32.74
N GLU F 206 43.94 -39.90 33.94
CA GLU F 206 44.40 -41.25 34.23
C GLU F 206 43.68 -42.29 33.37
N ALA F 207 42.53 -41.93 32.80
CA ALA F 207 41.79 -42.86 31.95
C ALA F 207 42.31 -42.81 30.50
N ILE F 208 42.65 -41.62 30.01
CA ILE F 208 43.21 -41.48 28.67
C ILE F 208 44.64 -42.00 28.66
N ALA F 209 45.15 -42.36 29.84
CA ALA F 209 46.45 -43.02 29.97
C ALA F 209 46.34 -44.53 29.84
N GLU F 210 45.14 -45.05 29.54
CA GLU F 210 44.99 -46.48 29.35
C GLU F 210 43.80 -46.85 28.46
N LEU F 211 43.26 -45.91 27.69
CA LEU F 211 42.06 -46.20 26.89
C LEU F 211 42.38 -46.92 25.59
N ASP F 212 43.61 -46.82 25.08
CA ASP F 212 43.95 -47.49 23.83
C ASP F 212 43.99 -49.01 23.98
N THR F 213 43.99 -49.52 25.21
CA THR F 213 44.03 -50.95 25.46
C THR F 213 42.65 -51.56 25.70
N LEU F 214 41.67 -50.76 26.10
CA LEU F 214 40.34 -51.28 26.38
C LEU F 214 39.61 -51.66 25.10
N GLY F 215 38.73 -52.65 25.21
CA GLY F 215 37.97 -53.13 24.07
C GLY F 215 36.65 -52.39 23.91
N GLU F 216 35.92 -52.77 22.86
CA GLU F 216 34.69 -52.06 22.50
C GLU F 216 33.58 -52.29 23.52
N GLU F 217 33.58 -53.43 24.20
CA GLU F 217 32.55 -53.70 25.20
C GLU F 217 32.55 -52.63 26.29
N SER F 218 33.68 -52.49 26.99
CA SER F 218 33.82 -51.47 28.02
C SER F 218 33.95 -50.07 27.45
N TYR F 219 34.16 -49.94 26.14
CA TYR F 219 34.36 -48.62 25.54
C TYR F 219 33.09 -47.77 25.62
N LYS F 220 31.92 -48.38 25.54
CA LYS F 220 30.68 -47.62 25.48
C LYS F 220 30.47 -46.82 26.76
N ASP F 221 30.37 -47.50 27.90
CA ASP F 221 30.09 -46.81 29.15
C ASP F 221 31.21 -45.85 29.53
N SER F 222 32.46 -46.30 29.36
CA SER F 222 33.59 -45.46 29.77
C SER F 222 33.58 -44.13 29.04
N THR F 223 33.58 -44.17 27.70
CA THR F 223 33.62 -42.93 26.93
C THR F 223 32.50 -42.00 27.32
N LEU F 224 31.28 -42.53 27.48
CA LEU F 224 30.16 -41.67 27.88
C LEU F 224 30.45 -40.98 29.21
N ILE F 225 30.90 -41.74 30.20
CA ILE F 225 31.20 -41.13 31.50
C ILE F 225 32.36 -40.16 31.35
N MET F 226 33.33 -40.48 30.51
CA MET F 226 34.43 -39.57 30.28
C MET F 226 33.94 -38.24 29.70
N GLN F 227 32.98 -38.31 28.76
CA GLN F 227 32.43 -37.10 28.18
C GLN F 227 31.73 -36.26 29.23
N LEU F 228 31.01 -36.89 30.15
CA LEU F 228 30.36 -36.16 31.22
C LEU F 228 31.40 -35.43 32.08
N LEU F 229 32.53 -36.07 32.36
CA LEU F 229 33.61 -35.41 33.06
C LEU F 229 34.06 -34.16 32.30
N ARG F 230 34.20 -34.28 30.97
CA ARG F 230 34.67 -33.16 30.16
C ARG F 230 33.67 -32.02 30.18
N ASP F 231 32.39 -32.31 29.93
CA ASP F 231 31.38 -31.25 29.94
C ASP F 231 31.36 -30.53 31.28
N ASN F 232 31.36 -31.29 32.38
CA ASN F 232 31.35 -30.66 33.70
C ASN F 232 32.55 -29.74 33.87
N LEU F 233 33.70 -30.12 33.33
CA LEU F 233 34.87 -29.27 33.47
C LEU F 233 34.72 -27.97 32.69
N THR F 234 34.18 -28.05 31.47
CA THR F 234 34.00 -26.83 30.67
C THR F 234 33.01 -25.88 31.35
N LEU F 235 31.93 -26.41 31.91
CA LEU F 235 30.95 -25.56 32.57
C LEU F 235 31.45 -25.02 33.90
N TRP F 236 32.41 -25.69 34.54
CA TRP F 236 32.91 -25.25 35.85
C TRP F 236 33.96 -24.16 35.72
N THR F 237 34.76 -24.18 34.66
CA THR F 237 35.73 -23.11 34.42
C THR F 237 35.09 -21.85 33.87
N SER F 238 33.93 -21.96 33.23
CA SER F 238 33.22 -20.80 32.68
C SER F 238 32.71 -19.91 33.81
N MET G 3 46.98 0.60 8.92
CA MET G 3 46.70 -0.05 7.64
C MET G 3 45.80 -1.26 7.81
N ALA G 4 45.52 -1.62 9.06
CA ALA G 4 44.57 -2.69 9.35
C ALA G 4 43.23 -2.36 8.70
N SER G 5 42.80 -3.21 7.78
CA SER G 5 41.57 -2.94 7.04
C SER G 5 40.94 -4.25 6.64
N GLY G 6 39.68 -4.19 6.24
CA GLY G 6 38.99 -5.35 5.77
C GLY G 6 38.37 -6.16 6.89
N ARG G 7 37.26 -6.83 6.60
CA ARG G 7 36.62 -7.64 7.62
C ARG G 7 37.61 -8.58 8.31
N GLU G 8 38.70 -8.94 7.64
CA GLU G 8 39.65 -9.90 8.19
C GLU G 8 40.37 -9.34 9.41
N GLU G 9 41.09 -8.23 9.23
CA GLU G 9 41.84 -7.66 10.33
C GLU G 9 40.91 -7.31 11.50
N PHE G 10 39.76 -6.72 11.20
CA PHE G 10 38.93 -6.20 12.29
C PHE G 10 38.12 -7.30 12.97
N VAL G 11 37.82 -8.39 12.26
CA VAL G 11 37.24 -9.55 12.93
C VAL G 11 38.24 -10.13 13.93
N TYR G 12 39.52 -10.14 13.57
CA TYR G 12 40.56 -10.62 14.48
C TYR G 12 40.64 -9.73 15.72
N MET G 13 40.74 -8.42 15.51
CA MET G 13 40.74 -7.50 16.64
C MET G 13 39.51 -7.69 17.52
N ALA G 14 38.32 -7.87 16.92
CA ALA G 14 37.13 -8.12 17.72
C ALA G 14 37.29 -9.36 18.59
N LYS G 15 37.95 -10.40 18.06
CA LYS G 15 38.16 -11.61 18.84
C LYS G 15 39.16 -11.38 19.97
N LEU G 16 40.17 -10.55 19.73
CA LEU G 16 41.10 -10.18 20.80
C LEU G 16 40.39 -9.41 21.90
N ALA G 17 39.57 -8.42 21.51
CA ALA G 17 38.84 -7.63 22.50
C ALA G 17 37.84 -8.48 23.27
N GLU G 18 37.29 -9.52 22.63
CA GLU G 18 36.38 -10.41 23.34
C GLU G 18 37.13 -11.20 24.42
N GLN G 19 38.25 -11.81 24.06
CA GLN G 19 39.07 -12.51 25.04
C GLN G 19 39.46 -11.57 26.18
N ALA G 20 39.84 -10.34 25.85
CA ALA G 20 40.22 -9.37 26.86
C ALA G 20 39.05 -8.83 27.63
N GLU G 21 37.83 -9.16 27.25
CA GLU G 21 36.64 -8.63 27.89
C GLU G 21 36.59 -7.09 27.84
N ARG G 22 37.13 -6.52 26.78
CA ARG G 22 37.01 -5.09 26.51
C ARG G 22 35.91 -4.92 25.46
N TYR G 23 34.65 -5.00 25.93
CA TYR G 23 33.56 -5.15 24.97
C TYR G 23 33.20 -3.86 24.24
N GLU G 24 33.51 -2.69 24.81
CA GLU G 24 33.29 -1.45 24.06
C GLU G 24 34.18 -1.43 22.83
N GLU G 25 35.45 -1.85 22.96
CA GLU G 25 36.32 -1.95 21.81
C GLU G 25 35.87 -3.05 20.85
N MET G 26 35.30 -4.13 21.38
CA MET G 26 34.76 -5.16 20.51
C MET G 26 33.67 -4.59 19.60
N VAL G 27 32.82 -3.70 20.14
CA VAL G 27 31.80 -3.02 19.36
C VAL G 27 32.43 -2.19 18.26
N GLU G 28 33.39 -1.33 18.61
CA GLU G 28 34.07 -0.51 17.61
C GLU G 28 34.67 -1.37 16.49
N PHE G 29 35.30 -2.49 16.84
CA PHE G 29 35.89 -3.33 15.80
C PHE G 29 34.81 -3.96 14.90
N MET G 30 33.69 -4.41 15.48
CA MET G 30 32.67 -5.06 14.67
C MET G 30 31.88 -4.04 13.85
N GLU G 31 31.80 -2.80 14.33
CA GLU G 31 31.23 -1.75 13.49
C GLU G 31 32.12 -1.46 12.29
N LYS G 32 33.43 -1.55 12.46
CA LYS G 32 34.34 -1.44 11.33
C LYS G 32 34.20 -2.63 10.40
N VAL G 33 33.92 -3.81 10.95
CA VAL G 33 33.67 -4.97 10.11
C VAL G 33 32.42 -4.74 9.28
N SER G 34 31.36 -4.26 9.93
CA SER G 34 30.10 -4.02 9.24
C SER G 34 30.24 -2.93 8.17
N ALA G 35 31.07 -1.92 8.44
CA ALA G 35 31.33 -0.89 7.44
C ALA G 35 32.12 -1.44 6.26
N ALA G 36 32.93 -2.47 6.48
CA ALA G 36 33.74 -3.00 5.39
C ALA G 36 32.96 -3.93 4.47
N VAL G 37 31.85 -4.50 4.93
CA VAL G 37 31.13 -5.50 4.15
C VAL G 37 30.55 -4.93 2.86
N ASP G 38 30.51 -3.61 2.70
CA ASP G 38 30.05 -3.00 1.46
C ASP G 38 28.56 -3.24 1.25
N GLY G 39 27.78 -3.12 2.32
CA GLY G 39 26.36 -3.38 2.23
C GLY G 39 26.00 -4.78 1.83
N ASP G 40 26.90 -5.74 2.07
CA ASP G 40 26.64 -7.14 1.81
C ASP G 40 26.29 -7.85 3.12
N GLU G 41 26.26 -9.18 3.08
CA GLU G 41 25.86 -9.98 4.23
C GLU G 41 27.06 -10.25 5.12
N LEU G 42 26.87 -10.03 6.43
CA LEU G 42 27.82 -10.52 7.40
C LEU G 42 27.77 -12.06 7.44
N THR G 43 28.94 -12.68 7.66
CA THR G 43 28.93 -14.11 7.88
C THR G 43 28.19 -14.43 9.17
N VAL G 44 27.90 -15.72 9.38
CA VAL G 44 27.31 -16.13 10.63
C VAL G 44 28.24 -15.77 11.78
N GLU G 45 29.55 -16.03 11.61
CA GLU G 45 30.52 -15.73 12.65
C GLU G 45 30.54 -14.25 12.96
N GLU G 46 30.42 -13.40 11.93
CA GLU G 46 30.55 -11.96 12.15
C GLU G 46 29.32 -11.39 12.84
N ARG G 47 28.12 -11.78 12.42
CA ARG G 47 26.95 -11.19 13.07
CA ARG G 47 26.94 -11.21 13.05
C ARG G 47 26.79 -11.69 14.49
N ASN G 48 27.32 -12.87 14.81
CA ASN G 48 27.30 -13.34 16.18
C ASN G 48 28.27 -12.51 17.02
N LEU G 49 29.43 -12.19 16.46
CA LEU G 49 30.39 -11.36 17.19
C LEU G 49 29.82 -9.96 17.40
N LEU G 50 29.17 -9.39 16.39
CA LEU G 50 28.50 -8.11 16.56
C LEU G 50 27.49 -8.19 17.68
N SER G 51 26.70 -9.28 17.70
CA SER G 51 25.67 -9.44 18.72
C SER G 51 26.29 -9.61 20.11
N VAL G 52 27.33 -10.43 20.23
CA VAL G 52 27.99 -10.61 21.52
C VAL G 52 28.51 -9.28 22.05
N ALA G 53 29.19 -8.52 21.19
CA ALA G 53 29.74 -7.23 21.59
C ALA G 53 28.66 -6.33 22.17
N TYR G 54 27.60 -6.09 21.41
CA TYR G 54 26.55 -5.19 21.88
C TYR G 54 25.84 -5.76 23.11
N LYS G 55 25.64 -7.09 23.12
CA LYS G 55 24.92 -7.68 24.25
C LYS G 55 25.69 -7.45 25.56
N ASN G 56 27.01 -7.54 25.52
CA ASN G 56 27.81 -7.34 26.74
C ASN G 56 27.87 -5.87 27.14
N VAL G 57 27.98 -4.98 26.16
CA VAL G 57 28.01 -3.56 26.45
C VAL G 57 26.70 -3.11 27.09
N ILE G 58 25.57 -3.52 26.50
CA ILE G 58 24.29 -3.11 27.06
C ILE G 58 24.00 -3.86 28.34
N GLY G 59 24.43 -5.12 28.43
CA GLY G 59 24.14 -5.90 29.62
C GLY G 59 24.77 -5.31 30.88
N ALA G 60 25.95 -4.73 30.76
CA ALA G 60 26.60 -4.11 31.91
C ALA G 60 25.83 -2.87 32.36
N ARG G 61 25.30 -2.10 31.41
CA ARG G 61 24.53 -0.92 31.78
C ARG G 61 23.16 -1.31 32.32
N ARG G 62 22.53 -2.34 31.76
CA ARG G 62 21.27 -2.83 32.32
C ARG G 62 21.47 -3.28 33.78
N ALA G 63 22.52 -4.06 34.03
CA ALA G 63 22.83 -4.47 35.40
C ALA G 63 22.97 -3.26 36.31
N SER G 64 23.80 -2.28 35.90
CA SER G 64 23.99 -1.09 36.73
C SER G 64 22.68 -0.35 36.95
N TRP G 65 21.87 -0.20 35.89
CA TRP G 65 20.63 0.55 36.01
C TRP G 65 19.69 -0.09 37.01
N ARG G 66 19.58 -1.42 36.98
CA ARG G 66 18.67 -2.10 37.90
C ARG G 66 19.11 -1.90 39.36
N ILE G 67 20.42 -2.03 39.63
CA ILE G 67 20.90 -1.87 41.00
C ILE G 67 20.68 -0.44 41.47
N ILE G 68 21.06 0.54 40.64
CA ILE G 68 20.90 1.95 41.04
C ILE G 68 19.42 2.30 41.22
N SER G 69 18.55 1.72 40.38
CA SER G 69 17.13 2.00 40.54
C SER G 69 16.62 1.50 41.89
N SER G 70 17.03 0.29 42.29
CA SER G 70 16.63 -0.24 43.59
C SER G 70 17.13 0.64 44.73
N ILE G 71 18.39 1.08 44.64
CA ILE G 71 18.93 1.99 45.66
C ILE G 71 18.11 3.26 45.72
N GLU G 72 17.64 3.74 44.56
CA GLU G 72 16.84 4.96 44.51
C GLU G 72 15.54 4.81 45.31
N GLN G 73 14.84 3.69 45.10
CA GLN G 73 13.56 3.52 45.79
C GLN G 73 13.74 3.47 47.31
N LYS G 74 14.85 2.87 47.76
CA LYS G 74 15.07 2.73 49.19
C LYS G 74 15.52 4.03 49.83
N GLU G 75 16.39 4.79 49.15
CA GLU G 75 16.81 6.08 49.69
C GLU G 75 15.65 7.08 49.71
N GLU G 76 14.67 6.88 48.81
CA GLU G 76 13.47 7.73 48.86
C GLU G 76 12.59 7.35 50.03
N SER G 77 12.45 6.04 50.29
CA SER G 77 11.71 5.60 51.48
C SER G 77 12.36 6.15 52.75
N ARG G 78 13.68 6.35 52.74
CA ARG G 78 14.36 6.98 53.86
C ARG G 78 14.22 8.50 53.82
N GLY G 79 13.91 9.08 52.66
CA GLY G 79 13.72 10.51 52.56
C GLY G 79 14.98 11.32 52.54
N ASN G 80 16.15 10.70 52.35
CA ASN G 80 17.42 11.41 52.30
C ASN G 80 17.54 12.07 50.93
N ASP G 81 17.11 13.32 50.85
CA ASP G 81 16.94 13.98 49.55
C ASP G 81 18.28 14.26 48.89
N ASP G 82 19.30 14.64 49.67
CA ASP G 82 20.60 14.92 49.06
C ASP G 82 21.17 13.70 48.34
N HIS G 83 20.89 12.50 48.84
CA HIS G 83 21.31 11.29 48.16
C HIS G 83 20.41 10.97 46.97
N VAL G 84 19.10 11.17 47.12
CA VAL G 84 18.18 10.90 46.02
C VAL G 84 18.48 11.79 44.83
N THR G 85 18.73 13.07 45.08
CA THR G 85 19.15 13.97 44.00
C THR G 85 20.40 13.43 43.31
N ALA G 86 21.34 12.90 44.09
CA ALA G 86 22.57 12.38 43.50
C ALA G 86 22.33 11.06 42.79
N ILE G 87 21.43 10.22 43.29
CA ILE G 87 21.15 8.95 42.61
C ILE G 87 20.47 9.20 41.27
N ARG G 88 19.41 10.00 41.28
CA ARG G 88 18.71 10.31 40.03
C ARG G 88 19.69 10.86 39.00
N GLU G 89 20.63 11.70 39.45
CA GLU G 89 21.67 12.20 38.54
C GLU G 89 22.52 11.04 38.01
N TYR G 90 22.77 10.04 38.84
CA TYR G 90 23.61 8.92 38.43
C TYR G 90 22.86 7.96 37.52
N ARG G 91 21.60 7.69 37.85
CA ARG G 91 20.75 6.90 36.94
C ARG G 91 20.65 7.58 35.57
N SER G 92 20.54 8.91 35.56
CA SER G 92 20.42 9.61 34.28
C SER G 92 21.67 9.41 33.44
N LYS G 93 22.84 9.46 34.08
CA LYS G 93 24.09 9.18 33.37
C LYS G 93 24.06 7.80 32.75
N ILE G 94 23.59 6.79 33.50
CA ILE G 94 23.55 5.45 32.94
C ILE G 94 22.51 5.36 31.82
N GLU G 95 21.39 6.07 31.97
CA GLU G 95 20.37 6.08 30.93
C GLU G 95 20.87 6.71 29.62
N THR G 96 21.71 7.76 29.72
CA THR G 96 22.27 8.30 28.48
C THR G 96 23.12 7.27 27.75
N GLU G 97 23.84 6.42 28.49
CA GLU G 97 24.63 5.39 27.84
C GLU G 97 23.75 4.28 27.24
N LEU G 98 22.74 3.85 27.99
CA LEU G 98 21.80 2.86 27.47
C LEU G 98 21.17 3.38 26.16
N SER G 99 20.78 4.65 26.14
CA SER G 99 20.16 5.21 24.93
C SER G 99 21.16 5.28 23.78
N GLY G 100 22.39 5.67 24.08
CA GLY G 100 23.41 5.76 23.06
C GLY G 100 23.82 4.41 22.53
N ILE G 101 23.91 3.41 23.40
CA ILE G 101 24.24 2.07 22.94
C ILE G 101 23.12 1.54 22.04
N CYS G 102 21.88 1.61 22.52
CA CYS G 102 20.75 1.17 21.71
C CYS G 102 20.71 1.94 20.39
N ASP G 103 20.87 3.27 20.46
CA ASP G 103 20.82 4.08 19.25
C ASP G 103 21.85 3.61 18.23
N GLY G 104 23.03 3.22 18.68
CA GLY G 104 24.08 2.86 17.73
C GLY G 104 23.76 1.58 16.95
N ILE G 105 23.34 0.52 17.65
CA ILE G 105 23.05 -0.72 16.95
C ILE G 105 21.74 -0.58 16.15
N LEU G 106 20.77 0.15 16.69
CA LEU G 106 19.51 0.31 15.95
C LEU G 106 19.74 1.00 14.61
N LYS G 107 20.55 2.06 14.59
CA LYS G 107 20.86 2.72 13.33
C LYS G 107 21.61 1.79 12.38
N LEU G 108 22.49 0.97 12.92
CA LEU G 108 23.22 -0.01 12.11
C LEU G 108 22.27 -1.04 11.51
N LEU G 109 21.28 -1.49 12.27
CA LEU G 109 20.33 -2.48 11.76
C LEU G 109 19.47 -1.90 10.65
N ASP G 110 18.96 -0.67 10.85
CA ASP G 110 18.01 -0.09 9.91
C ASP G 110 18.68 0.32 8.61
N SER G 111 19.88 0.86 8.67
CA SER G 111 20.49 1.44 7.49
C SER G 111 21.38 0.45 6.75
N ARG G 112 21.84 -0.61 7.39
CA ARG G 112 22.79 -1.49 6.72
C ARG G 112 22.45 -2.96 6.83
N LEU G 113 22.19 -3.45 8.04
CA LEU G 113 22.09 -4.90 8.24
C LEU G 113 20.74 -5.44 7.75
N ILE G 114 19.65 -4.82 8.16
CA ILE G 114 18.34 -5.26 7.68
C ILE G 114 18.24 -5.11 6.16
N PRO G 115 18.60 -3.96 5.57
CA PRO G 115 18.54 -3.88 4.09
C PRO G 115 19.35 -4.93 3.36
N ALA G 116 20.53 -5.27 3.87
CA ALA G 116 21.40 -6.25 3.20
C ALA G 116 21.00 -7.69 3.50
N ALA G 117 20.02 -7.91 4.38
CA ALA G 117 19.62 -9.27 4.73
C ALA G 117 18.91 -9.92 3.55
N ALA G 118 19.42 -11.07 3.10
CA ALA G 118 18.88 -11.78 1.95
C ALA G 118 18.03 -12.99 2.34
N SER G 119 18.53 -13.81 3.26
CA SER G 119 17.87 -15.05 3.63
C SER G 119 16.93 -14.84 4.82
N GLY G 120 16.02 -15.80 4.99
CA GLY G 120 15.17 -15.79 6.16
C GLY G 120 15.94 -15.81 7.47
N ASP G 121 17.08 -16.52 7.49
CA ASP G 121 17.91 -16.56 8.69
C ASP G 121 18.34 -15.15 9.10
N SER G 122 18.96 -14.41 8.18
CA SER G 122 19.44 -13.08 8.50
C SER G 122 18.28 -12.16 8.88
N LYS G 123 17.22 -12.14 8.06
CA LYS G 123 16.12 -11.22 8.29
C LYS G 123 15.58 -11.37 9.72
N VAL G 124 15.34 -12.60 10.14
CA VAL G 124 14.79 -12.84 11.46
C VAL G 124 15.80 -12.43 12.53
N PHE G 125 17.06 -12.84 12.35
CA PHE G 125 18.09 -12.50 13.32
C PHE G 125 18.13 -11.00 13.59
N TYR G 126 18.20 -10.20 12.52
CA TYR G 126 18.34 -8.76 12.67
C TYR G 126 17.05 -8.10 13.14
N LEU G 127 15.90 -8.56 12.63
CA LEU G 127 14.63 -8.01 13.10
C LEU G 127 14.40 -8.33 14.57
N LYS G 128 14.76 -9.55 15.00
CA LYS G 128 14.77 -9.85 16.42
C LYS G 128 15.71 -8.91 17.19
N MET G 129 16.89 -8.67 16.64
CA MET G 129 17.83 -7.77 17.29
C MET G 129 17.25 -6.37 17.39
N LYS G 130 16.58 -5.91 16.33
CA LYS G 130 15.91 -4.62 16.38
C LYS G 130 14.92 -4.58 17.53
N GLY G 131 14.08 -5.61 17.64
CA GLY G 131 13.12 -5.65 18.73
C GLY G 131 13.79 -5.68 20.09
N ASP G 132 14.87 -6.44 20.21
CA ASP G 132 15.58 -6.56 21.48
C ASP G 132 16.03 -5.19 22.00
N TYR G 133 16.63 -4.37 21.11
CA TYR G 133 17.18 -3.10 21.58
C TYR G 133 16.12 -2.01 21.77
N HIS G 134 15.01 -2.05 21.02
CA HIS G 134 13.86 -1.24 21.41
C HIS G 134 13.31 -1.72 22.75
N ARG G 135 13.33 -3.03 22.97
CA ARG G 135 12.87 -3.55 24.26
C ARG G 135 13.78 -3.08 25.41
N TYR G 136 15.11 -3.03 25.18
CA TYR G 136 15.99 -2.54 26.22
C TYR G 136 15.74 -1.06 26.50
N LEU G 137 15.35 -0.30 25.47
CA LEU G 137 14.90 1.07 25.71
C LEU G 137 13.63 1.09 26.56
N ALA G 138 12.63 0.27 26.20
CA ALA G 138 11.40 0.22 26.97
C ALA G 138 11.63 -0.12 28.44
N GLU G 139 12.74 -0.79 28.78
CA GLU G 139 12.98 -1.18 30.17
C GLU G 139 13.12 0.04 31.06
N PHE G 140 13.77 1.10 30.58
CA PHE G 140 14.02 2.25 31.43
C PHE G 140 13.29 3.52 31.00
N LYS G 141 12.84 3.61 29.74
CA LYS G 141 12.02 4.74 29.35
C LYS G 141 10.71 4.73 30.15
N THR G 142 10.07 5.89 30.22
CA THR G 142 8.78 6.02 30.87
C THR G 142 7.85 6.85 29.96
N GLY G 143 6.58 6.84 30.32
CA GLY G 143 5.62 7.69 29.63
C GLY G 143 5.58 7.41 28.14
N GLN G 144 5.51 8.49 27.35
CA GLN G 144 5.37 8.35 25.91
C GLN G 144 6.57 7.64 25.29
N GLU G 145 7.78 7.95 25.76
CA GLU G 145 8.95 7.27 25.22
C GLU G 145 8.88 5.77 25.41
N ARG G 146 8.29 5.30 26.51
CA ARG G 146 8.13 3.88 26.71
C ARG G 146 7.10 3.31 25.73
N LYS G 147 5.96 3.99 25.60
CA LYS G 147 4.99 3.61 24.56
C LYS G 147 5.66 3.48 23.21
N ASP G 148 6.37 4.53 22.79
CA ASP G 148 7.04 4.52 21.50
C ASP G 148 7.97 3.33 21.38
N ALA G 149 8.81 3.10 22.40
CA ALA G 149 9.73 1.98 22.35
C ALA G 149 8.97 0.66 22.26
N ALA G 150 7.93 0.51 23.08
CA ALA G 150 7.21 -0.76 23.09
C ALA G 150 6.56 -1.03 21.73
N GLU G 151 5.96 0.01 21.13
CA GLU G 151 5.37 -0.12 19.81
C GLU G 151 6.40 -0.55 18.78
N HIS G 152 7.60 0.02 18.83
CA HIS G 152 8.66 -0.36 17.91
C HIS G 152 9.11 -1.80 18.15
N THR G 153 9.19 -2.22 19.43
CA THR G 153 9.52 -3.62 19.72
C THR G 153 8.47 -4.55 19.13
N LEU G 154 7.20 -4.28 19.41
CA LEU G 154 6.11 -5.12 18.90
C LEU G 154 6.16 -5.24 17.37
N ALA G 155 6.34 -4.12 16.68
CA ALA G 155 6.34 -4.15 15.22
C ALA G 155 7.52 -4.96 14.68
N ALA G 156 8.69 -4.82 15.28
CA ALA G 156 9.86 -5.55 14.84
C ALA G 156 9.71 -7.05 15.10
N TYR G 157 9.27 -7.42 16.30
CA TYR G 157 9.06 -8.83 16.61
C TYR G 157 7.98 -9.46 15.75
N LYS G 158 6.90 -8.72 15.45
CA LYS G 158 5.84 -9.30 14.62
C LYS G 158 6.35 -9.57 13.20
N SER G 159 7.08 -8.62 12.62
CA SER G 159 7.67 -8.83 11.31
C SER G 159 8.66 -9.99 11.34
N ALA G 160 9.47 -10.09 12.40
CA ALA G 160 10.37 -11.23 12.50
C ALA G 160 9.58 -12.53 12.61
N GLN G 161 8.50 -12.53 13.38
CA GLN G 161 7.74 -13.75 13.57
C GLN G 161 7.14 -14.24 12.25
N ASP G 162 6.59 -13.32 11.45
CA ASP G 162 5.95 -13.72 10.20
C ASP G 162 6.95 -14.37 9.26
N ILE G 163 8.15 -13.79 9.14
CA ILE G 163 9.18 -14.40 8.31
C ILE G 163 9.63 -15.73 8.91
N ALA G 164 9.80 -15.77 10.24
CA ALA G 164 10.28 -16.98 10.88
C ALA G 164 9.32 -18.14 10.65
N ASN G 165 8.02 -17.89 10.84
CA ASN G 165 7.04 -18.94 10.63
C ASN G 165 7.13 -19.52 9.22
N ALA G 166 7.28 -18.64 8.22
CA ALA G 166 7.19 -19.07 6.84
C ALA G 166 8.51 -19.63 6.30
N GLU G 167 9.63 -19.33 6.94
CA GLU G 167 10.93 -19.69 6.38
C GLU G 167 11.87 -20.44 7.33
N LEU G 168 11.50 -20.63 8.58
CA LEU G 168 12.37 -21.30 9.53
C LEU G 168 11.64 -22.45 10.23
N ALA G 169 12.35 -23.56 10.41
CA ALA G 169 11.79 -24.70 11.13
C ALA G 169 11.54 -24.32 12.58
N PRO G 170 10.58 -24.97 13.24
CA PRO G 170 10.25 -24.59 14.62
C PRO G 170 11.37 -24.85 15.60
N THR G 171 12.38 -25.63 15.24
CA THR G 171 13.51 -25.91 16.11
C THR G 171 14.70 -24.99 15.85
N HIS G 172 14.60 -24.12 14.85
CA HIS G 172 15.72 -23.23 14.53
C HIS G 172 16.01 -22.34 15.73
N PRO G 173 17.27 -22.27 16.20
CA PRO G 173 17.56 -21.45 17.38
C PRO G 173 17.16 -20.00 17.23
N ILE G 174 17.18 -19.46 16.01
CA ILE G 174 16.80 -18.07 15.82
C ILE G 174 15.31 -17.89 16.02
N ARG G 175 14.51 -18.80 15.45
CA ARG G 175 13.06 -18.74 15.65
C ARG G 175 12.71 -18.99 17.12
N LEU G 176 13.45 -19.86 17.79
CA LEU G 176 13.20 -20.09 19.22
C LEU G 176 13.61 -18.86 20.03
N GLY G 177 14.76 -18.27 19.72
CA GLY G 177 15.20 -17.11 20.46
C GLY G 177 14.25 -15.93 20.28
N LEU G 178 13.72 -15.77 19.06
CA LEU G 178 12.69 -14.77 18.85
C LEU G 178 11.48 -15.05 19.74
N ALA G 179 11.00 -16.30 19.73
CA ALA G 179 9.82 -16.62 20.54
C ALA G 179 10.09 -16.39 22.02
N LEU G 180 11.29 -16.75 22.49
CA LEU G 180 11.64 -16.50 23.88
C LEU G 180 11.61 -15.00 24.19
N ASN G 181 12.29 -14.20 23.36
CA ASN G 181 12.38 -12.77 23.65
C ASN G 181 11.04 -12.08 23.43
N PHE G 182 10.28 -12.50 22.41
CA PHE G 182 8.94 -11.97 22.23
C PHE G 182 8.07 -12.28 23.45
N SER G 183 8.20 -13.49 24.00
CA SER G 183 7.43 -13.83 25.19
C SER G 183 7.83 -12.97 26.38
N VAL G 184 9.14 -12.76 26.58
CA VAL G 184 9.60 -11.93 27.69
C VAL G 184 9.09 -10.51 27.53
N PHE G 185 9.03 -10.03 26.30
CA PHE G 185 8.44 -8.71 26.03
C PHE G 185 7.02 -8.62 26.56
N TYR G 186 6.19 -9.61 26.28
CA TYR G 186 4.82 -9.56 26.76
C TYR G 186 4.77 -9.55 28.28
N TYR G 187 5.59 -10.36 28.93
CA TYR G 187 5.54 -10.48 30.38
C TYR G 187 6.05 -9.21 31.06
N GLU G 188 7.24 -8.75 30.66
CA GLU G 188 7.92 -7.67 31.39
C GLU G 188 7.49 -6.28 30.95
N ILE G 189 7.29 -6.05 29.66
CA ILE G 189 7.02 -4.71 29.17
C ILE G 189 5.51 -4.44 29.10
N LEU G 190 4.76 -5.32 28.46
CA LEU G 190 3.33 -5.11 28.26
C LEU G 190 2.48 -5.65 29.41
N ASN G 191 3.08 -6.31 30.39
CA ASN G 191 2.33 -6.86 31.53
C ASN G 191 1.16 -7.71 31.08
N SER G 192 1.42 -8.57 30.09
CA SER G 192 0.44 -9.49 29.52
C SER G 192 0.95 -10.90 29.79
N PRO G 193 0.74 -11.42 31.00
CA PRO G 193 1.26 -12.76 31.31
C PRO G 193 0.61 -13.87 30.49
N ASP G 194 -0.69 -13.78 30.22
CA ASP G 194 -1.35 -14.84 29.45
C ASP G 194 -0.78 -14.91 28.03
N ARG G 195 -0.56 -13.77 27.40
CA ARG G 195 0.02 -13.77 26.05
C ARG G 195 1.45 -14.28 26.06
N ALA G 196 2.23 -13.92 27.08
CA ALA G 196 3.58 -14.43 27.19
C ALA G 196 3.57 -15.95 27.32
N CYS G 197 2.74 -16.48 28.22
CA CYS G 197 2.68 -17.92 28.39
C CYS G 197 2.22 -18.61 27.11
N ASN G 198 1.17 -18.09 26.49
CA ASN G 198 0.65 -18.69 25.27
C ASN G 198 1.76 -18.79 24.22
N LEU G 199 2.51 -17.71 24.03
CA LEU G 199 3.56 -17.69 23.01
C LEU G 199 4.68 -18.67 23.34
N ALA G 200 5.19 -18.63 24.58
CA ALA G 200 6.24 -19.57 24.94
C ALA G 200 5.76 -21.01 24.75
N LYS G 201 4.49 -21.28 25.08
CA LYS G 201 3.95 -22.63 24.96
C LYS G 201 3.95 -23.10 23.51
N GLN G 202 3.41 -22.28 22.61
CA GLN G 202 3.35 -22.65 21.20
C GLN G 202 4.74 -22.95 20.64
N ALA G 203 5.67 -22.02 20.80
CA ALA G 203 7.01 -22.21 20.25
C ALA G 203 7.67 -23.45 20.83
N PHE G 204 7.40 -23.76 22.10
CA PHE G 204 7.99 -24.96 22.69
C PHE G 204 7.35 -26.22 22.12
N ASP G 205 6.01 -26.23 22.00
CA ASP G 205 5.33 -27.40 21.44
C ASP G 205 5.73 -27.59 19.98
N GLU G 206 5.68 -26.52 19.19
CA GLU G 206 6.05 -26.66 17.78
C GLU G 206 7.47 -27.17 17.62
N ALA G 207 8.32 -26.92 18.61
CA ALA G 207 9.71 -27.37 18.52
C ALA G 207 9.85 -28.85 18.86
N ILE G 208 9.15 -29.32 19.91
CA ILE G 208 9.22 -30.74 20.25
C ILE G 208 8.62 -31.59 19.14
N ALA G 209 7.65 -31.03 18.41
CA ALA G 209 6.96 -31.80 17.37
C ALA G 209 7.94 -32.35 16.34
N GLU G 210 8.96 -31.57 15.98
CA GLU G 210 9.94 -32.01 14.99
C GLU G 210 11.35 -32.04 15.56
N LEU G 211 11.49 -32.09 16.89
CA LEU G 211 12.82 -32.10 17.49
C LEU G 211 13.57 -33.40 17.21
N ASP G 212 12.89 -34.44 16.72
CA ASP G 212 13.57 -35.68 16.40
C ASP G 212 14.56 -35.51 15.24
N THR G 213 14.35 -34.51 14.40
CA THR G 213 15.12 -34.34 13.17
C THR G 213 16.40 -33.54 13.36
N LEU G 214 16.78 -33.26 14.61
CA LEU G 214 17.91 -32.38 14.88
C LEU G 214 19.25 -33.09 14.66
N GLY G 215 19.67 -33.91 15.62
CA GLY G 215 20.95 -34.58 15.51
C GLY G 215 22.00 -34.02 16.44
N GLU G 216 22.20 -34.67 17.59
CA GLU G 216 23.14 -34.28 18.63
C GLU G 216 23.49 -32.79 18.63
N GLU G 217 24.43 -32.38 17.78
CA GLU G 217 24.92 -31.00 17.83
C GLU G 217 23.76 -30.00 17.72
N SER G 218 23.01 -30.05 16.62
CA SER G 218 21.85 -29.18 16.46
C SER G 218 20.89 -29.33 17.63
N TYR G 219 20.69 -30.58 18.09
CA TYR G 219 19.80 -30.82 19.22
C TYR G 219 20.21 -30.01 20.44
N LYS G 220 21.50 -29.94 20.74
CA LYS G 220 21.94 -29.20 21.92
C LYS G 220 21.70 -27.70 21.79
N ASP G 221 21.72 -27.17 20.56
CA ASP G 221 21.51 -25.74 20.36
C ASP G 221 20.07 -25.35 20.66
N SER G 222 19.11 -26.11 20.14
CA SER G 222 17.70 -25.78 20.34
C SER G 222 17.26 -26.06 21.77
N THR G 223 17.69 -27.19 22.34
CA THR G 223 17.23 -27.55 23.68
C THR G 223 17.66 -26.51 24.71
N LEU G 224 18.74 -25.79 24.45
CA LEU G 224 19.13 -24.72 25.37
C LEU G 224 18.08 -23.62 25.40
N ILE G 225 17.67 -23.13 24.22
CA ILE G 225 16.62 -22.12 24.18
C ILE G 225 15.32 -22.68 24.72
N MET G 226 15.01 -23.93 24.38
CA MET G 226 13.74 -24.52 24.83
C MET G 226 13.69 -24.71 26.34
N GLN G 227 14.83 -24.91 27.00
CA GLN G 227 14.81 -25.03 28.45
C GLN G 227 14.62 -23.67 29.12
N LEU G 228 15.06 -22.60 28.47
CA LEU G 228 14.74 -21.26 28.96
C LEU G 228 13.25 -20.97 28.82
N LEU G 229 12.64 -21.38 27.69
CA LEU G 229 11.20 -21.20 27.52
C LEU G 229 10.42 -21.94 28.59
N ARG G 230 10.86 -23.15 28.94
CA ARG G 230 10.18 -23.91 29.98
C ARG G 230 10.41 -23.29 31.35
N ASP G 231 11.62 -22.77 31.59
CA ASP G 231 11.89 -22.14 32.87
C ASP G 231 10.98 -20.95 33.09
N ASN G 232 10.90 -20.06 32.08
CA ASN G 232 9.98 -18.93 32.19
C ASN G 232 8.56 -19.40 32.44
N LEU G 233 8.06 -20.33 31.62
CA LEU G 233 6.67 -20.77 31.75
C LEU G 233 6.42 -21.30 33.15
N THR G 234 7.39 -22.04 33.71
CA THR G 234 7.19 -22.60 35.04
C THR G 234 6.98 -21.50 36.07
N LEU G 235 7.67 -20.37 35.90
CA LEU G 235 7.53 -19.28 36.85
C LEU G 235 6.31 -18.42 36.52
N TRP G 236 6.15 -18.04 35.26
CA TRP G 236 5.01 -17.20 34.89
C TRP G 236 3.67 -17.85 35.24
N THR G 237 3.53 -19.15 34.99
CA THR G 237 2.24 -19.80 35.22
C THR G 237 1.90 -19.92 36.70
N SER G 238 2.88 -19.75 37.59
CA SER G 238 2.65 -19.84 39.03
C SER G 238 2.50 -18.48 39.69
N ASP G 239 2.31 -17.41 38.91
CA ASP G 239 2.04 -16.09 39.45
C ASP G 239 0.66 -16.08 40.09
N GLY H 6 32.96 19.31 49.27
CA GLY H 6 32.05 18.22 48.96
C GLY H 6 32.68 16.87 49.19
N ARG H 7 33.26 16.69 50.38
CA ARG H 7 33.96 15.45 50.69
C ARG H 7 32.98 14.29 50.83
N GLU H 8 31.93 14.46 51.62
CA GLU H 8 30.96 13.39 51.80
C GLU H 8 30.15 13.16 50.52
N GLU H 9 29.99 14.21 49.71
CA GLU H 9 29.23 14.05 48.48
C GLU H 9 29.87 13.02 47.56
N PHE H 10 31.21 13.04 47.46
CA PHE H 10 31.89 12.12 46.56
C PHE H 10 32.12 10.76 47.18
N VAL H 11 32.21 10.67 48.51
CA VAL H 11 32.24 9.35 49.14
C VAL H 11 30.98 8.58 48.77
N TYR H 12 29.83 9.23 48.85
CA TYR H 12 28.58 8.57 48.50
C TYR H 12 28.53 8.19 47.02
N MET H 13 28.96 9.10 46.13
CA MET H 13 29.02 8.76 44.71
C MET H 13 29.92 7.54 44.48
N ALA H 14 31.05 7.47 45.19
CA ALA H 14 31.94 6.32 45.09
C ALA H 14 31.18 5.03 45.44
N LYS H 15 30.41 5.05 46.52
CA LYS H 15 29.63 3.88 46.91
C LYS H 15 28.62 3.51 45.84
N LEU H 16 27.98 4.51 45.23
CA LEU H 16 27.05 4.21 44.14
C LEU H 16 27.79 3.56 42.97
N ALA H 17 28.97 4.08 42.63
CA ALA H 17 29.72 3.51 41.51
C ALA H 17 30.14 2.08 41.80
N GLU H 18 30.53 1.81 43.05
CA GLU H 18 30.88 0.45 43.43
C GLU H 18 29.70 -0.49 43.23
N GLN H 19 28.53 -0.10 43.73
CA GLN H 19 27.33 -0.92 43.53
C GLN H 19 27.05 -1.16 42.04
N ALA H 20 27.19 -0.12 41.23
CA ALA H 20 26.95 -0.28 39.79
C ALA H 20 28.09 -0.96 39.08
N GLU H 21 29.21 -1.21 39.76
CA GLU H 21 30.39 -1.84 39.16
C GLU H 21 30.96 -0.98 38.02
N ARG H 22 30.93 0.33 38.23
CA ARG H 22 31.52 1.30 37.30
C ARG H 22 32.75 1.87 38.00
N TYR H 23 33.83 1.09 37.98
CA TYR H 23 34.97 1.36 38.87
C TYR H 23 35.84 2.51 38.37
N GLU H 24 35.84 2.81 37.07
CA GLU H 24 36.54 3.99 36.62
C GLU H 24 35.95 5.24 37.28
N GLU H 25 34.62 5.31 37.37
CA GLU H 25 33.99 6.45 38.01
C GLU H 25 34.23 6.44 39.50
N MET H 26 34.29 5.25 40.11
CA MET H 26 34.61 5.15 41.53
C MET H 26 35.99 5.72 41.83
N VAL H 27 36.97 5.44 40.95
CA VAL H 27 38.29 6.06 41.09
C VAL H 27 38.17 7.58 41.04
N GLU H 28 37.51 8.10 40.00
CA GLU H 28 37.38 9.55 39.89
C GLU H 28 36.76 10.14 41.14
N PHE H 29 35.69 9.51 41.65
CA PHE H 29 35.03 10.03 42.83
C PHE H 29 35.96 10.00 44.05
N MET H 30 36.70 8.90 44.24
CA MET H 30 37.62 8.84 45.38
C MET H 30 38.86 9.70 45.16
N GLU H 31 39.22 10.01 43.91
CA GLU H 31 40.25 11.02 43.68
C GLU H 31 39.77 12.39 44.14
N LYS H 32 38.52 12.74 43.86
CA LYS H 32 37.99 14.02 44.32
C LYS H 32 37.88 14.05 45.84
N VAL H 33 37.60 12.92 46.48
CA VAL H 33 37.59 12.88 47.94
C VAL H 33 38.98 13.19 48.48
N SER H 34 40.01 12.58 47.90
CA SER H 34 41.37 12.78 48.41
C SER H 34 41.86 14.20 48.19
N ALA H 35 41.40 14.85 47.12
CA ALA H 35 41.73 16.25 46.92
C ALA H 35 40.99 17.12 47.93
N ALA H 36 39.78 16.73 48.33
CA ALA H 36 38.99 17.49 49.28
C ALA H 36 39.46 17.33 50.72
N VAL H 37 40.32 16.35 51.01
CA VAL H 37 40.81 16.18 52.37
C VAL H 37 41.73 17.31 52.78
N ASP H 38 42.25 18.08 51.81
CA ASP H 38 43.07 19.26 52.07
C ASP H 38 44.49 18.90 52.49
N GLY H 39 44.68 17.70 53.00
CA GLY H 39 45.98 17.29 53.51
C GLY H 39 45.87 16.53 54.82
N ASP H 40 44.64 16.30 55.28
CA ASP H 40 44.38 15.47 56.44
C ASP H 40 44.52 14.01 56.05
N GLU H 41 43.96 13.11 56.85
CA GLU H 41 44.03 11.68 56.58
C GLU H 41 42.68 11.15 56.15
N LEU H 42 42.69 10.28 55.15
CA LEU H 42 41.47 9.57 54.78
C LEU H 42 41.03 8.69 55.96
N THR H 43 39.73 8.62 56.17
CA THR H 43 39.19 7.66 57.12
C THR H 43 39.41 6.24 56.61
N VAL H 44 39.27 5.28 57.52
CA VAL H 44 39.37 3.88 57.11
C VAL H 44 38.40 3.57 55.98
N GLU H 45 37.14 3.99 56.12
CA GLU H 45 36.14 3.76 55.08
C GLU H 45 36.61 4.32 53.74
N GLU H 46 36.98 5.60 53.74
CA GLU H 46 37.41 6.22 52.49
C GLU H 46 38.67 5.56 51.98
N ARG H 47 39.56 5.13 52.89
CA ARG H 47 40.77 4.44 52.52
C ARG H 47 40.45 3.14 51.79
N ASN H 48 39.55 2.34 52.34
CA ASN H 48 39.26 1.07 51.70
C ASN H 48 38.48 1.26 50.41
N LEU H 49 37.65 2.32 50.33
CA LEU H 49 36.93 2.61 49.07
C LEU H 49 37.89 2.99 47.96
N LEU H 50 38.83 3.91 48.25
CA LEU H 50 39.90 4.21 47.31
C LEU H 50 40.60 2.94 46.84
N SER H 51 40.90 2.03 47.76
CA SER H 51 41.67 0.84 47.40
C SER H 51 40.84 -0.11 46.53
N VAL H 52 39.57 -0.26 46.84
CA VAL H 52 38.67 -1.06 46.01
C VAL H 52 38.62 -0.49 44.60
N ALA H 53 38.51 0.84 44.48
CA ALA H 53 38.35 1.48 43.18
C ALA H 53 39.54 1.17 42.28
N TYR H 54 40.74 1.49 42.74
CA TYR H 54 41.93 1.23 41.93
C TYR H 54 42.18 -0.27 41.78
N LYS H 55 41.88 -1.05 42.82
CA LYS H 55 42.08 -2.50 42.70
C LYS H 55 41.25 -3.07 41.54
N ASN H 56 40.00 -2.63 41.42
CA ASN H 56 39.16 -3.16 40.34
C ASN H 56 39.55 -2.58 38.98
N VAL H 57 39.88 -1.30 38.93
CA VAL H 57 40.26 -0.71 37.63
C VAL H 57 41.53 -1.36 37.11
N ILE H 58 42.55 -1.48 37.98
CA ILE H 58 43.79 -2.10 37.53
C ILE H 58 43.60 -3.59 37.30
N GLY H 59 42.70 -4.21 38.07
CA GLY H 59 42.54 -5.65 37.94
C GLY H 59 41.99 -6.06 36.58
N ALA H 60 41.10 -5.25 36.01
CA ALA H 60 40.53 -5.59 34.70
C ALA H 60 41.60 -5.55 33.61
N ARG H 61 42.48 -4.53 33.66
CA ARG H 61 43.55 -4.44 32.67
C ARG H 61 44.61 -5.52 32.89
N ARG H 62 44.89 -5.89 34.14
CA ARG H 62 45.82 -6.99 34.37
C ARG H 62 45.26 -8.28 33.78
N ALA H 63 43.98 -8.56 34.04
CA ALA H 63 43.37 -9.75 33.45
C ALA H 63 43.46 -9.70 31.93
N SER H 64 43.06 -8.58 31.35
CA SER H 64 43.13 -8.45 29.89
C SER H 64 44.57 -8.60 29.42
N TRP H 65 45.52 -7.97 30.11
CA TRP H 65 46.92 -8.04 29.68
C TRP H 65 47.43 -9.49 29.66
N ARG H 66 47.11 -10.29 30.69
CA ARG H 66 47.59 -11.66 30.70
C ARG H 66 47.01 -12.49 29.56
N ILE H 67 45.70 -12.37 29.31
CA ILE H 67 45.06 -13.09 28.21
C ILE H 67 45.73 -12.73 26.90
N ILE H 68 45.85 -11.44 26.62
CA ILE H 68 46.45 -11.00 25.36
C ILE H 68 47.89 -11.49 25.25
N SER H 69 48.64 -11.40 26.34
CA SER H 69 50.02 -11.88 26.31
C SER H 69 50.09 -13.36 25.95
N SER H 70 49.22 -14.19 26.52
CA SER H 70 49.27 -15.61 26.19
C SER H 70 48.92 -15.84 24.72
N ILE H 71 47.94 -15.09 24.21
CA ILE H 71 47.59 -15.20 22.79
C ILE H 71 48.78 -14.79 21.93
N GLU H 72 49.42 -13.68 22.27
CA GLU H 72 50.62 -13.26 21.55
C GLU H 72 51.66 -14.37 21.49
N GLN H 73 51.94 -15.01 22.63
CA GLN H 73 52.91 -16.11 22.65
C GLN H 73 52.46 -17.24 21.73
N LYS H 74 51.17 -17.57 21.77
CA LYS H 74 50.66 -18.67 20.94
C LYS H 74 50.76 -18.34 19.46
N GLU H 75 50.44 -17.12 19.06
CA GLU H 75 50.54 -16.76 17.65
C GLU H 75 51.99 -16.69 17.19
N GLU H 76 52.91 -16.32 18.11
CA GLU H 76 54.34 -16.36 17.77
C GLU H 76 54.77 -17.79 17.48
N SER H 77 54.25 -18.76 18.23
CA SER H 77 54.56 -20.16 17.98
C SER H 77 53.91 -20.70 16.72
N ARG H 78 52.94 -19.98 16.16
CA ARG H 78 52.32 -20.37 14.92
C ARG H 78 52.96 -19.69 13.71
N GLY H 79 53.87 -18.75 13.94
CA GLY H 79 54.44 -18.00 12.85
C GLY H 79 53.51 -17.03 12.17
N ASN H 80 52.45 -16.61 12.86
CA ASN H 80 51.49 -15.66 12.29
C ASN H 80 51.94 -14.24 12.64
N ASP H 81 52.89 -13.76 11.85
CA ASP H 81 53.56 -12.50 12.18
C ASP H 81 52.60 -11.32 12.12
N ASP H 82 51.67 -11.33 11.17
CA ASP H 82 50.67 -10.26 11.10
C ASP H 82 49.80 -10.24 12.35
N HIS H 83 49.37 -11.41 12.81
CA HIS H 83 48.62 -11.48 14.06
C HIS H 83 49.45 -10.96 15.22
N VAL H 84 50.73 -11.38 15.30
CA VAL H 84 51.58 -10.95 16.41
C VAL H 84 51.70 -9.43 16.42
N THR H 85 51.97 -8.84 15.26
CA THR H 85 52.06 -7.39 15.18
C THR H 85 50.78 -6.73 15.70
N ALA H 86 49.62 -7.25 15.29
CA ALA H 86 48.35 -6.71 15.76
C ALA H 86 48.18 -6.91 17.26
N ILE H 87 48.54 -8.09 17.77
CA ILE H 87 48.41 -8.35 19.20
C ILE H 87 49.31 -7.40 19.99
N ARG H 88 50.54 -7.19 19.52
CA ARG H 88 51.48 -6.35 20.25
C ARG H 88 50.97 -4.91 20.33
N GLU H 89 50.37 -4.43 19.25
CA GLU H 89 49.79 -3.08 19.29
C GLU H 89 48.66 -3.03 20.31
N TYR H 90 47.84 -4.08 20.38
CA TYR H 90 46.73 -4.09 21.33
C TYR H 90 47.25 -4.17 22.76
N ARG H 91 48.20 -5.09 23.00
CA ARG H 91 48.82 -5.16 24.32
C ARG H 91 49.41 -3.80 24.70
N SER H 92 50.04 -3.12 23.75
CA SER H 92 50.65 -1.84 24.04
C SER H 92 49.60 -0.82 24.50
N LYS H 93 48.41 -0.85 23.91
CA LYS H 93 47.34 0.03 24.37
C LYS H 93 46.93 -0.29 25.80
N ILE H 94 46.85 -1.57 26.14
CA ILE H 94 46.49 -1.95 27.50
C ILE H 94 47.60 -1.54 28.48
N GLU H 95 48.85 -1.65 28.05
CA GLU H 95 49.96 -1.22 28.90
C GLU H 95 49.95 0.28 29.12
N THR H 96 49.48 1.07 28.15
CA THR H 96 49.31 2.51 28.36
C THR H 96 48.26 2.79 29.42
N GLU H 97 47.19 2.00 29.45
CA GLU H 97 46.17 2.19 30.49
C GLU H 97 46.72 1.78 31.87
N LEU H 98 47.33 0.60 31.95
CA LEU H 98 47.97 0.14 33.19
C LEU H 98 48.92 1.19 33.76
N SER H 99 49.80 1.74 32.90
CA SER H 99 50.72 2.78 33.35
C SER H 99 49.99 4.00 33.87
N GLY H 100 48.91 4.42 33.20
CA GLY H 100 48.20 5.60 33.64
C GLY H 100 47.46 5.39 34.95
N ILE H 101 46.88 4.22 35.12
CA ILE H 101 46.18 3.91 36.37
C ILE H 101 47.18 3.87 37.52
N CYS H 102 48.29 3.16 37.33
CA CYS H 102 49.31 3.12 38.38
C CYS H 102 49.85 4.52 38.68
N ASP H 103 50.11 5.30 37.63
CA ASP H 103 50.65 6.64 37.84
C ASP H 103 49.70 7.50 38.66
N GLY H 104 48.40 7.34 38.47
CA GLY H 104 47.45 8.11 39.25
C GLY H 104 47.53 7.80 40.74
N ILE H 105 47.44 6.52 41.10
CA ILE H 105 47.42 6.18 42.52
C ILE H 105 48.79 6.42 43.14
N LEU H 106 49.88 6.18 42.40
CA LEU H 106 51.21 6.44 42.94
C LEU H 106 51.43 7.93 43.18
N LYS H 107 50.92 8.80 42.31
CA LYS H 107 51.07 10.24 42.55
C LYS H 107 50.27 10.70 43.76
N LEU H 108 49.11 10.09 43.98
CA LEU H 108 48.34 10.40 45.18
C LEU H 108 49.03 9.89 46.43
N LEU H 109 49.60 8.68 46.37
CA LEU H 109 50.29 8.13 47.52
C LEU H 109 51.51 8.95 47.88
N ASP H 110 52.31 9.33 46.87
CA ASP H 110 53.55 10.05 47.16
C ASP H 110 53.27 11.46 47.66
N SER H 111 52.28 12.14 47.09
CA SER H 111 52.10 13.56 47.40
C SER H 111 51.20 13.81 48.59
N ARG H 112 50.29 12.90 48.92
CA ARG H 112 49.30 13.20 49.95
C ARG H 112 49.17 12.12 51.02
N LEU H 113 49.05 10.86 50.61
CA LEU H 113 48.61 9.82 51.53
C LEU H 113 49.75 9.32 52.43
N ILE H 114 50.94 9.10 51.86
CA ILE H 114 52.08 8.63 52.65
C ILE H 114 52.53 9.77 53.56
N PRO H 115 52.77 10.97 53.04
CA PRO H 115 53.18 12.07 53.94
C PRO H 115 52.23 12.32 55.09
N ALA H 116 50.93 12.05 54.91
CA ALA H 116 49.95 12.30 55.94
C ALA H 116 49.70 11.11 56.86
N ALA H 117 50.25 9.95 56.55
CA ALA H 117 50.02 8.77 57.40
C ALA H 117 50.60 9.02 58.79
N ALA H 118 49.75 8.91 59.81
CA ALA H 118 50.14 9.15 61.20
C ALA H 118 50.48 7.87 61.93
N SER H 119 49.50 6.99 62.11
CA SER H 119 49.73 5.74 62.81
C SER H 119 50.59 4.79 61.96
N GLY H 120 51.24 3.87 62.65
CA GLY H 120 51.93 2.80 61.94
C GLY H 120 50.97 1.96 61.11
N ASP H 121 49.74 1.83 61.57
CA ASP H 121 48.70 1.19 60.78
C ASP H 121 48.60 1.83 59.40
N SER H 122 48.47 3.16 59.36
CA SER H 122 48.29 3.84 58.08
C SER H 122 49.56 3.82 57.24
N LYS H 123 50.71 4.01 57.88
CA LYS H 123 51.97 3.98 57.16
C LYS H 123 52.17 2.65 56.44
N VAL H 124 51.88 1.53 57.12
CA VAL H 124 52.06 0.23 56.50
C VAL H 124 51.03 0.02 55.37
N PHE H 125 49.80 0.48 55.59
CA PHE H 125 48.77 0.33 54.57
C PHE H 125 49.19 1.02 53.29
N TYR H 126 49.62 2.29 53.39
CA TYR H 126 49.88 3.08 52.19
C TYR H 126 51.21 2.70 51.56
N LEU H 127 52.21 2.37 52.38
CA LEU H 127 53.47 1.87 51.83
C LEU H 127 53.27 0.54 51.12
N LYS H 128 52.43 -0.34 51.69
CA LYS H 128 52.07 -1.57 51.00
C LYS H 128 51.38 -1.27 49.67
N MET H 129 50.46 -0.29 49.68
CA MET H 129 49.75 0.09 48.45
C MET H 129 50.73 0.58 47.40
N LYS H 130 51.64 1.47 47.80
CA LYS H 130 52.69 1.92 46.89
C LYS H 130 53.46 0.75 46.31
N GLY H 131 53.90 -0.19 47.17
CA GLY H 131 54.55 -1.38 46.64
C GLY H 131 53.69 -2.17 45.66
N ASP H 132 52.41 -2.36 46.00
CA ASP H 132 51.51 -3.09 45.13
C ASP H 132 51.50 -2.51 43.71
N TYR H 133 51.38 -1.17 43.60
CA TYR H 133 51.22 -0.56 42.27
C TYR H 133 52.56 -0.43 41.55
N HIS H 134 53.69 -0.35 42.27
CA HIS H 134 54.96 -0.52 41.56
C HIS H 134 55.10 -1.94 41.06
N ARG H 135 54.58 -2.92 41.82
CA ARG H 135 54.66 -4.32 41.39
C ARG H 135 53.83 -4.57 40.14
N TYR H 136 52.65 -3.96 40.05
CA TYR H 136 51.84 -4.06 38.83
C TYR H 136 52.59 -3.47 37.63
N LEU H 137 53.34 -2.40 37.85
CA LEU H 137 54.23 -1.91 36.80
C LEU H 137 55.29 -2.95 36.44
N ALA H 138 55.91 -3.57 37.46
CA ALA H 138 56.95 -4.56 37.18
C ALA H 138 56.39 -5.78 36.45
N GLU H 139 55.07 -5.99 36.46
CA GLU H 139 54.51 -7.14 35.77
C GLU H 139 54.62 -7.03 34.25
N PHE H 140 54.65 -5.82 33.70
CA PHE H 140 54.68 -5.67 32.25
C PHE H 140 55.82 -4.78 31.74
N LYS H 141 56.37 -3.88 32.54
CA LYS H 141 57.51 -3.10 32.08
C LYS H 141 58.70 -4.01 31.73
N THR H 142 59.63 -3.46 30.98
CA THR H 142 60.82 -4.18 30.56
C THR H 142 62.06 -3.31 30.76
N GLY H 143 63.22 -3.94 30.61
CA GLY H 143 64.48 -3.22 30.65
C GLY H 143 64.64 -2.37 31.90
N GLN H 144 65.03 -1.11 31.68
CA GLN H 144 65.31 -0.21 32.79
C GLN H 144 64.06 0.07 33.62
N GLU H 145 62.93 0.32 32.96
CA GLU H 145 61.71 0.65 33.67
C GLU H 145 61.27 -0.47 34.59
N ARG H 146 61.50 -1.73 34.19
CA ARG H 146 61.14 -2.85 35.04
C ARG H 146 62.04 -2.91 36.27
N LYS H 147 63.34 -2.67 36.09
CA LYS H 147 64.25 -2.67 37.23
C LYS H 147 63.87 -1.56 38.20
N ASP H 148 63.60 -0.36 37.69
N ASP H 148 63.64 -0.36 37.69
CA ASP H 148 63.21 0.73 38.58
CA ASP H 148 63.20 0.74 38.55
C ASP H 148 61.90 0.44 39.30
C ASP H 148 61.95 0.35 39.34
N ALA H 149 60.99 -0.31 38.68
CA ALA H 149 59.72 -0.62 39.33
C ALA H 149 59.88 -1.70 40.41
N ALA H 150 60.72 -2.69 40.14
CA ALA H 150 60.96 -3.74 41.13
C ALA H 150 61.76 -3.19 42.32
N GLU H 151 62.66 -2.23 42.07
CA GLU H 151 63.37 -1.59 43.17
C GLU H 151 62.44 -0.72 44.01
N HIS H 152 61.53 0.01 43.36
CA HIS H 152 60.56 0.78 44.15
C HIS H 152 59.63 -0.15 44.93
N THR H 153 59.30 -1.31 44.35
CA THR H 153 58.45 -2.26 45.07
C THR H 153 59.16 -2.78 46.32
N LEU H 154 60.41 -3.22 46.17
CA LEU H 154 61.13 -3.75 47.32
C LEU H 154 61.31 -2.68 48.38
N ALA H 155 61.66 -1.45 47.98
CA ALA H 155 61.86 -0.38 48.94
C ALA H 155 60.59 -0.11 49.72
N ALA H 156 59.44 -0.06 49.04
CA ALA H 156 58.18 0.16 49.71
C ALA H 156 57.83 -0.99 50.64
N TYR H 157 57.94 -2.24 50.15
CA TYR H 157 57.59 -3.39 50.97
C TYR H 157 58.54 -3.55 52.16
N LYS H 158 59.86 -3.33 51.95
CA LYS H 158 60.80 -3.52 53.05
C LYS H 158 60.57 -2.48 54.14
N SER H 159 60.35 -1.23 53.74
CA SER H 159 60.07 -0.18 54.72
C SER H 159 58.77 -0.44 55.45
N ALA H 160 57.73 -0.88 54.74
CA ALA H 160 56.47 -1.23 55.40
C ALA H 160 56.66 -2.41 56.34
N GLN H 161 57.50 -3.37 55.94
CA GLN H 161 57.76 -4.53 56.79
C GLN H 161 58.49 -4.14 58.06
N ASP H 162 59.43 -3.20 57.96
CA ASP H 162 60.11 -2.69 59.16
C ASP H 162 59.09 -2.15 60.16
N ILE H 163 58.19 -1.30 59.70
CA ILE H 163 57.16 -0.72 60.56
C ILE H 163 56.21 -1.80 61.06
N ALA H 164 55.76 -2.68 60.17
CA ALA H 164 54.79 -3.69 60.57
C ALA H 164 55.34 -4.58 61.68
N ASN H 165 56.61 -4.98 61.57
CA ASN H 165 57.19 -5.87 62.57
C ASN H 165 57.29 -5.18 63.93
N ALA H 166 57.39 -3.85 63.93
CA ALA H 166 57.61 -3.11 65.16
C ALA H 166 56.33 -2.58 65.79
N GLU H 167 55.25 -2.43 65.03
CA GLU H 167 54.06 -1.78 65.54
C GLU H 167 52.76 -2.55 65.33
N LEU H 168 52.74 -3.61 64.54
CA LEU H 168 51.53 -4.38 64.28
C LEU H 168 51.67 -5.80 64.78
N ALA H 169 50.58 -6.37 65.28
CA ALA H 169 50.58 -7.74 65.71
C ALA H 169 50.79 -8.67 64.52
N PRO H 170 51.42 -9.83 64.74
CA PRO H 170 51.67 -10.75 63.61
C PRO H 170 50.40 -11.18 62.90
N THR H 171 49.24 -11.05 63.54
CA THR H 171 47.97 -11.46 62.97
C THR H 171 47.18 -10.29 62.40
N HIS H 172 47.74 -9.09 62.42
CA HIS H 172 47.03 -7.92 61.91
C HIS H 172 46.82 -8.05 60.42
N PRO H 173 45.59 -7.83 59.92
CA PRO H 173 45.35 -8.06 58.48
C PRO H 173 46.25 -7.26 57.57
N ILE H 174 46.62 -6.03 57.96
CA ILE H 174 47.52 -5.24 57.13
C ILE H 174 48.91 -5.87 57.11
N ARG H 175 49.37 -6.34 58.27
CA ARG H 175 50.70 -6.96 58.30
C ARG H 175 50.69 -8.26 57.51
N LEU H 176 49.64 -9.05 57.65
CA LEU H 176 49.55 -10.31 56.90
C LEU H 176 49.45 -10.07 55.40
N GLY H 177 48.65 -9.10 54.97
CA GLY H 177 48.52 -8.83 53.55
C GLY H 177 49.80 -8.29 52.93
N LEU H 178 50.59 -7.55 53.71
CA LEU H 178 51.93 -7.15 53.26
C LEU H 178 52.82 -8.37 53.03
N ALA H 179 52.83 -9.30 53.99
CA ALA H 179 53.66 -10.50 53.85
C ALA H 179 53.22 -11.31 52.64
N LEU H 180 51.92 -11.51 52.50
CA LEU H 180 51.42 -12.18 51.31
C LEU H 180 51.90 -11.48 50.04
N ASN H 181 51.70 -10.16 49.95
CA ASN H 181 52.03 -9.49 48.69
C ASN H 181 53.53 -9.40 48.48
N PHE H 182 54.31 -9.26 49.56
CA PHE H 182 55.76 -9.32 49.48
C PHE H 182 56.21 -10.67 48.96
N SER H 183 55.63 -11.76 49.47
CA SER H 183 56.04 -13.08 48.99
C SER H 183 55.69 -13.28 47.52
N VAL H 184 54.55 -12.75 47.09
CA VAL H 184 54.18 -12.83 45.69
C VAL H 184 55.18 -12.07 44.82
N PHE H 185 55.58 -10.89 45.29
CA PHE H 185 56.66 -10.16 44.61
C PHE H 185 57.88 -11.06 44.41
N TYR H 186 58.30 -11.74 45.47
CA TYR H 186 59.44 -12.64 45.36
C TYR H 186 59.20 -13.74 44.32
N TYR H 187 58.04 -14.35 44.36
CA TYR H 187 57.79 -15.48 43.48
C TYR H 187 57.65 -15.01 42.03
N GLU H 188 56.78 -14.05 41.77
CA GLU H 188 56.39 -13.72 40.40
C GLU H 188 57.32 -12.73 39.73
N ILE H 189 57.85 -11.77 40.47
CA ILE H 189 58.66 -10.72 39.88
C ILE H 189 60.14 -11.08 39.93
N LEU H 190 60.63 -11.53 41.07
CA LEU H 190 62.05 -11.85 41.22
C LEU H 190 62.35 -13.32 40.91
N ASN H 191 61.34 -14.15 40.68
CA ASN H 191 61.53 -15.56 40.42
C ASN H 191 62.46 -16.18 41.45
N SER H 192 62.19 -15.88 42.72
CA SER H 192 62.95 -16.40 43.86
C SER H 192 62.01 -17.20 44.75
N PRO H 193 61.61 -18.40 44.31
CA PRO H 193 60.62 -19.16 45.08
C PRO H 193 61.07 -19.51 46.49
N ASP H 194 62.36 -19.77 46.69
CA ASP H 194 62.84 -20.08 48.03
C ASP H 194 62.52 -18.93 48.98
N ARG H 195 62.89 -17.71 48.60
CA ARG H 195 62.63 -16.58 49.48
C ARG H 195 61.13 -16.35 49.65
N ALA H 196 60.35 -16.54 48.57
CA ALA H 196 58.91 -16.37 48.69
C ALA H 196 58.31 -17.37 49.68
N CYS H 197 58.68 -18.64 49.56
CA CYS H 197 58.17 -19.65 50.49
C CYS H 197 58.57 -19.33 51.93
N ASN H 198 59.82 -18.90 52.12
CA ASN H 198 60.30 -18.62 53.47
C ASN H 198 59.55 -17.45 54.10
N LEU H 199 59.27 -16.40 53.32
CA LEU H 199 58.59 -15.26 53.91
C LEU H 199 57.14 -15.59 54.21
N ALA H 200 56.47 -16.31 53.32
CA ALA H 200 55.07 -16.65 53.55
C ALA H 200 54.93 -17.57 54.76
N LYS H 201 55.80 -18.58 54.88
CA LYS H 201 55.69 -19.50 56.01
C LYS H 201 55.99 -18.81 57.33
N GLN H 202 56.99 -17.93 57.35
CA GLN H 202 57.30 -17.19 58.57
C GLN H 202 56.11 -16.37 59.02
N ALA H 203 55.51 -15.59 58.11
CA ALA H 203 54.36 -14.77 58.49
C ALA H 203 53.20 -15.64 58.94
N PHE H 204 53.02 -16.80 58.30
CA PHE H 204 51.99 -17.75 58.71
C PHE H 204 52.32 -18.33 60.09
N ASP H 205 53.55 -18.80 60.27
CA ASP H 205 53.95 -19.41 61.54
C ASP H 205 53.91 -18.39 62.67
N GLU H 206 54.35 -17.16 62.40
CA GLU H 206 54.27 -16.12 63.43
C GLU H 206 52.83 -15.83 63.81
N ALA H 207 51.90 -15.97 62.86
CA ALA H 207 50.51 -15.67 63.12
C ALA H 207 49.83 -16.81 63.89
N ILE H 208 50.06 -18.06 63.46
CA ILE H 208 49.44 -19.18 64.14
C ILE H 208 49.97 -19.31 65.56
N ALA H 209 51.28 -19.07 65.74
CA ALA H 209 51.85 -19.16 67.08
C ALA H 209 51.22 -18.16 68.03
N GLU H 210 50.78 -17.00 67.51
CA GLU H 210 50.15 -15.97 68.32
C GLU H 210 48.64 -15.92 68.08
N LEU H 211 48.07 -16.97 67.50
CA LEU H 211 46.66 -16.99 67.14
C LEU H 211 45.75 -17.12 68.34
N ASP H 212 46.29 -17.26 69.55
CA ASP H 212 45.47 -17.27 70.76
C ASP H 212 44.82 -15.91 71.03
N THR H 213 45.26 -14.84 70.35
CA THR H 213 44.96 -13.47 70.74
C THR H 213 44.54 -12.64 69.54
N LEU H 214 43.52 -13.12 68.82
CA LEU H 214 42.94 -12.38 67.70
C LEU H 214 41.49 -12.06 68.01
N GLY H 215 41.09 -10.82 67.76
CA GLY H 215 39.69 -10.46 67.90
C GLY H 215 38.85 -11.04 66.78
N GLU H 216 37.57 -11.24 67.07
CA GLU H 216 36.67 -11.85 66.08
C GLU H 216 36.59 -11.02 64.81
N GLU H 217 36.73 -9.69 64.92
CA GLU H 217 36.59 -8.81 63.77
C GLU H 217 37.64 -9.15 62.71
N SER H 218 38.92 -8.91 63.03
CA SER H 218 40.00 -9.22 62.11
C SER H 218 40.14 -10.73 61.89
N TYR H 219 39.65 -11.55 62.82
CA TYR H 219 39.75 -13.00 62.65
C TYR H 219 39.17 -13.43 61.30
N LYS H 220 38.11 -12.77 60.86
CA LYS H 220 37.58 -13.04 59.52
C LYS H 220 38.62 -12.72 58.46
N ASP H 221 39.09 -11.46 58.43
CA ASP H 221 39.99 -11.05 57.35
C ASP H 221 41.37 -11.71 57.47
N SER H 222 41.93 -11.76 58.68
CA SER H 222 43.27 -12.29 58.83
C SER H 222 43.31 -13.78 58.50
N THR H 223 42.25 -14.52 58.82
CA THR H 223 42.24 -15.95 58.49
C THR H 223 42.10 -16.16 56.99
N LEU H 224 41.43 -15.25 56.28
CA LEU H 224 41.43 -15.32 54.83
C LEU H 224 42.85 -15.15 54.29
N ILE H 225 43.55 -14.11 54.77
CA ILE H 225 44.93 -13.89 54.34
C ILE H 225 45.81 -15.10 54.67
N MET H 226 45.58 -15.71 55.84
CA MET H 226 46.40 -16.85 56.22
C MET H 226 46.10 -18.06 55.35
N GLN H 227 44.86 -18.21 54.90
CA GLN H 227 44.53 -19.30 53.98
C GLN H 227 45.19 -19.06 52.63
N LEU H 228 45.22 -17.81 52.17
CA LEU H 228 45.91 -17.48 50.93
C LEU H 228 47.41 -17.73 51.04
N LEU H 229 48.01 -17.35 52.17
CA LEU H 229 49.41 -17.72 52.41
C LEU H 229 49.58 -19.24 52.32
N ARG H 230 48.73 -19.99 53.03
CA ARG H 230 48.80 -21.45 52.96
C ARG H 230 48.61 -21.94 51.53
N ASP H 231 47.63 -21.39 50.82
CA ASP H 231 47.36 -21.84 49.45
C ASP H 231 48.57 -21.60 48.56
N ASN H 232 49.18 -20.41 48.66
CA ASN H 232 50.38 -20.12 47.87
C ASN H 232 51.50 -21.09 48.22
N LEU H 233 51.71 -21.32 49.51
CA LEU H 233 52.79 -22.20 49.94
C LEU H 233 52.62 -23.59 49.34
N THR H 234 51.42 -24.16 49.44
CA THR H 234 51.19 -25.52 48.98
C THR H 234 51.44 -25.63 47.48
N LEU H 235 50.91 -24.69 46.69
CA LEU H 235 51.11 -24.79 45.25
C LEU H 235 52.50 -24.33 44.84
N TRP H 236 53.12 -23.43 45.60
CA TRP H 236 54.50 -23.05 45.30
C TRP H 236 55.46 -24.21 45.53
N THR H 237 55.09 -25.20 46.34
CA THR H 237 55.91 -26.38 46.59
C THR H 237 55.43 -27.61 45.83
N SER H 238 54.15 -27.69 45.52
CA SER H 238 53.59 -28.84 44.80
C SER H 238 53.81 -30.14 45.56
N SER I 5 9.06 29.65 -30.96
CA SER I 5 9.88 29.48 -32.15
C SER I 5 9.24 30.17 -33.36
N GLY I 6 10.04 31.00 -34.04
CA GLY I 6 9.57 31.73 -35.19
C GLY I 6 8.75 32.94 -34.84
N ARG I 7 7.43 32.78 -34.81
CA ARG I 7 6.54 33.90 -34.51
C ARG I 7 6.76 34.40 -33.08
N GLU I 8 6.48 33.55 -32.09
CA GLU I 8 6.62 33.97 -30.71
C GLU I 8 8.04 34.42 -30.39
N GLU I 9 9.04 33.79 -31.01
CA GLU I 9 10.42 34.19 -30.78
C GLU I 9 10.65 35.65 -31.14
N PHE I 10 10.14 36.09 -32.29
CA PHE I 10 10.36 37.46 -32.69
C PHE I 10 9.47 38.43 -31.93
N VAL I 11 8.27 38.00 -31.55
CA VAL I 11 7.44 38.84 -30.66
C VAL I 11 8.24 39.16 -29.40
N TYR I 12 8.88 38.16 -28.81
CA TYR I 12 9.62 38.42 -27.58
C TYR I 12 10.79 39.36 -27.83
N MET I 13 11.50 39.19 -28.95
CA MET I 13 12.60 40.10 -29.25
C MET I 13 12.10 41.55 -29.37
N ALA I 14 10.94 41.75 -30.00
CA ALA I 14 10.40 43.09 -30.13
C ALA I 14 10.07 43.69 -28.77
N LYS I 15 9.50 42.88 -27.88
CA LYS I 15 9.24 43.37 -26.53
C LYS I 15 10.53 43.79 -25.85
N LEU I 16 11.62 43.05 -26.09
CA LEU I 16 12.89 43.41 -25.47
C LEU I 16 13.47 44.66 -26.13
N ALA I 17 13.34 44.78 -27.45
CA ALA I 17 13.77 46.01 -28.11
C ALA I 17 13.01 47.20 -27.55
N GLU I 18 11.71 47.03 -27.31
CA GLU I 18 10.92 48.12 -26.76
C GLU I 18 11.49 48.55 -25.40
N GLN I 19 11.70 47.58 -24.51
CA GLN I 19 12.29 47.87 -23.21
C GLN I 19 13.62 48.60 -23.35
N ALA I 20 14.47 48.13 -24.27
CA ALA I 20 15.77 48.75 -24.51
C ALA I 20 15.69 50.04 -25.32
N GLU I 21 14.49 50.44 -25.76
CA GLU I 21 14.31 51.61 -26.62
C GLU I 21 15.25 51.56 -27.82
N ARG I 22 15.37 50.39 -28.41
CA ARG I 22 16.06 50.19 -29.69
C ARG I 22 15.00 49.93 -30.76
N TYR I 23 14.30 50.99 -31.15
CA TYR I 23 13.06 50.86 -31.90
C TYR I 23 13.28 50.49 -33.37
N GLU I 24 14.43 50.86 -33.93
CA GLU I 24 14.79 50.35 -35.25
C GLU I 24 14.85 48.83 -35.25
N GLU I 25 15.45 48.24 -34.22
CA GLU I 25 15.49 46.79 -34.13
C GLU I 25 14.10 46.24 -33.83
N MET I 26 13.31 46.96 -33.02
CA MET I 26 11.94 46.55 -32.78
C MET I 26 11.11 46.53 -34.07
N VAL I 27 11.39 47.43 -35.01
CA VAL I 27 10.70 47.37 -36.30
C VAL I 27 11.12 46.11 -37.06
N GLU I 28 12.41 45.79 -37.04
CA GLU I 28 12.89 44.59 -37.74
C GLU I 28 12.24 43.32 -37.18
N PHE I 29 12.16 43.21 -35.85
CA PHE I 29 11.56 42.02 -35.27
C PHE I 29 10.07 41.92 -35.63
N MET I 30 9.35 43.05 -35.62
CA MET I 30 7.93 42.99 -35.93
C MET I 30 7.69 42.80 -37.42
N GLU I 31 8.61 43.27 -38.28
CA GLU I 31 8.54 42.90 -39.69
C GLU I 31 8.59 41.38 -39.87
N LYS I 32 9.49 40.71 -39.14
CA LYS I 32 9.59 39.26 -39.32
C LYS I 32 8.42 38.53 -38.68
N VAL I 33 7.79 39.12 -37.65
CA VAL I 33 6.56 38.54 -37.11
C VAL I 33 5.45 38.57 -38.16
N SER I 34 5.29 39.70 -38.86
CA SER I 34 4.22 39.81 -39.84
C SER I 34 4.50 38.93 -41.04
N ALA I 35 5.78 38.63 -41.31
CA ALA I 35 6.12 37.74 -42.40
C ALA I 35 5.82 36.28 -42.08
N ALA I 36 5.59 35.96 -40.81
CA ALA I 36 5.27 34.59 -40.42
C ALA I 36 3.78 34.29 -40.45
N VAL I 37 2.94 35.28 -40.13
CA VAL I 37 1.49 35.07 -40.11
C VAL I 37 0.87 35.01 -41.50
N ASP I 38 1.62 35.38 -42.53
CA ASP I 38 1.16 35.30 -43.92
C ASP I 38 -0.10 36.15 -44.06
N GLY I 39 -1.23 35.60 -44.47
CA GLY I 39 -2.44 36.38 -44.71
C GLY I 39 -3.40 36.39 -43.54
N ASP I 40 -3.11 35.58 -42.51
CA ASP I 40 -3.82 35.74 -41.25
C ASP I 40 -3.44 37.08 -40.63
N GLU I 41 -4.16 37.48 -39.59
CA GLU I 41 -3.97 38.80 -39.02
C GLU I 41 -3.22 38.72 -37.70
N LEU I 42 -2.41 39.74 -37.46
CA LEU I 42 -1.70 39.88 -36.20
C LEU I 42 -2.70 39.94 -35.05
N THR I 43 -2.27 39.44 -33.88
CA THR I 43 -3.07 39.59 -32.69
C THR I 43 -3.16 41.06 -32.29
N VAL I 44 -4.04 41.35 -31.34
CA VAL I 44 -4.11 42.72 -30.81
C VAL I 44 -2.78 43.09 -30.17
N GLU I 45 -2.15 42.16 -29.46
CA GLU I 45 -0.85 42.45 -28.87
C GLU I 45 0.18 42.76 -29.96
N GLU I 46 0.24 41.90 -30.99
CA GLU I 46 1.24 42.10 -32.04
C GLU I 46 1.01 43.40 -32.79
N ARG I 47 -0.25 43.70 -33.17
CA ARG I 47 -0.52 44.90 -33.95
C ARG I 47 -0.04 46.14 -33.20
N ASN I 48 -0.24 46.18 -31.88
CA ASN I 48 0.16 47.34 -31.11
C ASN I 48 1.68 47.45 -31.06
N LEU I 49 2.37 46.31 -30.99
CA LEU I 49 3.84 46.34 -30.98
C LEU I 49 4.37 46.85 -32.31
N LEU I 50 3.78 46.39 -33.43
CA LEU I 50 4.16 46.92 -34.74
C LEU I 50 3.96 48.43 -34.77
N SER I 51 2.84 48.91 -34.23
CA SER I 51 2.53 50.33 -34.28
C SER I 51 3.47 51.13 -33.40
N VAL I 52 3.74 50.64 -32.18
CA VAL I 52 4.69 51.31 -31.30
C VAL I 52 6.06 51.41 -31.96
N ALA I 53 6.54 50.30 -32.52
CA ALA I 53 7.85 50.30 -33.17
C ALA I 53 7.94 51.42 -34.22
N TYR I 54 7.04 51.39 -35.21
CA TYR I 54 7.09 52.38 -36.27
C TYR I 54 6.85 53.80 -35.73
N LYS I 55 5.96 53.94 -34.76
CA LYS I 55 5.67 55.26 -34.21
C LYS I 55 6.92 55.91 -33.61
N ASN I 56 7.72 55.14 -32.87
CA ASN I 56 8.90 55.72 -32.24
C ASN I 56 10.00 55.97 -33.26
N VAL I 57 10.16 55.06 -34.24
CA VAL I 57 11.19 55.27 -35.26
C VAL I 57 10.86 56.50 -36.10
N ILE I 58 9.60 56.64 -36.54
CA ILE I 58 9.22 57.85 -37.26
C ILE I 58 9.23 59.04 -36.31
N GLY I 59 8.85 58.83 -35.05
CA GLY I 59 8.73 59.95 -34.14
C GLY I 59 10.06 60.66 -33.94
N ALA I 60 11.14 59.89 -33.87
CA ALA I 60 12.45 60.47 -33.65
C ALA I 60 12.84 61.38 -34.80
N ARG I 61 12.61 60.92 -36.04
CA ARG I 61 12.98 61.72 -37.21
C ARG I 61 12.08 62.92 -37.37
N ARG I 62 10.79 62.81 -37.02
CA ARG I 62 9.92 63.98 -37.06
C ARG I 62 10.41 65.03 -36.07
N ALA I 63 10.83 64.61 -34.88
CA ALA I 63 11.38 65.55 -33.91
C ALA I 63 12.62 66.23 -34.49
N SER I 64 13.56 65.44 -35.03
CA SER I 64 14.77 66.01 -35.59
C SER I 64 14.45 66.94 -36.74
N TRP I 65 13.50 66.55 -37.59
CA TRP I 65 13.14 67.39 -38.72
C TRP I 65 12.63 68.76 -38.27
N ARG I 66 11.76 68.78 -37.26
CA ARG I 66 11.19 70.05 -36.82
C ARG I 66 12.27 70.98 -36.29
N ILE I 67 13.10 70.50 -35.37
CA ILE I 67 14.12 71.39 -34.81
C ILE I 67 15.08 71.84 -35.90
N ILE I 68 15.46 70.94 -36.80
CA ILE I 68 16.39 71.32 -37.86
C ILE I 68 15.77 72.36 -38.77
N SER I 69 14.47 72.22 -39.12
CA SER I 69 13.82 73.21 -39.97
C SER I 69 13.71 74.58 -39.29
N SER I 70 13.51 74.61 -37.98
CA SER I 70 13.48 75.89 -37.29
C SER I 70 14.86 76.54 -37.25
N ILE I 71 15.93 75.75 -37.18
CA ILE I 71 17.26 76.33 -37.26
C ILE I 71 17.53 76.85 -38.67
N GLU I 72 17.06 76.13 -39.68
CA GLU I 72 17.20 76.62 -41.05
C GLU I 72 16.58 78.01 -41.19
N GLN I 73 15.34 78.16 -40.72
CA GLN I 73 14.67 79.45 -40.81
C GLN I 73 15.52 80.54 -40.18
N LYS I 74 16.02 80.30 -38.97
CA LYS I 74 16.77 81.33 -38.28
C LYS I 74 18.04 81.68 -39.03
N GLU I 75 18.71 80.68 -39.62
CA GLU I 75 19.92 80.94 -40.37
C GLU I 75 19.64 81.58 -41.73
N GLU I 76 18.50 81.26 -42.34
CA GLU I 76 18.08 81.97 -43.56
C GLU I 76 17.96 83.46 -43.29
N SER I 77 17.37 83.85 -42.17
CA SER I 77 17.23 85.26 -41.84
C SER I 77 18.58 85.92 -41.61
N ARG I 78 19.42 85.30 -40.77
CA ARG I 78 20.71 85.91 -40.45
C ARG I 78 21.63 86.03 -41.65
N GLY I 79 21.31 85.34 -42.76
CA GLY I 79 22.14 85.43 -43.94
C GLY I 79 23.44 84.68 -43.88
N ASN I 80 23.50 83.58 -43.14
CA ASN I 80 24.69 82.73 -43.06
C ASN I 80 24.45 81.50 -43.93
N ASP I 81 24.64 81.66 -45.24
CA ASP I 81 24.25 80.60 -46.16
C ASP I 81 25.15 79.37 -46.05
N ASP I 82 26.40 79.55 -45.61
CA ASP I 82 27.23 78.37 -45.34
C ASP I 82 26.55 77.43 -44.35
N HIS I 83 26.01 77.99 -43.26
CA HIS I 83 25.19 77.19 -42.35
C HIS I 83 23.93 76.67 -43.06
N VAL I 84 23.24 77.54 -43.79
CA VAL I 84 22.00 77.13 -44.46
C VAL I 84 22.27 75.95 -45.37
N THR I 85 23.36 75.99 -46.13
CA THR I 85 23.71 74.87 -47.01
C THR I 85 23.88 73.57 -46.22
N ALA I 86 24.57 73.64 -45.10
CA ALA I 86 24.78 72.43 -44.30
C ALA I 86 23.47 71.94 -43.70
N ILE I 87 22.63 72.87 -43.25
CA ILE I 87 21.36 72.49 -42.65
C ILE I 87 20.48 71.77 -43.67
N ARG I 88 20.45 72.28 -44.92
CA ARG I 88 19.52 71.74 -45.90
C ARG I 88 19.89 70.34 -46.35
N GLU I 89 21.18 70.07 -46.53
CA GLU I 89 21.57 68.70 -46.87
C GLU I 89 21.38 67.76 -45.69
N TYR I 90 21.45 68.28 -44.46
CA TYR I 90 21.14 67.46 -43.30
C TYR I 90 19.64 67.23 -43.18
N ARG I 91 18.84 68.26 -43.51
CA ARG I 91 17.40 68.07 -43.58
C ARG I 91 17.04 67.06 -44.65
N SER I 92 17.70 67.15 -45.81
CA SER I 92 17.44 66.19 -46.88
C SER I 92 17.74 64.77 -46.44
N LYS I 93 18.84 64.58 -45.69
CA LYS I 93 19.17 63.26 -45.17
C LYS I 93 18.07 62.74 -44.25
N ILE I 94 17.54 63.62 -43.39
CA ILE I 94 16.46 63.21 -42.50
C ILE I 94 15.17 62.92 -43.28
N GLU I 95 14.89 63.75 -44.29
CA GLU I 95 13.70 63.53 -45.12
C GLU I 95 13.79 62.18 -45.84
N THR I 96 15.00 61.82 -46.28
CA THR I 96 15.20 60.52 -46.91
C THR I 96 14.86 59.38 -45.95
N GLU I 97 15.22 59.53 -44.67
CA GLU I 97 14.87 58.50 -43.69
C GLU I 97 13.37 58.43 -43.49
N LEU I 98 12.73 59.59 -43.29
CA LEU I 98 11.28 59.62 -43.12
C LEU I 98 10.57 58.91 -44.27
N SER I 99 10.93 59.23 -45.52
CA SER I 99 10.29 58.59 -46.65
C SER I 99 10.48 57.08 -46.62
N GLY I 100 11.66 56.63 -46.20
CA GLY I 100 11.92 55.20 -46.16
C GLY I 100 11.11 54.50 -45.09
N ILE I 101 11.03 55.10 -43.90
CA ILE I 101 10.23 54.54 -42.83
C ILE I 101 8.77 54.42 -43.25
N CYS I 102 8.19 55.54 -43.72
CA CYS I 102 6.83 55.54 -44.21
C CYS I 102 6.65 54.48 -45.30
N ASP I 103 7.56 54.46 -46.27
CA ASP I 103 7.48 53.47 -47.34
C ASP I 103 7.43 52.06 -46.79
N GLY I 104 8.13 51.80 -45.67
CA GLY I 104 8.19 50.44 -45.16
C GLY I 104 6.88 49.97 -44.56
N ILE I 105 6.27 50.78 -43.70
CA ILE I 105 5.01 50.36 -43.10
C ILE I 105 3.84 50.46 -44.10
N LEU I 106 3.87 51.45 -45.00
CA LEU I 106 2.78 51.59 -45.97
C LEU I 106 2.74 50.41 -46.93
N LYS I 107 3.91 49.92 -47.35
CA LYS I 107 3.95 48.72 -48.17
C LYS I 107 3.46 47.51 -47.40
N LEU I 108 3.77 47.45 -46.10
CA LEU I 108 3.27 46.36 -45.27
C LEU I 108 1.76 46.45 -45.14
N LEU I 109 1.24 47.66 -44.87
CA LEU I 109 -0.21 47.84 -44.77
C LEU I 109 -0.91 47.46 -46.06
N ASP I 110 -0.49 48.05 -47.19
CA ASP I 110 -1.17 47.79 -48.45
C ASP I 110 -1.08 46.33 -48.85
N SER I 111 0.01 45.65 -48.51
CA SER I 111 0.29 44.33 -49.07
C SER I 111 -0.17 43.19 -48.18
N ARG I 112 -0.31 43.40 -46.89
CA ARG I 112 -0.63 42.30 -45.99
C ARG I 112 -1.68 42.66 -44.96
N LEU I 113 -1.45 43.75 -44.23
CA LEU I 113 -2.30 44.04 -43.07
C LEU I 113 -3.72 44.42 -43.49
N ILE I 114 -3.86 45.34 -44.42
CA ILE I 114 -5.17 45.79 -44.86
C ILE I 114 -5.91 44.61 -45.50
N PRO I 115 -5.34 43.90 -46.48
CA PRO I 115 -6.11 42.78 -47.09
C PRO I 115 -6.60 41.75 -46.08
N ALA I 116 -5.84 41.50 -45.01
CA ALA I 116 -6.16 40.45 -44.06
C ALA I 116 -7.12 40.91 -42.96
N ALA I 117 -7.44 42.20 -42.88
CA ALA I 117 -8.28 42.69 -41.79
C ALA I 117 -9.69 42.15 -41.97
N ALA I 118 -10.19 41.44 -40.96
CA ALA I 118 -11.49 40.77 -41.02
C ALA I 118 -12.57 41.44 -40.19
N SER I 119 -12.22 42.04 -39.07
CA SER I 119 -13.20 42.68 -38.19
C SER I 119 -13.24 44.18 -38.44
N GLY I 120 -14.31 44.80 -37.96
CA GLY I 120 -14.44 46.24 -38.08
C GLY I 120 -13.29 47.00 -37.45
N ASP I 121 -13.03 46.75 -36.17
CA ASP I 121 -11.97 47.50 -35.50
C ASP I 121 -10.61 47.23 -36.15
N SER I 122 -10.41 46.03 -36.69
CA SER I 122 -9.15 45.72 -37.34
C SER I 122 -8.96 46.58 -38.60
N LYS I 123 -10.00 46.65 -39.44
CA LYS I 123 -9.92 47.49 -40.63
C LYS I 123 -9.68 48.95 -40.28
N VAL I 124 -10.39 49.46 -39.26
CA VAL I 124 -10.24 50.86 -38.88
C VAL I 124 -8.82 51.11 -38.39
N PHE I 125 -8.29 50.20 -37.58
CA PHE I 125 -6.97 50.38 -37.01
C PHE I 125 -5.93 50.55 -38.12
N TYR I 126 -5.92 49.63 -39.09
CA TYR I 126 -4.91 49.68 -40.14
C TYR I 126 -5.17 50.81 -41.12
N LEU I 127 -6.44 51.11 -41.41
CA LEU I 127 -6.74 52.23 -42.30
C LEU I 127 -6.32 53.55 -41.66
N LYS I 128 -6.61 53.73 -40.36
CA LYS I 128 -6.07 54.88 -39.64
C LYS I 128 -4.54 54.89 -39.73
N MET I 129 -3.91 53.73 -39.55
CA MET I 129 -2.46 53.65 -39.63
C MET I 129 -1.95 54.09 -41.00
N LYS I 130 -2.60 53.62 -42.06
CA LYS I 130 -2.24 54.09 -43.40
C LYS I 130 -2.34 55.60 -43.50
N GLY I 131 -3.45 56.17 -43.02
CA GLY I 131 -3.60 57.62 -43.01
C GLY I 131 -2.49 58.31 -42.25
N ASP I 132 -2.13 57.79 -41.07
CA ASP I 132 -1.10 58.42 -40.26
C ASP I 132 0.19 58.62 -41.05
N TYR I 133 0.63 57.59 -41.76
CA TYR I 133 1.95 57.67 -42.38
C TYR I 133 1.91 58.45 -43.70
N HIS I 134 0.78 58.45 -44.41
CA HIS I 134 0.63 59.44 -45.46
C HIS I 134 0.64 60.84 -44.89
N ARG I 135 0.06 61.01 -43.69
CA ARG I 135 0.09 62.33 -43.06
C ARG I 135 1.51 62.74 -42.71
N TYR I 136 2.31 61.82 -42.17
CA TYR I 136 3.70 62.14 -41.87
C TYR I 136 4.44 62.52 -43.15
N LEU I 137 4.18 61.81 -44.25
CA LEU I 137 4.74 62.24 -45.53
C LEU I 137 4.31 63.66 -45.86
N ALA I 138 3.00 63.95 -45.74
CA ALA I 138 2.49 65.28 -46.01
C ALA I 138 3.13 66.35 -45.15
N GLU I 139 3.77 65.97 -44.04
CA GLU I 139 4.37 66.96 -43.16
C GLU I 139 5.59 67.63 -43.81
N PHE I 140 6.28 66.93 -44.71
CA PHE I 140 7.54 67.45 -45.25
C PHE I 140 7.65 67.38 -46.76
N LYS I 141 6.81 66.61 -47.45
CA LYS I 141 6.81 66.63 -48.90
C LYS I 141 6.29 67.98 -49.40
N THR I 142 6.58 68.27 -50.67
CA THR I 142 6.20 69.55 -51.25
C THR I 142 5.57 69.35 -52.63
N GLY I 143 4.94 70.39 -53.11
CA GLY I 143 4.40 70.39 -54.46
C GLY I 143 3.42 69.26 -54.67
N GLN I 144 3.68 68.43 -55.69
CA GLN I 144 2.73 67.41 -56.09
C GLN I 144 2.77 66.21 -55.15
N GLU I 145 3.96 65.82 -54.68
CA GLU I 145 4.02 64.72 -53.71
C GLU I 145 3.18 65.04 -52.50
N ARG I 146 3.19 66.29 -52.04
CA ARG I 146 2.42 66.64 -50.85
C ARG I 146 0.92 66.54 -51.14
N LYS I 147 0.48 67.07 -52.28
CA LYS I 147 -0.93 66.96 -52.62
C LYS I 147 -1.37 65.50 -52.63
N ASP I 148 -0.57 64.62 -53.25
CA ASP I 148 -0.93 63.21 -53.31
C ASP I 148 -0.97 62.60 -51.91
N ALA I 149 -0.03 62.97 -51.05
CA ALA I 149 -0.02 62.42 -49.70
C ALA I 149 -1.25 62.86 -48.93
N ALA I 150 -1.63 64.13 -49.03
CA ALA I 150 -2.83 64.61 -48.36
C ALA I 150 -4.08 63.91 -48.91
N GLU I 151 -4.14 63.71 -50.22
CA GLU I 151 -5.29 62.98 -50.78
C GLU I 151 -5.32 61.54 -50.27
N HIS I 152 -4.14 60.89 -50.21
CA HIS I 152 -4.06 59.56 -49.61
C HIS I 152 -4.52 59.59 -48.15
N THR I 153 -4.11 60.62 -47.41
CA THR I 153 -4.48 60.69 -46.00
C THR I 153 -6.00 60.82 -45.84
N LEU I 154 -6.61 61.74 -46.58
CA LEU I 154 -8.06 61.89 -46.51
C LEU I 154 -8.75 60.59 -46.90
N ALA I 155 -8.30 59.96 -48.00
CA ALA I 155 -8.93 58.72 -48.44
C ALA I 155 -8.87 57.65 -47.35
N ALA I 156 -7.71 57.48 -46.71
CA ALA I 156 -7.59 56.46 -45.67
C ALA I 156 -8.47 56.80 -44.46
N TYR I 157 -8.37 58.04 -43.98
CA TYR I 157 -9.12 58.41 -42.78
C TYR I 157 -10.63 58.35 -43.02
N LYS I 158 -11.08 58.85 -44.18
CA LYS I 158 -12.53 58.87 -44.43
C LYS I 158 -13.07 57.46 -44.54
N SER I 159 -12.36 56.59 -45.24
CA SER I 159 -12.76 55.18 -45.32
C SER I 159 -12.77 54.51 -43.95
N ALA I 160 -11.75 54.78 -43.13
CA ALA I 160 -11.78 54.24 -41.78
C ALA I 160 -12.97 54.80 -40.99
N GLN I 161 -13.30 56.07 -41.21
CA GLN I 161 -14.38 56.69 -40.45
C GLN I 161 -15.73 56.07 -40.81
N ASP I 162 -15.92 55.72 -42.08
CA ASP I 162 -17.17 55.06 -42.47
C ASP I 162 -17.37 53.77 -41.70
N ILE I 163 -16.32 52.97 -41.57
CA ILE I 163 -16.42 51.70 -40.86
C ILE I 163 -16.58 51.96 -39.37
N ALA I 164 -15.78 52.88 -38.82
CA ALA I 164 -15.86 53.19 -37.39
C ALA I 164 -17.26 53.65 -37.01
N ASN I 165 -17.86 54.52 -37.82
CA ASN I 165 -19.20 55.01 -37.47
C ASN I 165 -20.24 53.90 -37.51
N ALA I 166 -20.00 52.86 -38.29
CA ALA I 166 -20.97 51.80 -38.47
C ALA I 166 -20.75 50.62 -37.55
N GLU I 167 -19.51 50.36 -37.13
CA GLU I 167 -19.19 49.14 -36.42
C GLU I 167 -18.48 49.33 -35.09
N LEU I 168 -18.13 50.56 -34.71
CA LEU I 168 -17.44 50.81 -33.45
C LEU I 168 -18.21 51.80 -32.60
N ALA I 169 -18.22 51.57 -31.29
CA ALA I 169 -18.94 52.46 -30.38
C ALA I 169 -18.26 53.83 -30.30
N PRO I 170 -19.03 54.88 -30.01
CA PRO I 170 -18.44 56.24 -29.97
C PRO I 170 -17.28 56.37 -29.00
N THR I 171 -17.20 55.48 -28.00
CA THR I 171 -16.14 55.53 -27.00
C THR I 171 -15.01 54.56 -27.30
N HIS I 172 -15.06 53.83 -28.40
CA HIS I 172 -14.00 52.89 -28.73
C HIS I 172 -12.70 53.63 -29.00
N PRO I 173 -11.59 53.25 -28.35
CA PRO I 173 -10.35 54.04 -28.52
C PRO I 173 -9.85 54.13 -29.95
N ILE I 174 -10.10 53.11 -30.78
CA ILE I 174 -9.70 53.19 -32.18
C ILE I 174 -10.52 54.23 -32.93
N ARG I 175 -11.83 54.25 -32.70
CA ARG I 175 -12.67 55.27 -33.33
C ARG I 175 -12.27 56.66 -32.85
N LEU I 176 -12.02 56.80 -31.54
CA LEU I 176 -11.64 58.09 -30.99
C LEU I 176 -10.28 58.52 -31.49
N GLY I 177 -9.30 57.60 -31.49
CA GLY I 177 -7.99 57.93 -32.03
C GLY I 177 -8.03 58.33 -33.50
N LEU I 178 -8.91 57.72 -34.27
CA LEU I 178 -9.10 58.15 -35.66
C LEU I 178 -9.61 59.58 -35.71
N ALA I 179 -10.69 59.87 -34.99
CA ALA I 179 -11.23 61.23 -34.97
C ALA I 179 -10.17 62.23 -34.55
N LEU I 180 -9.35 61.86 -33.55
CA LEU I 180 -8.29 62.76 -33.10
C LEU I 180 -7.31 63.04 -34.23
N ASN I 181 -6.78 61.99 -34.87
CA ASN I 181 -5.77 62.19 -35.90
C ASN I 181 -6.39 62.78 -37.17
N PHE I 182 -7.62 62.39 -37.49
CA PHE I 182 -8.32 63.03 -38.60
C PHE I 182 -8.40 64.54 -38.38
N SER I 183 -8.80 64.96 -37.18
CA SER I 183 -8.93 66.38 -36.89
C SER I 183 -7.57 67.08 -36.95
N VAL I 184 -6.53 66.43 -36.46
CA VAL I 184 -5.20 67.01 -36.57
C VAL I 184 -4.85 67.22 -38.04
N PHE I 185 -5.15 66.23 -38.87
CA PHE I 185 -4.92 66.37 -40.32
C PHE I 185 -5.60 67.61 -40.87
N TYR I 186 -6.85 67.84 -40.48
CA TYR I 186 -7.54 69.06 -40.91
C TYR I 186 -6.76 70.30 -40.45
N TYR I 187 -6.26 70.28 -39.22
CA TYR I 187 -5.67 71.50 -38.67
C TYR I 187 -4.27 71.75 -39.25
N GLU I 188 -3.41 70.74 -39.23
CA GLU I 188 -2.01 70.96 -39.57
C GLU I 188 -1.74 70.86 -41.07
N ILE I 189 -2.41 69.98 -41.79
CA ILE I 189 -2.09 69.70 -43.18
C ILE I 189 -2.96 70.53 -44.13
N LEU I 190 -4.25 70.64 -43.83
CA LEU I 190 -5.17 71.37 -44.68
C LEU I 190 -5.45 72.79 -44.19
N ASN I 191 -4.92 73.18 -43.04
CA ASN I 191 -5.10 74.53 -42.50
C ASN I 191 -6.57 74.90 -42.42
N SER I 192 -7.41 73.94 -41.98
CA SER I 192 -8.85 74.13 -41.84
C SER I 192 -9.22 73.97 -40.37
N PRO I 193 -8.98 74.99 -39.54
CA PRO I 193 -9.31 74.86 -38.11
C PRO I 193 -10.79 74.55 -37.88
N ASP I 194 -11.66 75.01 -38.76
CA ASP I 194 -13.10 74.85 -38.54
C ASP I 194 -13.51 73.39 -38.67
N ARG I 195 -13.01 72.70 -39.71
CA ARG I 195 -13.29 71.28 -39.82
C ARG I 195 -12.60 70.50 -38.71
N ALA I 196 -11.37 70.90 -38.37
CA ALA I 196 -10.66 70.22 -37.29
C ALA I 196 -11.44 70.34 -35.98
N CYS I 197 -11.87 71.55 -35.63
CA CYS I 197 -12.60 71.74 -34.38
C CYS I 197 -13.92 70.98 -34.39
N ASN I 198 -14.68 71.10 -35.47
CA ASN I 198 -15.99 70.46 -35.53
C ASN I 198 -15.87 68.95 -35.36
N LEU I 199 -14.90 68.33 -36.04
CA LEU I 199 -14.74 66.89 -35.97
C LEU I 199 -14.33 66.44 -34.57
N ALA I 200 -13.37 67.14 -33.96
CA ALA I 200 -12.97 66.80 -32.60
C ALA I 200 -14.11 67.01 -31.62
N LYS I 201 -14.85 68.11 -31.75
CA LYS I 201 -15.98 68.38 -30.86
C LYS I 201 -17.04 67.29 -30.97
N GLN I 202 -17.42 66.93 -32.19
CA GLN I 202 -18.43 65.90 -32.39
C GLN I 202 -18.01 64.58 -31.74
N ALA I 203 -16.78 64.15 -32.01
CA ALA I 203 -16.30 62.88 -31.46
C ALA I 203 -16.34 62.90 -29.93
N PHE I 204 -15.87 63.99 -29.32
CA PHE I 204 -15.90 64.09 -27.87
C PHE I 204 -17.34 64.02 -27.35
N ASP I 205 -18.23 64.84 -27.92
CA ASP I 205 -19.61 64.89 -27.45
C ASP I 205 -20.28 63.52 -27.57
N GLU I 206 -20.09 62.85 -28.71
CA GLU I 206 -20.70 61.54 -28.90
C GLU I 206 -20.19 60.54 -27.89
N ALA I 207 -18.96 60.71 -27.41
CA ALA I 207 -18.39 59.76 -26.44
C ALA I 207 -18.90 60.02 -25.04
N ILE I 208 -18.93 61.28 -24.60
CA ILE I 208 -19.37 61.59 -23.25
C ILE I 208 -20.80 61.11 -23.02
N ALA I 209 -21.67 61.29 -24.03
CA ALA I 209 -23.07 60.91 -23.85
C ALA I 209 -23.21 59.43 -23.53
N GLU I 210 -22.42 58.58 -24.18
CA GLU I 210 -22.44 57.13 -23.98
C GLU I 210 -21.24 56.66 -23.15
N LEU I 211 -20.83 57.45 -22.16
CA LEU I 211 -19.60 57.17 -21.43
C LEU I 211 -19.84 56.45 -20.11
N ASP I 212 -21.01 56.62 -19.49
CA ASP I 212 -21.29 55.94 -18.24
C ASP I 212 -21.35 54.42 -18.41
N THR I 213 -21.61 53.94 -19.63
CA THR I 213 -21.73 52.51 -19.86
C THR I 213 -20.40 51.77 -19.70
N LEU I 214 -19.29 52.48 -19.68
CA LEU I 214 -17.99 51.83 -19.57
C LEU I 214 -17.70 51.43 -18.13
N GLY I 215 -16.80 50.46 -17.97
CA GLY I 215 -16.43 49.97 -16.66
C GLY I 215 -15.38 50.83 -15.99
N GLU I 216 -14.11 50.52 -16.23
CA GLU I 216 -13.01 51.26 -15.62
C GLU I 216 -11.77 51.22 -16.51
N GLU I 217 -11.48 50.05 -17.09
CA GLU I 217 -10.30 49.91 -17.95
C GLU I 217 -10.48 50.64 -19.27
N SER I 218 -11.53 50.29 -20.01
CA SER I 218 -11.82 51.02 -21.25
C SER I 218 -12.11 52.49 -20.95
N TYR I 219 -12.74 52.78 -19.81
CA TYR I 219 -12.93 54.16 -19.39
C TYR I 219 -11.59 54.89 -19.25
N LYS I 220 -10.52 54.16 -18.94
CA LYS I 220 -9.20 54.78 -18.83
C LYS I 220 -8.54 54.90 -20.20
N ASP I 221 -8.70 53.90 -21.06
CA ASP I 221 -8.13 53.99 -22.40
C ASP I 221 -8.87 55.01 -23.24
N SER I 222 -10.18 55.13 -23.04
CA SER I 222 -10.97 56.10 -23.79
C SER I 222 -10.77 57.52 -23.27
N THR I 223 -10.75 57.70 -21.95
CA THR I 223 -10.63 59.04 -21.39
C THR I 223 -9.29 59.68 -21.76
N LEU I 224 -8.25 58.87 -21.96
CA LEU I 224 -6.96 59.43 -22.37
C LEU I 224 -7.06 60.08 -23.74
N ILE I 225 -7.65 59.37 -24.71
CA ILE I 225 -7.81 59.96 -26.04
C ILE I 225 -8.78 61.12 -26.00
N MET I 226 -9.84 61.01 -25.21
CA MET I 226 -10.79 62.12 -25.11
C MET I 226 -10.13 63.36 -24.53
N GLN I 227 -9.19 63.17 -23.60
CA GLN I 227 -8.49 64.31 -23.03
C GLN I 227 -7.62 64.99 -24.07
N LEU I 228 -7.06 64.22 -25.00
CA LEU I 228 -6.27 64.80 -26.08
C LEU I 228 -7.17 65.61 -27.01
N LEU I 229 -8.35 65.08 -27.33
CA LEU I 229 -9.33 65.85 -28.10
C LEU I 229 -9.57 67.21 -27.46
N ARG I 230 -9.91 67.22 -26.17
CA ARG I 230 -10.23 68.48 -25.51
C ARG I 230 -9.01 69.39 -25.46
N ASP I 231 -7.83 68.83 -25.18
CA ASP I 231 -6.61 69.64 -25.16
C ASP I 231 -6.40 70.34 -26.50
N ASN I 232 -6.62 69.62 -27.61
CA ASN I 232 -6.46 70.23 -28.92
C ASN I 232 -7.46 71.36 -29.12
N LEU I 233 -8.73 71.11 -28.77
CA LEU I 233 -9.76 72.13 -28.99
C LEU I 233 -9.47 73.41 -28.20
N THR I 234 -8.96 73.26 -26.96
CA THR I 234 -8.60 74.42 -26.17
C THR I 234 -7.53 75.24 -26.86
N LEU I 235 -6.47 74.58 -27.36
CA LEU I 235 -5.43 75.31 -28.06
C LEU I 235 -5.93 75.87 -29.39
N TRP I 236 -6.71 75.07 -30.14
CA TRP I 236 -7.22 75.54 -31.42
C TRP I 236 -8.19 76.70 -31.23
N THR I 237 -8.83 76.78 -30.07
CA THR I 237 -9.86 77.78 -29.80
C THR I 237 -9.36 78.95 -28.97
N SER I 238 -8.09 78.97 -28.59
CA SER I 238 -7.56 80.02 -27.73
C SER I 238 -7.60 81.38 -28.43
N ASP I 239 -7.54 82.44 -27.61
CA ASP I 239 -7.54 83.82 -28.09
C ASP I 239 -8.77 84.11 -28.94
N GLY J 6 37.50 72.68 -42.85
CA GLY J 6 36.94 71.44 -42.38
C GLY J 6 36.60 71.47 -40.91
N ARG J 7 37.53 71.99 -40.11
CA ARG J 7 37.32 72.06 -38.67
C ARG J 7 36.03 72.79 -38.33
N GLU J 8 35.95 74.07 -38.70
CA GLU J 8 34.79 74.87 -38.34
C GLU J 8 33.51 74.25 -38.88
N GLU J 9 33.57 73.65 -40.07
CA GLU J 9 32.38 73.08 -40.69
C GLU J 9 31.90 71.85 -39.93
N PHE J 10 32.82 70.94 -39.57
CA PHE J 10 32.42 69.74 -38.85
C PHE J 10 31.93 70.07 -37.45
N VAL J 11 32.48 71.10 -36.82
CA VAL J 11 31.96 71.54 -35.53
C VAL J 11 30.48 71.92 -35.66
N TYR J 12 30.16 72.72 -36.67
CA TYR J 12 28.77 73.11 -36.87
C TYR J 12 27.88 71.89 -37.10
N MET J 13 28.34 70.95 -37.91
CA MET J 13 27.57 69.72 -38.11
C MET J 13 27.33 68.99 -36.80
N ALA J 14 28.34 68.94 -35.93
CA ALA J 14 28.15 68.31 -34.63
C ALA J 14 27.05 69.01 -33.85
N LYS J 15 27.00 70.34 -33.92
CA LYS J 15 25.97 71.08 -33.20
C LYS J 15 24.58 70.78 -33.76
N LEU J 16 24.48 70.61 -35.08
CA LEU J 16 23.19 70.25 -35.66
C LEU J 16 22.77 68.85 -35.24
N ALA J 17 23.70 67.89 -35.29
CA ALA J 17 23.42 66.54 -34.80
C ALA J 17 22.96 66.57 -33.35
N GLU J 18 23.54 67.44 -32.54
CA GLU J 18 23.15 67.52 -31.14
C GLU J 18 21.69 67.97 -31.00
N GLN J 19 21.34 69.08 -31.67
CA GLN J 19 19.95 69.54 -31.68
C GLN J 19 19.02 68.43 -32.15
N ALA J 20 19.45 67.69 -33.18
CA ALA J 20 18.62 66.61 -33.70
C ALA J 20 18.59 65.38 -32.82
N GLU J 21 19.43 65.31 -31.79
CA GLU J 21 19.57 64.11 -30.96
C GLU J 21 19.90 62.88 -31.81
N ARG J 22 20.79 63.07 -32.78
CA ARG J 22 21.33 61.98 -33.60
C ARG J 22 22.80 61.87 -33.18
N TYR J 23 23.02 61.25 -32.01
CA TYR J 23 24.32 61.36 -31.35
C TYR J 23 25.39 60.49 -31.99
N GLU J 24 25.01 59.40 -32.63
CA GLU J 24 26.01 58.63 -33.39
C GLU J 24 26.65 59.48 -34.48
N GLU J 25 25.84 60.28 -35.18
CA GLU J 25 26.41 61.20 -36.18
C GLU J 25 27.24 62.28 -35.50
N MET J 26 26.79 62.78 -34.36
CA MET J 26 27.58 63.78 -33.63
C MET J 26 28.99 63.26 -33.35
N VAL J 27 29.09 61.98 -32.97
CA VAL J 27 30.42 61.42 -32.68
C VAL J 27 31.27 61.44 -33.94
N GLU J 28 30.69 61.04 -35.07
CA GLU J 28 31.45 61.00 -36.32
C GLU J 28 31.92 62.40 -36.70
N PHE J 29 31.05 63.40 -36.55
CA PHE J 29 31.48 64.77 -36.83
C PHE J 29 32.62 65.19 -35.92
N MET J 30 32.52 64.87 -34.62
CA MET J 30 33.59 65.29 -33.72
C MET J 30 34.86 64.47 -33.92
N GLU J 31 34.74 63.20 -34.35
CA GLU J 31 35.92 62.48 -34.80
C GLU J 31 36.63 63.26 -35.91
N LYS J 32 35.86 63.74 -36.88
CA LYS J 32 36.44 64.52 -37.97
C LYS J 32 37.15 65.76 -37.44
N VAL J 33 36.54 66.44 -36.45
CA VAL J 33 37.16 67.64 -35.90
C VAL J 33 38.50 67.30 -35.25
N SER J 34 38.55 66.18 -34.53
CA SER J 34 39.78 65.78 -33.86
C SER J 34 40.88 65.45 -34.86
N ALA J 35 40.55 64.71 -35.93
CA ALA J 35 41.53 64.44 -36.97
C ALA J 35 42.02 65.74 -37.60
N ALA J 36 41.11 66.69 -37.83
CA ALA J 36 41.50 67.96 -38.43
C ALA J 36 42.53 68.70 -37.58
N VAL J 37 42.35 68.68 -36.26
CA VAL J 37 43.28 69.30 -35.34
C VAL J 37 44.31 68.26 -34.89
N ASP J 38 45.13 67.80 -35.83
CA ASP J 38 46.13 66.80 -35.52
C ASP J 38 47.31 67.49 -34.84
N GLY J 39 47.58 67.11 -33.60
CA GLY J 39 48.71 67.67 -32.87
C GLY J 39 48.31 68.74 -31.88
N ASP J 40 47.56 69.73 -32.33
CA ASP J 40 47.15 70.83 -31.47
C ASP J 40 46.02 70.37 -30.54
N GLU J 41 45.59 71.27 -29.68
CA GLU J 41 44.53 70.98 -28.74
C GLU J 41 43.18 71.32 -29.33
N LEU J 42 42.18 70.53 -28.95
CA LEU J 42 40.79 70.92 -29.17
C LEU J 42 40.46 72.14 -28.32
N THR J 43 39.60 73.00 -28.85
CA THR J 43 39.10 74.12 -28.08
C THR J 43 38.22 73.61 -26.94
N VAL J 44 37.94 74.48 -25.98
CA VAL J 44 37.03 74.10 -24.90
C VAL J 44 35.65 73.78 -25.45
N GLU J 45 35.19 74.54 -26.44
CA GLU J 45 33.92 74.22 -27.07
C GLU J 45 33.96 72.84 -27.74
N GLU J 46 35.06 72.56 -28.45
CA GLU J 46 35.15 71.31 -29.21
C GLU J 46 35.25 70.10 -28.29
N ARG J 47 36.11 70.16 -27.26
CA ARG J 47 36.20 68.99 -26.40
C ARG J 47 34.88 68.74 -25.68
N ASN J 48 34.14 69.80 -25.35
CA ASN J 48 32.85 69.61 -24.69
C ASN J 48 31.85 68.95 -25.63
N LEU J 49 31.88 69.31 -26.92
CA LEU J 49 31.01 68.64 -27.88
C LEU J 49 31.41 67.19 -28.09
N LEU J 50 32.72 66.89 -28.06
CA LEU J 50 33.16 65.52 -28.17
C LEU J 50 32.67 64.70 -26.99
N SER J 51 32.71 65.28 -25.79
CA SER J 51 32.26 64.56 -24.61
C SER J 51 30.75 64.36 -24.62
N VAL J 52 30.00 65.42 -24.96
CA VAL J 52 28.54 65.29 -25.06
C VAL J 52 28.18 64.16 -26.01
N ALA J 53 28.85 64.13 -27.17
CA ALA J 53 28.54 63.11 -28.17
C ALA J 53 28.73 61.71 -27.60
N TYR J 54 29.96 61.38 -27.18
CA TYR J 54 30.22 60.03 -26.69
C TYR J 54 29.35 59.72 -25.48
N LYS J 55 29.12 60.71 -24.62
CA LYS J 55 28.31 60.47 -23.43
C LYS J 55 26.92 59.95 -23.78
N ASN J 56 26.23 60.64 -24.71
CA ASN J 56 24.87 60.22 -25.05
C ASN J 56 24.87 58.89 -25.78
N VAL J 57 25.88 58.66 -26.62
CA VAL J 57 25.96 57.39 -27.35
C VAL J 57 26.15 56.23 -26.37
N ILE J 58 27.18 56.30 -25.52
CA ILE J 58 27.37 55.28 -24.49
C ILE J 58 26.18 55.26 -23.55
N GLY J 59 25.62 56.45 -23.26
CA GLY J 59 24.54 56.51 -22.28
C GLY J 59 23.33 55.70 -22.69
N ALA J 60 22.98 55.74 -23.98
CA ALA J 60 21.83 54.99 -24.46
C ALA J 60 22.05 53.49 -24.30
N ARG J 61 23.25 53.01 -24.64
CA ARG J 61 23.56 51.60 -24.51
C ARG J 61 23.63 51.18 -23.06
N ARG J 62 24.08 52.07 -22.18
CA ARG J 62 24.14 51.74 -20.76
C ARG J 62 22.74 51.58 -20.18
N ALA J 63 21.80 52.45 -20.59
CA ALA J 63 20.41 52.31 -20.17
C ALA J 63 19.82 51.01 -20.68
N SER J 64 20.03 50.71 -21.97
CA SER J 64 19.52 49.46 -22.53
C SER J 64 20.06 48.26 -21.76
N TRP J 65 21.39 48.22 -21.57
CA TRP J 65 21.99 47.10 -20.84
C TRP J 65 21.39 46.96 -19.45
N ARG J 66 21.17 48.06 -18.75
CA ARG J 66 20.66 47.94 -17.40
C ARG J 66 19.27 47.32 -17.39
N ILE J 67 18.36 47.86 -18.19
CA ILE J 67 17.01 47.31 -18.19
C ILE J 67 17.02 45.87 -18.67
N ILE J 68 17.85 45.55 -19.66
CA ILE J 68 17.89 44.18 -20.18
C ILE J 68 18.47 43.22 -19.14
N SER J 69 19.44 43.68 -18.34
CA SER J 69 19.99 42.80 -17.31
C SER J 69 18.95 42.51 -16.23
N SER J 70 18.13 43.50 -15.88
CA SER J 70 17.09 43.24 -14.87
C SER J 70 16.05 42.26 -15.39
N ILE J 71 15.73 42.36 -16.69
CA ILE J 71 14.79 41.41 -17.27
C ILE J 71 15.37 40.00 -17.24
N GLU J 72 16.66 39.86 -17.59
CA GLU J 72 17.32 38.57 -17.50
C GLU J 72 17.19 37.99 -16.10
N GLN J 73 17.39 38.81 -15.07
CA GLN J 73 17.29 38.31 -13.70
C GLN J 73 15.91 37.73 -13.43
N LYS J 74 14.86 38.45 -13.82
CA LYS J 74 13.50 37.97 -13.55
C LYS J 74 13.20 36.68 -14.31
N GLU J 75 13.67 36.57 -15.56
CA GLU J 75 13.42 35.36 -16.33
C GLU J 75 14.24 34.19 -15.82
N GLU J 76 15.46 34.45 -15.33
CA GLU J 76 16.23 33.38 -14.69
C GLU J 76 15.47 32.82 -13.49
N SER J 77 15.02 33.70 -12.60
CA SER J 77 14.28 33.24 -11.43
C SER J 77 13.08 32.41 -11.83
N ARG J 78 12.35 32.83 -12.87
CA ARG J 78 11.15 32.11 -13.31
C ARG J 78 11.47 30.86 -14.11
N GLY J 79 12.73 30.66 -14.50
CA GLY J 79 13.12 29.42 -15.15
C GLY J 79 12.70 29.28 -16.59
N ASN J 80 12.59 30.38 -17.33
CA ASN J 80 12.22 30.34 -18.74
C ASN J 80 13.49 30.46 -19.58
N ASP J 81 14.17 29.33 -19.76
CA ASP J 81 15.46 29.36 -20.46
C ASP J 81 15.30 29.71 -21.94
N ASP J 82 14.09 29.67 -22.49
CA ASP J 82 13.89 30.23 -23.82
C ASP J 82 14.14 31.73 -23.80
N HIS J 83 13.43 32.44 -22.92
CA HIS J 83 13.60 33.88 -22.80
C HIS J 83 15.03 34.23 -22.44
N VAL J 84 15.60 33.54 -21.43
CA VAL J 84 16.97 33.80 -21.00
C VAL J 84 17.92 33.71 -22.18
N THR J 85 17.81 32.64 -22.96
CA THR J 85 18.70 32.47 -24.10
C THR J 85 18.62 33.67 -25.02
N ALA J 86 17.39 34.10 -25.35
CA ALA J 86 17.22 35.26 -26.21
C ALA J 86 17.69 36.54 -25.53
N ILE J 87 17.33 36.71 -24.25
CA ILE J 87 17.79 37.88 -23.50
C ILE J 87 19.31 37.96 -23.52
N ARG J 88 19.99 36.83 -23.36
CA ARG J 88 21.45 36.86 -23.28
C ARG J 88 22.08 37.17 -24.64
N GLU J 89 21.48 36.70 -25.73
CA GLU J 89 21.99 37.07 -27.04
C GLU J 89 21.86 38.57 -27.26
N TYR J 90 20.77 39.18 -26.78
CA TYR J 90 20.58 40.61 -26.94
C TYR J 90 21.55 41.40 -26.06
N ARG J 91 21.79 40.92 -24.83
CA ARG J 91 22.79 41.57 -23.99
C ARG J 91 24.18 41.49 -24.62
N SER J 92 24.53 40.33 -25.18
CA SER J 92 25.80 40.21 -25.88
C SER J 92 25.93 41.24 -26.99
N LYS J 93 24.85 41.51 -27.71
CA LYS J 93 24.88 42.50 -28.77
C LYS J 93 25.15 43.89 -28.21
N ILE J 94 24.44 44.24 -27.14
CA ILE J 94 24.62 45.54 -26.52
C ILE J 94 26.05 45.67 -25.96
N GLU J 95 26.53 44.63 -25.31
CA GLU J 95 27.89 44.66 -24.73
C GLU J 95 28.95 44.85 -25.82
N THR J 96 28.72 44.28 -27.02
CA THR J 96 29.65 44.50 -28.12
C THR J 96 29.67 45.96 -28.57
N GLU J 97 28.51 46.62 -28.60
CA GLU J 97 28.50 48.04 -28.93
C GLU J 97 29.16 48.87 -27.82
N LEU J 98 28.81 48.60 -26.56
CA LEU J 98 29.46 49.29 -25.45
C LEU J 98 30.97 49.26 -25.60
N SER J 99 31.54 48.06 -25.83
CA SER J 99 32.99 47.94 -25.93
C SER J 99 33.52 48.68 -27.15
N GLY J 100 32.78 48.61 -28.27
CA GLY J 100 33.19 49.36 -29.45
C GLY J 100 33.18 50.86 -29.23
N ILE J 101 32.17 51.35 -28.51
CA ILE J 101 32.12 52.79 -28.23
C ILE J 101 33.28 53.19 -27.32
N CYS J 102 33.45 52.49 -26.21
CA CYS J 102 34.58 52.76 -25.32
C CYS J 102 35.92 52.69 -26.06
N ASP J 103 36.12 51.63 -26.84
N ASP J 103 36.11 51.62 -26.83
CA ASP J 103 37.38 51.49 -27.56
CA ASP J 103 37.36 51.48 -27.59
C ASP J 103 37.61 52.67 -28.51
C ASP J 103 37.60 52.67 -28.50
N GLY J 104 36.53 53.27 -29.02
CA GLY J 104 36.69 54.37 -29.96
C GLY J 104 37.23 55.64 -29.32
N ILE J 105 36.63 56.07 -28.22
CA ILE J 105 37.12 57.28 -27.55
C ILE J 105 38.38 57.00 -26.74
N LEU J 106 38.55 55.78 -26.23
CA LEU J 106 39.76 55.49 -25.46
C LEU J 106 41.00 55.58 -26.34
N LYS J 107 40.92 55.02 -27.56
CA LYS J 107 42.05 55.12 -28.48
C LYS J 107 42.27 56.57 -28.90
N LEU J 108 41.19 57.34 -29.05
CA LEU J 108 41.34 58.76 -29.34
C LEU J 108 42.07 59.47 -28.20
N LEU J 109 41.67 59.19 -26.96
CA LEU J 109 42.33 59.81 -25.81
C LEU J 109 43.81 59.43 -25.74
N ASP J 110 44.11 58.14 -25.89
CA ASP J 110 45.48 57.67 -25.74
C ASP J 110 46.38 58.12 -26.89
N SER J 111 45.82 58.26 -28.09
CA SER J 111 46.65 58.53 -29.27
C SER J 111 46.80 60.01 -29.59
N ARG J 112 45.82 60.84 -29.23
CA ARG J 112 45.90 62.24 -29.59
C ARG J 112 45.61 63.16 -28.41
N LEU J 113 44.48 62.96 -27.74
CA LEU J 113 43.98 63.98 -26.81
C LEU J 113 44.89 64.11 -25.59
N ILE J 114 45.14 63.01 -24.88
CA ILE J 114 46.01 63.09 -23.70
C ILE J 114 47.41 63.58 -24.08
N PRO J 115 48.09 62.98 -25.06
CA PRO J 115 49.43 63.50 -25.41
C PRO J 115 49.47 64.99 -25.74
N ALA J 116 48.39 65.55 -26.28
CA ALA J 116 48.39 66.94 -26.69
C ALA J 116 47.95 67.90 -25.58
N ALA J 117 47.48 67.39 -24.45
CA ALA J 117 46.92 68.26 -23.42
C ALA J 117 48.03 69.06 -22.76
N ALA J 118 47.95 70.39 -22.87
CA ALA J 118 49.00 71.27 -22.37
C ALA J 118 48.71 71.75 -20.95
N SER J 119 47.54 72.30 -20.71
CA SER J 119 47.23 72.87 -19.42
C SER J 119 46.80 71.79 -18.42
N GLY J 120 46.76 72.17 -17.15
CA GLY J 120 46.22 71.27 -16.14
C GLY J 120 44.75 70.97 -16.36
N ASP J 121 43.98 71.96 -16.83
CA ASP J 121 42.59 71.73 -17.19
C ASP J 121 42.48 70.58 -18.19
N SER J 122 43.18 70.71 -19.32
CA SER J 122 43.08 69.71 -20.38
C SER J 122 43.52 68.33 -19.90
N LYS J 123 44.63 68.28 -19.17
CA LYS J 123 45.13 66.99 -18.70
C LYS J 123 44.12 66.32 -17.78
N VAL J 124 43.58 67.05 -16.82
CA VAL J 124 42.59 66.47 -15.90
C VAL J 124 41.33 66.11 -16.69
N PHE J 125 40.92 66.98 -17.62
CA PHE J 125 39.70 66.72 -18.37
C PHE J 125 39.80 65.39 -19.12
N TYR J 126 40.89 65.19 -19.86
CA TYR J 126 41.02 63.98 -20.68
C TYR J 126 41.32 62.76 -19.82
N LEU J 127 42.12 62.92 -18.76
CA LEU J 127 42.41 61.77 -17.90
C LEU J 127 41.14 61.32 -17.16
N LYS J 128 40.31 62.26 -16.76
CA LYS J 128 38.99 61.90 -16.23
C LYS J 128 38.17 61.14 -17.27
N MET J 129 38.22 61.60 -18.53
CA MET J 129 37.46 60.93 -19.59
C MET J 129 37.95 59.50 -19.79
N LYS J 130 39.26 59.30 -19.77
CA LYS J 130 39.82 57.95 -19.85
C LYS J 130 39.23 57.07 -18.76
N GLY J 131 39.20 57.57 -17.52
CA GLY J 131 38.67 56.79 -16.42
C GLY J 131 37.19 56.52 -16.54
N ASP J 132 36.43 57.53 -16.98
CA ASP J 132 35.00 57.37 -17.20
C ASP J 132 34.71 56.15 -18.07
N TYR J 133 35.39 56.05 -19.20
CA TYR J 133 35.06 54.99 -20.16
C TYR J 133 35.64 53.65 -19.77
N HIS J 134 36.78 53.63 -19.04
CA HIS J 134 37.19 52.40 -18.38
C HIS J 134 36.18 51.99 -17.32
N ARG J 135 35.59 52.96 -16.63
CA ARG J 135 34.55 52.63 -15.66
C ARG J 135 33.30 52.05 -16.33
N TYR J 136 32.92 52.57 -17.49
CA TYR J 136 31.78 52.00 -18.18
C TYR J 136 32.08 50.58 -18.62
N LEU J 137 33.33 50.30 -19.00
CA LEU J 137 33.71 48.93 -19.30
C LEU J 137 33.58 48.04 -18.08
N ALA J 138 34.08 48.52 -16.93
CA ALA J 138 33.98 47.77 -15.68
C ALA J 138 32.54 47.55 -15.24
N GLU J 139 31.59 48.29 -15.82
CA GLU J 139 30.20 48.11 -15.44
C GLU J 139 29.64 46.77 -15.91
N PHE J 140 30.13 46.25 -17.05
CA PHE J 140 29.59 45.03 -17.63
C PHE J 140 30.62 43.93 -17.91
N LYS J 141 31.90 44.25 -17.98
CA LYS J 141 32.89 43.21 -18.16
C LYS J 141 32.94 42.30 -16.93
N THR J 142 33.42 41.07 -17.14
CA THR J 142 33.50 40.06 -16.11
C THR J 142 34.93 39.52 -16.01
N GLY J 143 35.21 38.90 -14.87
CA GLY J 143 36.46 38.17 -14.72
C GLY J 143 37.69 39.05 -14.78
N GLN J 144 38.67 38.61 -15.56
CA GLN J 144 39.92 39.34 -15.65
C GLN J 144 39.73 40.70 -16.32
N GLU J 145 38.88 40.78 -17.36
CA GLU J 145 38.68 42.04 -18.06
C GLU J 145 38.12 43.10 -17.12
N ARG J 146 37.22 42.70 -16.22
CA ARG J 146 36.68 43.64 -15.24
C ARG J 146 37.78 44.13 -14.30
N LYS J 147 38.67 43.23 -13.89
CA LYS J 147 39.78 43.66 -13.02
C LYS J 147 40.65 44.69 -13.74
N ASP J 148 41.04 44.39 -14.98
CA ASP J 148 41.86 45.33 -15.72
C ASP J 148 41.16 46.67 -15.91
N ALA J 149 39.84 46.64 -16.17
CA ALA J 149 39.09 47.88 -16.36
C ALA J 149 39.07 48.71 -15.08
N ALA J 150 38.77 48.08 -13.94
CA ALA J 150 38.79 48.79 -12.67
C ALA J 150 40.17 49.34 -12.33
N GLU J 151 41.22 48.60 -12.67
CA GLU J 151 42.57 49.11 -12.43
C GLU J 151 42.88 50.26 -13.38
N HIS J 152 42.44 50.16 -14.64
CA HIS J 152 42.57 51.28 -15.56
C HIS J 152 41.80 52.51 -15.09
N THR J 153 40.62 52.30 -14.52
CA THR J 153 39.86 53.43 -13.99
C THR J 153 40.66 54.14 -12.89
N LEU J 154 40.98 53.41 -11.81
CA LEU J 154 41.74 54.01 -10.70
C LEU J 154 42.98 54.74 -11.21
N ALA J 155 43.77 54.08 -12.06
CA ALA J 155 44.98 54.71 -12.58
C ALA J 155 44.68 56.07 -13.20
N ALA J 156 43.70 56.13 -14.09
CA ALA J 156 43.38 57.38 -14.76
C ALA J 156 42.85 58.42 -13.77
N TYR J 157 41.90 58.00 -12.90
CA TYR J 157 41.33 58.96 -11.96
C TYR J 157 42.38 59.42 -10.96
N LYS J 158 43.24 58.52 -10.47
CA LYS J 158 44.24 58.92 -9.50
C LYS J 158 45.22 59.90 -10.13
N SER J 159 45.70 59.58 -11.33
CA SER J 159 46.61 60.50 -12.02
C SER J 159 45.95 61.84 -12.28
N ALA J 160 44.66 61.85 -12.64
CA ALA J 160 43.96 63.11 -12.82
C ALA J 160 43.83 63.86 -11.51
N GLN J 161 43.51 63.15 -10.44
CA GLN J 161 43.39 63.77 -9.12
C GLN J 161 44.71 64.40 -8.68
N ASP J 162 45.83 63.71 -8.94
CA ASP J 162 47.12 64.29 -8.60
C ASP J 162 47.28 65.66 -9.26
N ILE J 163 46.89 65.79 -10.53
CA ILE J 163 47.05 67.06 -11.24
C ILE J 163 46.01 68.07 -10.77
N ALA J 164 44.77 67.63 -10.62
CA ALA J 164 43.71 68.54 -10.19
C ALA J 164 44.05 69.14 -8.84
N ASN J 165 44.48 68.31 -7.89
CA ASN J 165 44.80 68.81 -6.57
C ASN J 165 45.91 69.85 -6.63
N ALA J 166 46.78 69.77 -7.61
CA ALA J 166 47.96 70.62 -7.66
C ALA J 166 47.76 71.88 -8.48
N GLU J 167 46.86 71.87 -9.48
CA GLU J 167 46.77 72.95 -10.44
C GLU J 167 45.38 73.52 -10.65
N LEU J 168 44.33 72.93 -10.08
CA LEU J 168 42.97 73.41 -10.25
C LEU J 168 42.40 73.85 -8.92
N ALA J 169 41.65 74.95 -8.93
CA ALA J 169 41.00 75.42 -7.73
C ALA J 169 39.98 74.40 -7.25
N PRO J 170 39.79 74.26 -5.93
CA PRO J 170 38.83 73.26 -5.43
C PRO J 170 37.42 73.49 -5.94
N THR J 171 37.11 74.69 -6.43
CA THR J 171 35.81 75.00 -7.00
C THR J 171 35.74 74.74 -8.50
N HIS J 172 36.84 74.31 -9.11
CA HIS J 172 36.88 74.15 -10.56
C HIS J 172 35.95 73.03 -10.99
N PRO J 173 35.04 73.27 -11.94
CA PRO J 173 34.07 72.23 -12.30
C PRO J 173 34.69 70.92 -12.76
N ILE J 174 35.88 70.99 -13.39
CA ILE J 174 36.52 69.75 -13.82
C ILE J 174 37.05 68.98 -12.61
N ARG J 175 37.58 69.69 -11.62
CA ARG J 175 38.06 69.04 -10.40
C ARG J 175 36.90 68.39 -9.65
N LEU J 176 35.77 69.09 -9.54
CA LEU J 176 34.61 68.53 -8.85
C LEU J 176 34.04 67.35 -9.62
N GLY J 177 33.95 67.47 -10.95
CA GLY J 177 33.45 66.36 -11.74
C GLY J 177 34.27 65.10 -11.55
N LEU J 178 35.60 65.24 -11.53
CA LEU J 178 36.47 64.10 -11.24
C LEU J 178 36.14 63.51 -9.87
N ALA J 179 36.14 64.36 -8.84
CA ALA J 179 35.84 63.87 -7.50
C ALA J 179 34.49 63.16 -7.48
N LEU J 180 33.53 63.66 -8.26
CA LEU J 180 32.23 63.03 -8.32
C LEU J 180 32.33 61.62 -8.92
N ASN J 181 32.96 61.51 -10.09
CA ASN J 181 33.03 60.22 -10.76
C ASN J 181 33.97 59.27 -10.03
N PHE J 182 35.08 59.77 -9.51
CA PHE J 182 35.95 58.96 -8.68
C PHE J 182 35.16 58.34 -7.53
N SER J 183 34.40 59.16 -6.82
CA SER J 183 33.58 58.64 -5.71
C SER J 183 32.59 57.59 -6.19
N VAL J 184 31.98 57.82 -7.36
CA VAL J 184 31.05 56.84 -7.90
C VAL J 184 31.77 55.55 -8.26
N PHE J 185 32.99 55.65 -8.78
CA PHE J 185 33.80 54.46 -9.02
C PHE J 185 33.99 53.66 -7.73
N TYR J 186 34.27 54.34 -6.62
CA TYR J 186 34.42 53.65 -5.34
C TYR J 186 33.13 52.91 -4.98
N TYR J 187 31.99 53.58 -5.14
CA TYR J 187 30.72 53.03 -4.66
C TYR J 187 30.25 51.86 -5.52
N GLU J 188 30.17 52.07 -6.83
CA GLU J 188 29.51 51.10 -7.70
C GLU J 188 30.46 49.98 -8.13
N ILE J 189 31.72 50.28 -8.38
CA ILE J 189 32.65 49.34 -8.97
C ILE J 189 33.46 48.60 -7.91
N LEU J 190 33.95 49.30 -6.90
CA LEU J 190 34.74 48.67 -5.84
C LEU J 190 33.93 48.35 -4.59
N ASN J 191 32.67 48.77 -4.53
CA ASN J 191 31.80 48.51 -3.38
C ASN J 191 32.44 48.98 -2.07
N SER J 192 33.07 50.15 -2.11
CA SER J 192 33.69 50.78 -0.96
C SER J 192 32.94 52.05 -0.63
N PRO J 193 31.74 51.94 -0.06
CA PRO J 193 30.95 53.15 0.24
C PRO J 193 31.66 54.12 1.18
N ASP J 194 32.56 53.65 2.04
CA ASP J 194 33.26 54.55 2.94
C ASP J 194 34.21 55.47 2.16
N ARG J 195 35.03 54.89 1.28
N ARG J 195 35.04 54.88 1.29
CA ARG J 195 35.91 55.70 0.45
CA ARG J 195 35.91 55.68 0.45
C ARG J 195 35.12 56.66 -0.43
C ARG J 195 35.10 56.66 -0.40
N ALA J 196 34.00 56.18 -1.01
CA ALA J 196 33.18 57.04 -1.84
C ALA J 196 32.68 58.25 -1.05
N CYS J 197 32.08 58.01 0.11
CA CYS J 197 31.58 59.10 0.94
C CYS J 197 32.71 60.05 1.34
N ASN J 198 33.84 59.50 1.78
CA ASN J 198 34.94 60.34 2.22
C ASN J 198 35.40 61.26 1.08
N LEU J 199 35.64 60.69 -0.10
CA LEU J 199 36.17 61.48 -1.20
C LEU J 199 35.17 62.55 -1.63
N ALA J 200 33.87 62.21 -1.66
CA ALA J 200 32.88 63.19 -2.04
C ALA J 200 32.70 64.25 -0.96
N LYS J 201 32.80 63.87 0.30
CA LYS J 201 32.60 64.83 1.39
C LYS J 201 33.69 65.90 1.37
N GLN J 202 34.96 65.50 1.29
CA GLN J 202 36.03 66.49 1.28
C GLN J 202 36.00 67.34 0.02
N ALA J 203 35.80 66.72 -1.14
CA ALA J 203 35.66 67.49 -2.37
C ALA J 203 34.58 68.56 -2.22
N PHE J 204 33.49 68.22 -1.52
CA PHE J 204 32.43 69.19 -1.27
C PHE J 204 32.88 70.26 -0.27
N ASP J 205 33.51 69.84 0.82
CA ASP J 205 33.94 70.79 1.85
C ASP J 205 35.05 71.70 1.33
N GLU J 206 36.05 71.12 0.66
CA GLU J 206 37.14 71.93 0.11
C GLU J 206 36.63 72.94 -0.90
N ALA J 207 35.53 72.63 -1.58
CA ALA J 207 35.00 73.55 -2.58
C ALA J 207 34.12 74.62 -1.95
N ILE J 208 33.30 74.25 -0.96
CA ILE J 208 32.41 75.22 -0.34
C ILE J 208 33.18 76.15 0.59
N ALA J 209 34.38 75.76 1.02
CA ALA J 209 35.19 76.63 1.86
C ALA J 209 35.68 77.86 1.11
N GLU J 210 35.96 77.71 -0.19
CA GLU J 210 36.42 78.81 -1.03
C GLU J 210 35.36 79.25 -2.03
N LEU J 211 34.09 78.93 -1.77
CA LEU J 211 33.03 79.23 -2.72
C LEU J 211 32.70 80.72 -2.75
N ASP J 212 33.02 81.46 -1.70
CA ASP J 212 32.75 82.90 -1.67
C ASP J 212 33.58 83.66 -2.68
N THR J 213 34.67 83.08 -3.17
CA THR J 213 35.54 83.71 -4.16
C THR J 213 35.18 83.28 -5.57
N LEU J 214 33.91 83.44 -5.95
CA LEU J 214 33.46 83.12 -7.30
C LEU J 214 32.44 84.17 -7.74
N GLY J 215 32.17 84.18 -9.04
CA GLY J 215 31.21 85.11 -9.60
C GLY J 215 29.82 84.51 -9.69
N GLU J 216 29.19 84.65 -10.86
CA GLU J 216 27.87 84.07 -11.11
C GLU J 216 27.83 83.09 -12.27
N GLU J 217 28.68 83.28 -13.29
CA GLU J 217 28.66 82.38 -14.44
C GLU J 217 29.39 81.07 -14.13
N SER J 218 30.50 81.13 -13.38
CA SER J 218 31.20 79.94 -12.95
C SER J 218 30.73 79.46 -11.58
N TYR J 219 29.95 80.27 -10.87
CA TYR J 219 29.38 79.83 -9.59
C TYR J 219 28.26 78.82 -9.81
N LYS J 220 27.54 78.91 -10.94
CA LYS J 220 26.42 78.01 -11.17
C LYS J 220 26.89 76.64 -11.62
N ASP J 221 27.79 76.58 -12.60
CA ASP J 221 28.24 75.29 -13.10
C ASP J 221 29.06 74.53 -12.07
N SER J 222 29.68 75.23 -11.11
CA SER J 222 30.33 74.53 -10.00
C SER J 222 29.30 73.99 -9.00
N THR J 223 28.35 74.84 -8.59
CA THR J 223 27.34 74.43 -7.62
C THR J 223 26.46 73.31 -8.16
N LEU J 224 26.33 73.20 -9.48
CA LEU J 224 25.61 72.08 -10.06
C LEU J 224 26.29 70.76 -9.69
N ILE J 225 27.60 70.67 -9.92
CA ILE J 225 28.32 69.45 -9.58
C ILE J 225 28.33 69.26 -8.07
N MET J 226 28.42 70.35 -7.30
CA MET J 226 28.38 70.25 -5.85
C MET J 226 27.05 69.69 -5.38
N GLN J 227 25.96 70.01 -6.08
CA GLN J 227 24.65 69.49 -5.70
C GLN J 227 24.56 67.98 -5.96
N LEU J 228 25.14 67.52 -7.08
CA LEU J 228 25.18 66.09 -7.34
C LEU J 228 26.01 65.36 -6.29
N LEU J 229 27.11 65.97 -5.86
CA LEU J 229 27.90 65.39 -4.77
C LEU J 229 27.04 65.21 -3.52
N ARG J 230 26.27 66.24 -3.16
CA ARG J 230 25.46 66.17 -1.95
C ARG J 230 24.33 65.15 -2.09
N ASP J 231 23.71 65.09 -3.28
CA ASP J 231 22.65 64.10 -3.50
C ASP J 231 23.19 62.69 -3.29
N ASN J 232 24.34 62.37 -3.88
CA ASN J 232 24.94 61.06 -3.68
C ASN J 232 25.20 60.79 -2.20
N LEU J 233 25.79 61.77 -1.51
CA LEU J 233 26.09 61.59 -0.08
C LEU J 233 24.83 61.30 0.72
N THR J 234 23.73 61.99 0.40
CA THR J 234 22.46 61.69 1.08
C THR J 234 22.06 60.24 0.85
N LEU J 235 21.97 59.83 -0.42
CA LEU J 235 21.51 58.48 -0.72
C LEU J 235 22.48 57.43 -0.19
N TRP J 236 23.78 57.67 -0.31
CA TRP J 236 24.75 56.67 0.12
C TRP J 236 24.65 56.41 1.62
N THR J 237 24.48 57.47 2.41
CA THR J 237 24.43 57.33 3.88
C THR J 237 23.05 56.83 4.31
N SER J 238 22.05 57.69 4.23
CA SER J 238 20.67 57.33 4.58
C SER J 238 20.59 56.60 5.91
N ARG K 1 -34.35 -8.19 -7.85
CA ARG K 1 -33.03 -8.56 -7.33
C ARG K 1 -31.96 -7.67 -7.97
N ILE K 2 -31.07 -7.12 -7.13
CA ILE K 2 -30.06 -6.19 -7.64
C ILE K 2 -28.97 -6.94 -8.39
N SER K 3 -28.47 -8.02 -7.80
CA SER K 3 -27.30 -8.72 -8.32
C SER K 3 -27.68 -9.74 -9.39
N ASN K 4 -26.73 -10.00 -10.28
CA ASN K 4 -26.85 -11.06 -11.25
C ASN K 4 -25.75 -12.11 -11.12
N ALA K 6 -24.05 -16.00 -12.69
CA ALA K 6 -23.59 -16.55 -13.97
C ALA K 6 -24.71 -17.21 -14.72
N PRO K 7 -24.72 -17.06 -16.05
CA PRO K 7 -25.77 -17.76 -16.81
C PRO K 7 -25.57 -19.29 -16.76
N ARG L 1 -47.96 -19.09 -34.41
CA ARG L 1 -48.89 -19.08 -35.53
C ARG L 1 -49.12 -17.67 -36.06
N ILE L 2 -49.89 -17.56 -37.14
CA ILE L 2 -50.21 -16.25 -37.67
C ILE L 2 -51.28 -15.56 -36.83
N SER L 3 -52.27 -16.31 -36.37
CA SER L 3 -53.49 -15.71 -35.84
C SER L 3 -53.41 -15.48 -34.33
N ASN L 4 -53.99 -14.37 -33.89
CA ASN L 4 -54.14 -14.06 -32.49
C ASN L 4 -55.56 -14.41 -32.06
N ALA L 6 -58.33 -14.46 -28.50
CA ALA L 6 -58.72 -13.45 -27.51
C ALA L 6 -57.89 -13.62 -26.24
N PRO L 7 -57.73 -12.52 -25.46
CA PRO L 7 -57.14 -12.60 -24.13
C PRO L 7 -57.95 -13.48 -23.19
N ARG M 1 4.11 5.83 -25.14
CA ARG M 1 5.32 5.15 -24.68
C ARG M 1 5.16 3.64 -24.77
N ILE M 2 6.04 2.91 -24.08
CA ILE M 2 5.98 1.46 -24.08
C ILE M 2 6.17 0.94 -22.66
N SER M 3 6.60 1.82 -21.75
CA SER M 3 6.84 1.41 -20.37
C SER M 3 5.54 1.39 -19.58
N ASN M 4 5.45 0.48 -18.61
CA ASN M 4 4.30 0.39 -17.73
C ASN M 4 4.60 1.05 -16.38
N ALA M 6 2.77 2.16 -12.30
CA ALA M 6 1.90 1.57 -11.29
C ALA M 6 0.48 1.97 -11.59
N PRO M 7 -0.48 1.08 -11.28
CA PRO M 7 -1.89 1.48 -11.32
C PRO M 7 -2.16 2.55 -10.26
N ARG N 1 -27.60 -2.03 -23.26
CA ARG N 1 -28.55 -1.85 -24.36
C ARG N 1 -28.68 -3.15 -25.15
N ILE N 2 -29.82 -3.32 -25.82
CA ILE N 2 -30.09 -4.53 -26.59
C ILE N 2 -29.81 -4.33 -28.08
N SER N 3 -30.25 -3.21 -28.64
CA SER N 3 -30.21 -3.00 -30.07
C SER N 3 -29.00 -2.16 -30.47
N ASN N 4 -28.46 -2.45 -31.63
CA ASN N 4 -27.38 -1.68 -32.21
C ASN N 4 -27.92 -0.68 -33.23
N ALA N 6 -26.54 2.50 -36.37
CA ALA N 6 -25.59 2.70 -37.45
C ALA N 6 -24.30 3.27 -36.93
N PRO N 7 -23.18 2.76 -37.46
CA PRO N 7 -21.87 3.29 -37.05
C PRO N 7 -21.61 4.67 -37.63
N ARG O 1 -0.22 -45.63 19.22
CA ARG O 1 -0.50 -45.93 17.82
C ARG O 1 0.05 -44.81 16.94
N ILE O 2 -0.51 -44.66 15.74
CA ILE O 2 -0.07 -43.63 14.81
C ILE O 2 -1.06 -42.48 14.69
N SER O 3 -2.34 -42.68 15.05
CA SER O 3 -3.31 -41.61 14.96
C SER O 3 -3.12 -40.60 16.08
N ASN O 4 -3.11 -39.32 15.73
CA ASN O 4 -3.05 -38.26 16.73
C ASN O 4 -4.47 -37.84 17.12
N ALA O 6 -6.80 -34.87 19.78
CA ALA O 6 -6.75 -33.46 20.13
C ALA O 6 -5.86 -33.26 21.33
N PRO O 7 -5.10 -32.15 21.37
CA PRO O 7 -4.33 -31.80 22.57
C PRO O 7 -5.26 -31.39 23.71
N ARG P 1 20.12 -28.37 35.61
CA ARG P 1 21.26 -28.20 36.51
C ARG P 1 22.49 -27.76 35.71
N ILE P 2 23.54 -27.37 36.44
CA ILE P 2 24.81 -27.05 35.81
C ILE P 2 25.74 -28.27 35.75
N SER P 3 25.55 -29.26 36.62
CA SER P 3 26.44 -30.41 36.72
C SER P 3 25.71 -31.68 36.31
N ASN P 4 26.36 -32.50 35.48
CA ASN P 4 25.89 -33.83 35.17
C ASN P 4 26.45 -34.85 36.15
N ALA P 6 26.70 -39.41 37.01
CA ALA P 6 26.79 -40.69 36.33
C ALA P 6 25.42 -41.22 35.91
N PRO P 7 25.36 -41.93 34.78
CA PRO P 7 24.12 -42.65 34.45
C PRO P 7 23.89 -43.84 35.39
N ARG Q 1 15.95 -10.61 38.72
CA ARG Q 1 15.05 -10.67 37.57
C ARG Q 1 14.53 -12.08 37.37
N ILE Q 2 13.21 -12.21 37.23
CA ILE Q 2 12.58 -13.53 37.16
C ILE Q 2 12.79 -14.17 35.79
N SER Q 3 12.50 -13.43 34.72
CA SER Q 3 12.53 -14.00 33.39
C SER Q 3 13.96 -14.07 32.84
N ASN Q 4 14.16 -14.96 31.89
CA ASN Q 4 15.43 -15.04 31.19
C ASN Q 4 15.17 -14.86 29.68
N ALA Q 6 16.98 -14.74 25.55
CA ALA Q 6 17.85 -15.60 24.75
C ALA Q 6 19.30 -15.28 25.03
N PRO Q 7 20.16 -16.28 24.96
CA PRO Q 7 21.59 -16.03 25.20
C PRO Q 7 22.25 -15.31 24.03
N ARG R 1 47.06 -17.75 36.42
CA ARG R 1 47.98 -17.27 37.45
C ARG R 1 47.90 -18.17 38.68
N ILE R 2 49.04 -18.71 39.09
CA ILE R 2 49.04 -19.64 40.22
C ILE R 2 48.97 -18.91 41.55
N SER R 3 49.69 -17.79 41.68
CA SER R 3 49.80 -17.14 42.97
C SER R 3 48.62 -16.20 43.23
N ASN R 4 48.24 -16.09 44.49
CA ASN R 4 47.23 -15.15 44.93
C ASN R 4 47.83 -14.06 45.82
N ALA R 6 46.80 -10.23 48.21
CA ALA R 6 45.83 -9.79 49.22
C ALA R 6 44.58 -9.22 48.57
N PRO R 7 43.41 -9.51 49.16
CA PRO R 7 42.16 -8.91 48.68
C PRO R 7 42.20 -7.40 48.83
N ARG S 1 5.21 72.66 -32.72
CA ARG S 1 3.90 72.06 -32.94
C ARG S 1 3.01 72.26 -31.71
N ILE S 2 1.71 72.41 -31.95
CA ILE S 2 0.76 72.60 -30.86
C ILE S 2 -0.22 71.44 -30.74
N SER S 3 -0.47 70.69 -31.80
CA SER S 3 -1.52 69.67 -31.79
C SER S 3 -0.97 68.32 -31.32
N ASN S 4 -1.73 67.66 -30.47
CA ASN S 4 -1.44 66.29 -30.10
C ASN S 4 -2.13 65.31 -31.04
N ALA S 6 -2.84 60.75 -31.64
CA ALA S 6 -3.15 59.57 -30.83
C ALA S 6 -1.88 58.83 -30.40
N PRO S 7 -1.93 58.14 -29.26
CA PRO S 7 -0.80 57.29 -28.87
C PRO S 7 -0.65 56.09 -29.81
N ARG T 1 19.88 52.16 -10.71
CA ARG T 1 21.09 52.87 -10.27
C ARG T 1 20.72 54.07 -9.40
N ILE T 2 21.36 54.16 -8.23
CA ILE T 2 21.05 55.25 -7.31
C ILE T 2 22.03 56.42 -7.39
N SER T 3 23.22 56.22 -7.96
CA SER T 3 24.25 57.24 -7.93
C SER T 3 24.22 58.09 -9.18
N ASN T 4 24.58 59.37 -9.02
CA ASN T 4 24.72 60.27 -10.15
C ASN T 4 26.20 60.53 -10.45
N ALA T 6 29.08 62.95 -13.20
CA ALA T 6 29.24 64.30 -13.71
C ALA T 6 28.47 64.49 -15.01
N PRO T 7 27.98 65.72 -15.25
CA PRO T 7 27.35 66.03 -16.55
C PRO T 7 28.40 66.21 -17.65
#